data_6ZI3
#
_entry.id   6ZI3
#
_cell.length_a   247.379
_cell.length_b   111.149
_cell.length_c   159.144
_cell.angle_alpha   90.00
_cell.angle_beta   129.40
_cell.angle_gamma   90.00
#
_symmetry.space_group_name_H-M   'C 1 2 1'
#
loop_
_entity.id
_entity.type
_entity.pdbx_description
1 polymer 'Cytochrome P-450'
2 non-polymer 'PROTOPORPHYRIN IX CONTAINING FE'
3 non-polymer '6-DEOXYERYTHRONOLIDE B'
4 non-polymer alpha-L-rhamnopyranose
5 non-polymer 2-AMINO-2-HYDROXYMETHYL-PROPANE-1,3-DIOL
6 non-polymer 'FORMIC ACID'
7 non-polymer 'SODIUM ION'
8 non-polymer GLYCEROL
9 water water
#
_entity_poly.entity_id   1
_entity_poly.type   'polypeptide(L)'
_entity_poly.pdbx_seq_one_letter_code
;MTDTHTGPTPADAVPAYPFSLPHALDLDPHYAELRRDEPVSRVRLPYGEGTAWLVTRMSDARIVLGDSRFSTAAATDPAT
PRMFPTPPEPDGVLAQDPPDHTRLRRLVGKAFTARRVEEMRPRVRSLVDSLLDDMVAHGSPADLVEFLAVPFPVAVICEL
LGVPLEDRDLFRTFSDAMLSSTRLTAAEIQRVQQDFMVYMDGLVAQRRDAPTEDLLGALALATDNDDHLTKGEIVNMGVS
LLIAGHETSVNQITNLVHLLLTERKRYESLVADPALVPAAVEEMLRYTPLVSAGSFVRVATEDVELSTVTVRAGEPCVVH
FASANRDEEVFDHADELDFHRERNPHIAFGHGAHHCIGAQLGRLELQEALSALVRRFPTLDLAEPVAGLKWKQGMLIRGL
ERQIVSW
;
_entity_poly.pdbx_strand_id   A,B,C,D,E,F
#
# COMPACT_ATOMS: atom_id res chain seq x y z
N ALA A 11 -5.09 -75.34 46.00
CA ALA A 11 -5.95 -74.48 45.12
C ALA A 11 -6.75 -75.36 44.15
N ASP A 12 -7.51 -76.34 44.65
CA ASP A 12 -8.60 -77.03 43.90
C ASP A 12 -9.91 -76.25 44.11
N ALA A 13 -9.86 -74.93 44.24
CA ALA A 13 -11.05 -74.06 44.22
C ALA A 13 -11.13 -73.35 42.88
N VAL A 14 -10.18 -73.63 42.00
CA VAL A 14 -10.14 -73.00 40.65
CA VAL A 14 -10.20 -72.96 40.67
C VAL A 14 -11.00 -73.84 39.72
N PRO A 15 -11.84 -73.22 38.88
CA PRO A 15 -12.71 -74.02 38.03
C PRO A 15 -11.92 -74.79 36.96
N ALA A 16 -12.46 -75.96 36.63
CA ALA A 16 -12.18 -76.75 35.42
C ALA A 16 -12.43 -75.91 34.16
N TYR A 17 -11.51 -76.02 33.23
CA TYR A 17 -11.65 -75.46 31.88
C TYR A 17 -11.31 -76.59 30.94
N PRO A 18 -12.07 -76.86 29.88
CA PRO A 18 -13.25 -76.09 29.51
C PRO A 18 -14.34 -76.04 30.57
N PHE A 19 -15.18 -75.00 30.53
CA PHE A 19 -16.22 -74.72 31.54
C PHE A 19 -17.41 -75.65 31.27
N SER A 20 -17.55 -76.16 30.05
CA SER A 20 -18.69 -77.06 29.72
C SER A 20 -18.38 -77.78 28.41
N LEU A 21 -19.07 -78.91 28.21
CA LEU A 21 -19.27 -79.54 26.88
C LEU A 21 -19.83 -78.48 25.92
N PRO A 22 -19.34 -78.35 24.68
CA PRO A 22 -19.76 -77.22 23.85
C PRO A 22 -21.14 -77.46 23.24
N HIS A 23 -21.83 -76.36 22.93
CA HIS A 23 -23.11 -76.38 22.18
C HIS A 23 -22.92 -75.69 20.82
N ALA A 24 -22.96 -76.44 19.73
CA ALA A 24 -22.87 -75.89 18.36
C ALA A 24 -21.62 -74.99 18.33
N LEU A 25 -21.78 -73.74 17.97
CA LEU A 25 -20.68 -72.73 17.86
C LEU A 25 -20.91 -71.70 18.96
N ASP A 26 -21.66 -72.04 20.01
CA ASP A 26 -21.94 -71.10 21.14
C ASP A 26 -20.67 -70.83 21.92
N LEU A 27 -20.53 -69.58 22.38
CA LEU A 27 -19.52 -69.18 23.38
C LEU A 27 -20.18 -69.43 24.74
N ASP A 28 -19.53 -70.13 25.65
CA ASP A 28 -19.99 -70.12 27.06
C ASP A 28 -20.21 -68.65 27.46
N PRO A 29 -21.36 -68.33 28.11
CA PRO A 29 -21.65 -66.96 28.56
C PRO A 29 -20.65 -66.52 29.64
N HIS A 30 -19.98 -67.46 30.29
CA HIS A 30 -18.94 -67.12 31.29
C HIS A 30 -17.83 -66.24 30.67
N TYR A 31 -17.48 -66.42 29.40
CA TYR A 31 -16.39 -65.63 28.75
C TYR A 31 -16.69 -64.12 28.81
N ALA A 32 -17.92 -63.70 28.52
CA ALA A 32 -18.32 -62.27 28.60
C ALA A 32 -18.19 -61.74 30.03
N GLU A 33 -18.69 -62.48 31.02
CA GLU A 33 -18.51 -62.15 32.47
C GLU A 33 -17.01 -61.99 32.76
N LEU A 34 -16.19 -62.93 32.28
CA LEU A 34 -14.73 -62.85 32.52
C LEU A 34 -14.16 -61.57 31.89
N ARG A 35 -14.50 -61.22 30.64
CA ARG A 35 -13.94 -60.02 29.96
CA ARG A 35 -13.96 -60.01 29.94
C ARG A 35 -14.25 -58.75 30.75
N ARG A 36 -15.48 -58.62 31.27
CA ARG A 36 -15.91 -57.45 32.05
CA ARG A 36 -15.95 -57.47 32.08
C ARG A 36 -15.13 -57.37 33.37
N ASP A 37 -15.16 -58.45 34.17
CA ASP A 37 -14.91 -58.40 35.63
C ASP A 37 -13.62 -59.11 36.05
N GLU A 38 -13.17 -60.13 35.32
N GLU A 38 -13.15 -60.08 35.26
CA GLU A 38 -11.97 -60.93 35.70
CA GLU A 38 -12.12 -61.08 35.64
C GLU A 38 -11.37 -61.46 34.41
C GLU A 38 -11.32 -61.49 34.40
N PRO A 39 -10.77 -60.56 33.59
CA PRO A 39 -10.29 -60.93 32.26
C PRO A 39 -9.08 -61.86 32.26
N VAL A 40 -8.31 -61.91 33.35
CA VAL A 40 -7.26 -62.94 33.55
C VAL A 40 -7.59 -63.74 34.81
N SER A 41 -7.87 -65.04 34.69
CA SER A 41 -8.38 -65.87 35.80
C SER A 41 -7.72 -67.25 35.78
N ARG A 42 -7.58 -67.86 36.95
CA ARG A 42 -6.94 -69.17 37.13
C ARG A 42 -7.98 -70.22 36.78
N VAL A 43 -7.54 -71.22 36.05
CA VAL A 43 -8.30 -72.42 35.63
C VAL A 43 -7.41 -73.63 35.85
N ARG A 44 -8.05 -74.78 35.88
CA ARG A 44 -7.39 -76.10 35.86
CA ARG A 44 -7.38 -76.10 35.85
C ARG A 44 -7.69 -76.71 34.48
N LEU A 45 -6.66 -76.93 33.69
CA LEU A 45 -6.83 -77.51 32.33
CA LEU A 45 -6.79 -77.52 32.33
C LEU A 45 -7.03 -79.02 32.50
N PRO A 46 -7.57 -79.73 31.50
CA PRO A 46 -7.86 -81.16 31.70
C PRO A 46 -6.62 -82.04 31.82
N TYR A 47 -5.44 -81.61 31.39
CA TYR A 47 -4.24 -82.47 31.54
C TYR A 47 -3.07 -81.61 32.02
N GLY A 48 -1.96 -82.26 32.30
CA GLY A 48 -0.78 -81.74 33.01
C GLY A 48 -1.15 -81.50 34.44
N GLU A 49 -0.37 -80.72 35.18
CA GLU A 49 -0.61 -80.43 36.61
C GLU A 49 -0.58 -78.94 36.92
N GLY A 50 -1.29 -78.55 37.97
CA GLY A 50 -1.29 -77.17 38.48
C GLY A 50 -2.38 -76.37 37.81
N THR A 51 -2.16 -75.06 37.76
CA THR A 51 -3.17 -74.10 37.26
CA THR A 51 -3.16 -74.07 37.29
C THR A 51 -2.57 -73.29 36.11
N ALA A 52 -3.43 -72.65 35.33
CA ALA A 52 -3.07 -71.77 34.21
C ALA A 52 -3.92 -70.49 34.32
N TRP A 53 -3.38 -69.37 33.90
CA TRP A 53 -4.17 -68.14 33.64
C TRP A 53 -4.91 -68.28 32.32
N LEU A 54 -6.22 -68.05 32.34
CA LEU A 54 -7.04 -68.01 31.12
C LEU A 54 -7.13 -66.55 30.72
N VAL A 55 -6.82 -66.24 29.47
CA VAL A 55 -6.78 -64.85 28.92
C VAL A 55 -7.95 -64.74 27.95
N THR A 56 -8.87 -63.81 28.21
CA THR A 56 -10.18 -63.71 27.53
C THR A 56 -10.31 -62.44 26.69
N ARG A 57 -9.46 -61.42 26.93
CA ARG A 57 -9.48 -60.13 26.17
C ARG A 57 -8.40 -60.06 25.08
N MET A 58 -8.65 -59.22 24.08
CA MET A 58 -7.76 -59.04 22.92
C MET A 58 -6.40 -58.48 23.35
N SER A 59 -6.33 -57.42 24.12
CA SER A 59 -5.02 -56.77 24.41
C SER A 59 -4.10 -57.78 25.11
N ASP A 60 -4.61 -58.49 26.10
CA ASP A 60 -3.86 -59.52 26.86
C ASP A 60 -3.50 -60.67 25.90
N ALA A 61 -4.40 -61.10 25.03
CA ALA A 61 -4.09 -62.20 24.09
C ALA A 61 -2.91 -61.79 23.22
N ARG A 62 -2.81 -60.51 22.82
CA ARG A 62 -1.74 -60.09 21.88
C ARG A 62 -0.43 -60.10 22.65
N ILE A 63 -0.45 -59.86 23.95
CA ILE A 63 0.81 -59.92 24.75
CA ILE A 63 0.81 -59.93 24.74
C ILE A 63 1.20 -61.40 24.90
N VAL A 64 0.32 -62.25 25.39
CA VAL A 64 0.65 -63.69 25.58
C VAL A 64 1.12 -64.32 24.25
N LEU A 65 0.47 -63.99 23.14
CA LEU A 65 0.83 -64.61 21.86
C LEU A 65 2.05 -63.91 21.23
N GLY A 66 2.33 -62.70 21.65
CA GLY A 66 3.19 -61.81 20.84
C GLY A 66 4.51 -61.46 21.49
N ASP A 67 4.95 -62.06 22.57
CA ASP A 67 6.08 -61.52 23.38
C ASP A 67 7.11 -62.63 23.64
N SER A 68 8.42 -62.39 23.47
CA SER A 68 9.50 -63.39 23.75
C SER A 68 9.52 -63.80 25.22
N ARG A 69 8.84 -63.07 26.09
CA ARG A 69 8.84 -63.44 27.51
C ARG A 69 7.81 -64.56 27.73
N PHE A 70 7.03 -64.92 26.71
CA PHE A 70 6.18 -66.12 26.74
C PHE A 70 6.78 -67.16 25.84
N SER A 71 6.97 -68.40 26.36
CA SER A 71 7.63 -69.51 25.63
C SER A 71 6.63 -70.64 25.45
N THR A 72 6.51 -71.17 24.25
CA THR A 72 5.80 -72.44 23.99
C THR A 72 6.74 -73.63 24.24
N ALA A 73 8.06 -73.47 24.00
CA ALA A 73 9.06 -74.53 24.19
C ALA A 73 8.94 -75.04 25.61
N ALA A 74 8.82 -74.11 26.55
CA ALA A 74 8.79 -74.40 27.99
C ALA A 74 7.53 -75.20 28.32
N ALA A 75 6.54 -75.26 27.42
CA ALA A 75 5.26 -75.93 27.75
C ALA A 75 5.32 -77.42 27.43
N THR A 76 6.46 -77.94 26.96
CA THR A 76 6.59 -79.36 26.55
C THR A 76 6.75 -80.27 27.77
N ASP A 77 7.06 -79.68 28.93
CA ASP A 77 7.11 -80.36 30.24
C ASP A 77 5.77 -81.06 30.43
N PRO A 78 5.78 -82.41 30.62
CA PRO A 78 4.56 -83.16 30.82
C PRO A 78 3.72 -82.66 32.01
N ALA A 79 4.31 -82.01 32.98
CA ALA A 79 3.57 -81.46 34.14
C ALA A 79 2.92 -80.12 33.78
N THR A 80 3.27 -79.50 32.65
CA THR A 80 2.64 -78.19 32.30
C THR A 80 1.17 -78.43 31.96
N PRO A 81 0.22 -77.59 32.45
CA PRO A 81 -1.17 -77.66 32.00
C PRO A 81 -1.24 -77.68 30.46
N ARG A 82 -2.21 -78.39 29.93
CA ARG A 82 -2.45 -78.46 28.48
C ARG A 82 -3.90 -78.88 28.25
N MET A 83 -4.46 -78.62 27.05
CA MET A 83 -5.86 -78.90 26.67
C MET A 83 -6.01 -80.35 26.15
N PHE A 84 -4.91 -81.07 25.92
CA PHE A 84 -4.93 -82.34 25.13
C PHE A 84 -4.17 -83.42 25.87
N PRO A 85 -4.51 -84.71 25.67
CA PRO A 85 -4.03 -85.77 26.56
C PRO A 85 -2.53 -85.96 26.56
N THR A 86 -1.86 -85.92 25.40
CA THR A 86 -0.42 -86.29 25.33
C THR A 86 0.45 -85.07 25.60
N PRO A 87 1.61 -85.23 26.30
CA PRO A 87 2.54 -84.11 26.49
C PRO A 87 2.93 -83.56 25.14
N PRO A 88 3.13 -82.23 24.94
CA PRO A 88 3.47 -81.70 23.64
C PRO A 88 4.74 -82.32 23.05
N GLU A 89 4.74 -82.58 21.74
CA GLU A 89 5.94 -83.05 21.01
C GLU A 89 6.92 -81.88 20.89
N PRO A 90 8.12 -81.97 21.51
CA PRO A 90 9.13 -80.92 21.46
C PRO A 90 9.63 -80.49 20.07
N ASP A 91 9.51 -81.37 19.08
CA ASP A 91 9.92 -81.08 17.69
C ASP A 91 8.78 -80.40 16.92
N GLY A 92 7.61 -80.30 17.52
CA GLY A 92 6.42 -79.67 16.93
C GLY A 92 6.67 -78.18 16.69
N VAL A 93 6.21 -77.65 15.56
CA VAL A 93 6.39 -76.20 15.22
C VAL A 93 5.79 -75.34 16.35
N LEU A 94 4.63 -75.73 16.90
CA LEU A 94 3.98 -74.92 17.99
C LEU A 94 4.86 -74.84 19.24
N ALA A 95 5.68 -75.84 19.49
CA ALA A 95 6.54 -75.93 20.70
C ALA A 95 7.92 -75.34 20.44
N GLN A 96 8.14 -74.67 19.31
CA GLN A 96 9.43 -73.95 19.04
C GLN A 96 9.30 -72.45 19.37
N ASP A 97 10.37 -71.87 19.90
CA ASP A 97 10.48 -70.43 20.17
C ASP A 97 11.44 -69.85 19.13
N PRO A 98 11.26 -68.57 18.76
CA PRO A 98 12.26 -67.86 17.94
C PRO A 98 13.57 -67.70 18.71
N PRO A 99 14.74 -67.64 18.04
CA PRO A 99 14.84 -67.71 16.56
C PRO A 99 14.73 -69.08 15.87
N ASP A 100 14.83 -70.17 16.65
CA ASP A 100 14.76 -71.54 16.07
C ASP A 100 13.45 -71.73 15.36
N HIS A 101 12.33 -71.24 15.92
N HIS A 101 12.33 -71.23 15.93
CA HIS A 101 10.98 -71.27 15.29
CA HIS A 101 11.00 -71.27 15.29
C HIS A 101 11.04 -70.56 13.93
C HIS A 101 11.05 -70.57 13.93
N THR A 102 11.72 -69.41 13.84
CA THR A 102 11.78 -68.62 12.59
C THR A 102 12.48 -69.48 11.54
N ARG A 103 13.59 -70.10 11.90
CA ARG A 103 14.38 -70.96 10.96
C ARG A 103 13.48 -72.09 10.48
N LEU A 104 12.72 -72.69 11.39
CA LEU A 104 11.85 -73.85 11.06
C LEU A 104 10.73 -73.43 10.13
N ARG A 105 10.14 -72.25 10.35
CA ARG A 105 9.05 -71.76 9.47
C ARG A 105 9.56 -71.44 8.06
N ARG A 106 10.81 -71.01 7.90
CA ARG A 106 11.34 -70.61 6.58
CA ARG A 106 11.38 -70.61 6.58
C ARG A 106 11.54 -71.87 5.72
N LEU A 107 11.67 -73.05 6.34
CA LEU A 107 11.71 -74.31 5.55
CA LEU A 107 11.66 -74.34 5.61
C LEU A 107 10.58 -74.32 4.52
N VAL A 108 9.40 -73.80 4.84
CA VAL A 108 8.17 -73.98 4.01
C VAL A 108 7.46 -72.66 3.74
N GLY A 109 7.81 -71.59 4.45
CA GLY A 109 7.05 -70.33 4.44
C GLY A 109 6.86 -69.76 3.05
N LYS A 110 7.79 -69.96 2.12
CA LYS A 110 7.63 -69.32 0.78
CA LYS A 110 7.70 -69.43 0.72
C LYS A 110 6.38 -69.87 0.07
N ALA A 111 5.99 -71.13 0.26
CA ALA A 111 4.76 -71.68 -0.37
C ALA A 111 3.48 -71.01 0.15
N PHE A 112 3.52 -70.32 1.30
CA PHE A 112 2.32 -69.90 2.07
CA PHE A 112 2.30 -69.91 2.03
C PHE A 112 2.15 -68.38 2.04
N THR A 113 3.09 -67.63 1.44
CA THR A 113 2.95 -66.16 1.28
C THR A 113 1.67 -65.85 0.52
N ALA A 114 1.13 -64.67 0.78
CA ALA A 114 -0.14 -64.26 0.15
C ALA A 114 -0.04 -64.30 -1.39
N ARG A 115 1.13 -63.94 -1.92
N ARG A 115 1.11 -63.94 -1.96
CA ARG A 115 1.43 -63.86 -3.38
CA ARG A 115 1.28 -63.89 -3.44
C ARG A 115 1.36 -65.26 -3.98
C ARG A 115 1.33 -65.30 -4.02
N ARG A 116 2.04 -66.24 -3.38
CA ARG A 116 2.05 -67.65 -3.86
CA ARG A 116 2.05 -67.67 -3.83
C ARG A 116 0.64 -68.24 -3.70
N VAL A 117 -0.02 -68.00 -2.57
CA VAL A 117 -1.41 -68.52 -2.40
C VAL A 117 -2.31 -67.93 -3.49
N GLU A 118 -2.21 -66.64 -3.77
CA GLU A 118 -3.07 -66.02 -4.79
C GLU A 118 -2.89 -66.80 -6.10
N GLU A 119 -1.69 -67.31 -6.40
CA GLU A 119 -1.38 -68.00 -7.68
C GLU A 119 -2.12 -69.33 -7.77
N MET A 120 -2.63 -69.84 -6.65
CA MET A 120 -3.38 -71.13 -6.63
CA MET A 120 -3.39 -71.12 -6.57
C MET A 120 -4.86 -70.89 -6.95
N ARG A 121 -5.34 -69.64 -6.92
CA ARG A 121 -6.79 -69.39 -7.07
C ARG A 121 -7.37 -70.14 -8.29
N PRO A 122 -6.76 -70.10 -9.50
CA PRO A 122 -7.32 -70.81 -10.66
C PRO A 122 -7.53 -72.32 -10.44
N ARG A 123 -6.46 -73.10 -10.21
CA ARG A 123 -6.53 -74.51 -9.74
C ARG A 123 -7.67 -74.68 -8.72
N VAL A 124 -7.76 -73.78 -7.73
CA VAL A 124 -8.60 -74.02 -6.51
C VAL A 124 -10.06 -73.84 -6.92
N ARG A 125 -10.35 -72.83 -7.74
CA ARG A 125 -11.73 -72.57 -8.25
C ARG A 125 -12.18 -73.73 -9.18
N SER A 126 -11.25 -74.32 -9.93
CA SER A 126 -11.55 -75.44 -10.85
CA SER A 126 -11.53 -75.45 -10.85
C SER A 126 -12.00 -76.65 -10.02
N LEU A 127 -11.25 -76.95 -8.96
CA LEU A 127 -11.51 -78.07 -8.03
CA LEU A 127 -11.53 -78.10 -8.06
C LEU A 127 -12.90 -77.88 -7.41
N VAL A 128 -13.18 -76.68 -6.94
CA VAL A 128 -14.49 -76.38 -6.31
C VAL A 128 -15.60 -76.62 -7.35
N ASP A 129 -15.39 -76.15 -8.58
CA ASP A 129 -16.44 -76.18 -9.64
C ASP A 129 -16.81 -77.65 -9.91
N SER A 130 -15.80 -78.47 -10.18
CA SER A 130 -15.89 -79.93 -10.42
C SER A 130 -16.68 -80.61 -9.29
N LEU A 131 -16.33 -80.33 -8.02
CA LEU A 131 -16.95 -80.99 -6.86
C LEU A 131 -18.43 -80.56 -6.78
N LEU A 132 -18.74 -79.30 -7.06
CA LEU A 132 -20.17 -78.89 -7.02
C LEU A 132 -20.92 -79.54 -8.22
N ASP A 133 -20.23 -79.83 -9.33
CA ASP A 133 -20.80 -80.53 -10.51
C ASP A 133 -21.26 -81.92 -10.04
N ASP A 134 -20.37 -82.61 -9.33
CA ASP A 134 -20.65 -83.96 -8.79
C ASP A 134 -21.86 -83.86 -7.85
N MET A 135 -21.92 -82.84 -7.00
CA MET A 135 -23.06 -82.73 -6.05
CA MET A 135 -23.06 -82.71 -6.05
C MET A 135 -24.35 -82.53 -6.87
N VAL A 136 -24.29 -81.72 -7.91
CA VAL A 136 -25.45 -81.45 -8.82
C VAL A 136 -25.88 -82.75 -9.49
N ALA A 137 -24.91 -83.52 -10.01
CA ALA A 137 -25.14 -84.84 -10.63
C ALA A 137 -25.91 -85.70 -9.64
N HIS A 138 -25.54 -85.70 -8.37
CA HIS A 138 -26.21 -86.54 -7.34
C HIS A 138 -27.63 -86.02 -7.07
N GLY A 139 -27.88 -84.71 -7.19
CA GLY A 139 -29.19 -84.08 -6.94
C GLY A 139 -29.45 -83.80 -5.48
N SER A 140 -30.45 -82.95 -5.22
CA SER A 140 -30.88 -82.46 -3.89
C SER A 140 -31.84 -83.44 -3.24
N PRO A 141 -31.82 -83.66 -1.91
CA PRO A 141 -30.80 -83.08 -1.03
C PRO A 141 -29.49 -83.89 -1.03
N ALA A 142 -28.37 -83.26 -0.65
CA ALA A 142 -27.06 -83.93 -0.53
C ALA A 142 -26.32 -83.39 0.70
N ASP A 143 -25.36 -84.19 1.12
CA ASP A 143 -24.51 -83.93 2.30
C ASP A 143 -23.32 -83.09 1.82
N LEU A 144 -23.27 -81.82 2.22
CA LEU A 144 -22.23 -80.84 1.77
C LEU A 144 -20.87 -81.31 2.27
N VAL A 145 -20.86 -82.05 3.38
CA VAL A 145 -19.57 -82.53 3.93
C VAL A 145 -18.97 -83.51 2.94
N GLU A 146 -19.78 -84.45 2.42
CA GLU A 146 -19.30 -85.53 1.53
CA GLU A 146 -19.30 -85.53 1.53
C GLU A 146 -18.81 -84.94 0.21
N PHE A 147 -19.54 -83.98 -0.35
CA PHE A 147 -19.31 -83.49 -1.75
C PHE A 147 -18.38 -82.28 -1.77
N LEU A 148 -18.35 -81.45 -0.72
CA LEU A 148 -17.51 -80.21 -0.70
C LEU A 148 -16.51 -80.20 0.44
N ALA A 149 -16.97 -80.18 1.68
CA ALA A 149 -16.18 -79.68 2.82
C ALA A 149 -14.98 -80.58 3.08
N VAL A 150 -15.11 -81.89 2.84
CA VAL A 150 -14.01 -82.87 2.98
C VAL A 150 -13.12 -82.91 1.74
N PRO A 151 -13.63 -83.26 0.53
CA PRO A 151 -12.75 -83.50 -0.62
C PRO A 151 -11.97 -82.26 -1.10
N PHE A 152 -12.54 -81.08 -0.93
CA PHE A 152 -11.93 -79.83 -1.48
C PHE A 152 -10.60 -79.52 -0.76
N PRO A 153 -10.57 -79.26 0.57
CA PRO A 153 -9.32 -78.96 1.25
C PRO A 153 -8.34 -80.12 1.19
N VAL A 154 -8.84 -81.37 1.22
CA VAL A 154 -8.00 -82.59 1.13
C VAL A 154 -7.25 -82.60 -0.22
N ALA A 155 -7.97 -82.39 -1.32
CA ALA A 155 -7.33 -82.31 -2.66
C ALA A 155 -6.26 -81.21 -2.63
N VAL A 156 -6.57 -80.04 -2.09
CA VAL A 156 -5.61 -78.89 -2.15
C VAL A 156 -4.35 -79.24 -1.34
N ILE A 157 -4.50 -79.80 -0.14
CA ILE A 157 -3.30 -79.99 0.72
C ILE A 157 -2.49 -81.15 0.15
N CYS A 158 -3.12 -82.18 -0.42
CA CYS A 158 -2.42 -83.31 -1.09
C CYS A 158 -1.59 -82.79 -2.27
N GLU A 159 -2.18 -81.93 -3.09
CA GLU A 159 -1.40 -81.39 -4.23
C GLU A 159 -0.27 -80.51 -3.72
N LEU A 160 -0.47 -79.68 -2.69
CA LEU A 160 0.59 -78.71 -2.26
CA LEU A 160 0.58 -78.71 -2.25
C LEU A 160 1.73 -79.49 -1.60
N LEU A 161 1.44 -80.44 -0.71
CA LEU A 161 2.53 -81.22 -0.04
C LEU A 161 3.11 -82.30 -0.96
N GLY A 162 2.27 -82.92 -1.82
CA GLY A 162 2.62 -84.13 -2.61
C GLY A 162 2.32 -85.42 -1.85
N VAL A 163 1.24 -85.44 -1.09
CA VAL A 163 0.67 -86.62 -0.40
C VAL A 163 -0.30 -87.27 -1.38
N PRO A 164 -0.23 -88.59 -1.63
CA PRO A 164 -1.17 -89.24 -2.53
C PRO A 164 -2.62 -89.13 -2.02
N LEU A 165 -3.54 -88.76 -2.92
CA LEU A 165 -4.99 -88.65 -2.57
CA LEU A 165 -5.01 -88.68 -2.65
C LEU A 165 -5.53 -90.00 -2.07
N GLU A 166 -4.95 -91.13 -2.50
CA GLU A 166 -5.39 -92.50 -2.11
CA GLU A 166 -5.40 -92.49 -2.11
C GLU A 166 -5.16 -92.72 -0.61
N ASP A 167 -4.39 -91.86 0.05
CA ASP A 167 -4.06 -92.01 1.49
C ASP A 167 -5.08 -91.23 2.34
N ARG A 168 -6.09 -90.62 1.71
CA ARG A 168 -7.08 -89.72 2.36
CA ARG A 168 -7.03 -89.69 2.39
C ARG A 168 -7.56 -90.33 3.68
N ASP A 169 -8.10 -91.55 3.60
CA ASP A 169 -8.75 -92.21 4.77
C ASP A 169 -7.71 -92.44 5.87
N LEU A 170 -6.50 -92.79 5.47
CA LEU A 170 -5.37 -93.08 6.38
C LEU A 170 -4.96 -91.79 7.11
N PHE A 171 -4.71 -90.71 6.41
CA PHE A 171 -4.21 -89.50 7.15
C PHE A 171 -5.37 -88.75 7.83
N ARG A 172 -6.60 -88.82 7.31
CA ARG A 172 -7.74 -88.22 8.03
C ARG A 172 -7.98 -88.90 9.38
N THR A 173 -7.93 -90.25 9.44
CA THR A 173 -8.01 -91.03 10.71
C THR A 173 -6.89 -90.58 11.66
N PHE A 174 -5.62 -90.55 11.21
CA PHE A 174 -4.51 -90.11 12.09
C PHE A 174 -4.79 -88.69 12.57
N SER A 175 -5.22 -87.82 11.65
CA SER A 175 -5.38 -86.39 11.96
C SER A 175 -6.53 -86.21 12.96
N ASP A 176 -7.65 -86.92 12.81
CA ASP A 176 -8.76 -86.74 13.78
C ASP A 176 -8.30 -87.13 15.19
N ALA A 177 -7.47 -88.17 15.30
CA ALA A 177 -6.93 -88.69 16.58
C ALA A 177 -6.04 -87.63 17.21
N MET A 178 -5.15 -87.01 16.42
CA MET A 178 -4.20 -86.05 17.01
CA MET A 178 -4.18 -85.99 16.86
C MET A 178 -4.93 -84.77 17.41
N LEU A 179 -6.15 -84.55 16.92
CA LEU A 179 -6.97 -83.40 17.38
C LEU A 179 -7.91 -83.79 18.52
N SER A 180 -7.77 -84.99 19.12
CA SER A 180 -8.59 -85.39 20.30
C SER A 180 -8.39 -84.42 21.46
N SER A 181 -9.48 -84.06 22.13
CA SER A 181 -9.46 -83.49 23.51
C SER A 181 -9.83 -84.58 24.52
N THR A 182 -11.01 -85.18 24.42
CA THR A 182 -11.48 -86.27 25.34
C THR A 182 -11.84 -87.56 24.58
N ARG A 183 -12.06 -87.50 23.26
CA ARG A 183 -12.52 -88.69 22.51
CA ARG A 183 -12.38 -88.62 22.33
C ARG A 183 -11.51 -89.84 22.68
N LEU A 184 -10.19 -89.62 22.77
CA LEU A 184 -9.19 -90.73 22.88
C LEU A 184 -8.33 -90.50 24.13
N THR A 185 -7.70 -91.57 24.62
CA THR A 185 -6.73 -91.56 25.74
C THR A 185 -5.33 -91.20 25.22
N ALA A 186 -4.45 -90.74 26.10
CA ALA A 186 -3.04 -90.41 25.76
C ALA A 186 -2.37 -91.59 25.03
N ALA A 187 -2.55 -92.83 25.48
CA ALA A 187 -1.83 -93.96 24.86
C ALA A 187 -2.33 -94.17 23.43
N GLU A 188 -3.65 -94.07 23.15
CA GLU A 188 -4.17 -94.19 21.75
C GLU A 188 -3.58 -93.06 20.89
N ILE A 189 -3.44 -91.88 21.43
CA ILE A 189 -2.97 -90.72 20.61
C ILE A 189 -1.46 -90.89 20.40
N GLN A 190 -0.70 -91.20 21.45
CA GLN A 190 0.78 -91.40 21.34
CA GLN A 190 0.77 -91.44 21.36
C GLN A 190 1.04 -92.45 20.24
N ARG A 191 0.23 -93.52 20.17
CA ARG A 191 0.38 -94.57 19.14
C ARG A 191 0.17 -93.96 17.75
N VAL A 192 -0.95 -93.29 17.54
CA VAL A 192 -1.22 -92.58 16.25
C VAL A 192 -0.08 -91.60 15.92
N GLN A 193 0.46 -90.85 16.89
CA GLN A 193 1.55 -89.87 16.64
CA GLN A 193 1.55 -89.87 16.64
C GLN A 193 2.73 -90.62 16.00
N GLN A 194 3.13 -91.74 16.61
CA GLN A 194 4.27 -92.57 16.12
CA GLN A 194 4.26 -92.58 16.11
C GLN A 194 3.97 -93.05 14.69
N ASP A 195 2.77 -93.61 14.47
N ASP A 195 2.80 -93.63 14.44
CA ASP A 195 2.32 -94.09 13.13
CA ASP A 195 2.42 -94.08 13.08
C ASP A 195 2.43 -92.94 12.11
C ASP A 195 2.56 -92.90 12.13
N PHE A 196 1.90 -91.76 12.42
CA PHE A 196 1.86 -90.60 11.50
C PHE A 196 3.32 -90.17 11.18
N MET A 197 4.16 -90.16 12.19
CA MET A 197 5.58 -89.72 12.12
CA MET A 197 5.56 -89.70 12.05
C MET A 197 6.30 -90.68 11.16
N VAL A 198 6.02 -91.98 11.29
CA VAL A 198 6.66 -93.07 10.51
C VAL A 198 6.15 -93.04 9.07
N TYR A 199 4.86 -92.76 8.86
CA TYR A 199 4.26 -92.58 7.52
C TYR A 199 4.89 -91.35 6.86
N MET A 200 4.94 -90.22 7.54
CA MET A 200 5.41 -88.96 6.93
C MET A 200 6.91 -89.12 6.61
N ASP A 201 7.65 -89.72 7.54
CA ASP A 201 9.09 -90.01 7.38
C ASP A 201 9.28 -90.85 6.11
N GLY A 202 8.39 -91.82 5.87
CA GLY A 202 8.43 -92.67 4.67
C GLY A 202 8.17 -91.88 3.41
N LEU A 203 7.16 -91.02 3.38
CA LEU A 203 6.86 -90.22 2.16
C LEU A 203 8.07 -89.31 1.85
N VAL A 204 8.67 -88.71 2.89
CA VAL A 204 9.82 -87.77 2.72
C VAL A 204 11.02 -88.60 2.21
N ALA A 205 11.27 -89.80 2.76
CA ALA A 205 12.34 -90.72 2.32
C ALA A 205 12.20 -91.08 0.84
N GLN A 206 10.99 -91.20 0.31
CA GLN A 206 10.73 -91.53 -1.12
CA GLN A 206 10.82 -91.58 -1.11
C GLN A 206 11.46 -90.52 -2.02
N ARG A 207 11.79 -89.34 -1.49
CA ARG A 207 12.44 -88.24 -2.28
C ARG A 207 13.97 -88.33 -2.23
N ARG A 208 14.53 -89.40 -1.62
CA ARG A 208 16.00 -89.59 -1.46
C ARG A 208 16.70 -89.41 -2.81
N ASP A 209 16.42 -90.29 -3.78
CA ASP A 209 17.05 -90.23 -5.13
C ASP A 209 15.99 -89.79 -6.16
N ALA A 210 15.00 -88.99 -5.75
CA ALA A 210 13.81 -88.65 -6.58
C ALA A 210 13.09 -87.41 -6.06
N PRO A 211 13.77 -86.24 -5.89
CA PRO A 211 13.11 -85.06 -5.33
C PRO A 211 11.93 -84.67 -6.23
N THR A 212 10.91 -84.02 -5.65
CA THR A 212 9.63 -83.61 -6.29
C THR A 212 9.48 -82.09 -6.16
N GLU A 213 8.61 -81.48 -6.97
CA GLU A 213 8.35 -80.01 -6.93
CA GLU A 213 8.35 -80.01 -6.95
C GLU A 213 7.10 -79.75 -6.07
N ASP A 214 7.25 -79.97 -4.77
CA ASP A 214 6.16 -79.87 -3.76
C ASP A 214 6.82 -79.71 -2.40
N LEU A 215 6.05 -79.51 -1.32
CA LEU A 215 6.64 -79.13 -0.02
CA LEU A 215 6.64 -79.13 -0.02
C LEU A 215 7.38 -80.33 0.59
N LEU A 216 6.90 -81.56 0.33
CA LEU A 216 7.62 -82.77 0.81
C LEU A 216 8.98 -82.80 0.11
N GLY A 217 9.03 -82.43 -1.18
CA GLY A 217 10.29 -82.22 -1.92
C GLY A 217 11.22 -81.29 -1.16
N ALA A 218 10.72 -80.12 -0.77
CA ALA A 218 11.48 -79.13 0.02
C ALA A 218 11.88 -79.78 1.35
N LEU A 219 11.00 -80.57 1.97
CA LEU A 219 11.34 -81.13 3.31
C LEU A 219 12.48 -82.15 3.14
N ALA A 220 12.49 -82.90 2.05
CA ALA A 220 13.50 -83.96 1.79
C ALA A 220 14.86 -83.31 1.50
N LEU A 221 14.89 -82.23 0.71
CA LEU A 221 16.15 -81.43 0.49
C LEU A 221 16.69 -80.92 1.82
N ALA A 222 15.83 -80.41 2.71
CA ALA A 222 16.28 -79.88 4.01
C ALA A 222 16.88 -81.00 4.88
N THR A 223 16.40 -82.23 4.71
CA THR A 223 16.91 -83.42 5.44
C THR A 223 18.34 -83.69 4.98
N ASP A 224 18.60 -83.48 3.67
CA ASP A 224 19.90 -83.77 2.99
CA ASP A 224 19.90 -83.78 2.98
C ASP A 224 20.91 -82.65 3.27
N ASN A 225 20.53 -81.37 3.06
CA ASN A 225 21.41 -80.16 2.96
CA ASN A 225 21.56 -80.28 3.05
C ASN A 225 21.39 -79.30 4.23
N ASP A 226 20.24 -79.25 4.93
CA ASP A 226 20.02 -78.26 6.02
C ASP A 226 20.88 -78.63 7.23
N ASP A 227 21.30 -77.62 8.01
CA ASP A 227 22.42 -77.68 8.99
CA ASP A 227 22.38 -77.82 9.02
C ASP A 227 21.92 -77.44 10.43
N HIS A 228 20.88 -76.64 10.62
CA HIS A 228 20.42 -76.31 12.00
C HIS A 228 19.11 -77.05 12.37
N LEU A 229 18.48 -77.76 11.44
CA LEU A 229 17.16 -78.41 11.69
C LEU A 229 17.29 -79.92 11.66
N THR A 230 16.82 -80.60 12.71
CA THR A 230 16.78 -82.09 12.82
C THR A 230 15.75 -82.70 11.86
N LYS A 231 15.99 -83.96 11.54
CA LYS A 231 15.08 -84.83 10.75
CA LYS A 231 15.08 -84.84 10.76
C LYS A 231 13.69 -84.79 11.40
N GLY A 232 13.63 -84.86 12.73
CA GLY A 232 12.42 -84.89 13.54
C GLY A 232 11.56 -83.65 13.35
N GLU A 233 12.15 -82.48 13.61
CA GLU A 233 11.55 -81.15 13.34
C GLU A 233 11.05 -81.12 11.88
N ILE A 234 11.87 -81.52 10.91
CA ILE A 234 11.47 -81.42 9.47
C ILE A 234 10.28 -82.35 9.18
N VAL A 235 10.33 -83.60 9.61
CA VAL A 235 9.26 -84.58 9.29
C VAL A 235 7.99 -84.08 9.99
N ASN A 236 8.14 -83.65 11.25
CA ASN A 236 7.01 -83.16 12.06
C ASN A 236 6.33 -81.98 11.38
N MET A 237 7.08 -81.10 10.70
CA MET A 237 6.47 -80.00 9.92
CA MET A 237 6.45 -80.00 9.94
C MET A 237 5.51 -80.60 8.88
N GLY A 238 5.92 -81.67 8.18
CA GLY A 238 5.07 -82.39 7.21
C GLY A 238 3.77 -82.85 7.86
N VAL A 239 3.86 -83.40 9.07
CA VAL A 239 2.65 -83.84 9.85
C VAL A 239 1.78 -82.62 10.14
N SER A 240 2.29 -81.56 10.78
CA SER A 240 1.54 -80.34 11.11
C SER A 240 0.82 -79.82 9.87
N LEU A 241 1.49 -79.73 8.73
CA LEU A 241 0.89 -79.09 7.54
C LEU A 241 -0.23 -79.96 7.02
N LEU A 242 -0.03 -81.29 7.05
CA LEU A 242 -1.04 -82.24 6.51
C LEU A 242 -2.24 -82.25 7.46
N ILE A 243 -2.01 -82.13 8.77
CA ILE A 243 -3.16 -82.04 9.73
C ILE A 243 -3.93 -80.74 9.50
N ALA A 244 -3.22 -79.62 9.62
CA ALA A 244 -3.85 -78.28 9.66
C ALA A 244 -4.51 -78.04 8.33
N GLY A 245 -3.83 -78.49 7.28
CA GLY A 245 -4.12 -78.13 5.89
C GLY A 245 -5.48 -78.61 5.47
N HIS A 246 -6.02 -79.62 6.15
CA HIS A 246 -7.40 -80.12 5.87
C HIS A 246 -8.29 -79.92 7.07
N GLU A 247 -7.81 -80.12 8.32
CA GLU A 247 -8.72 -80.16 9.49
C GLU A 247 -9.38 -78.80 9.70
N THR A 248 -8.63 -77.71 9.50
CA THR A 248 -9.16 -76.34 9.71
C THR A 248 -10.28 -76.11 8.68
N SER A 249 -9.93 -76.17 7.40
CA SER A 249 -10.82 -75.77 6.28
C SER A 249 -12.06 -76.66 6.22
N VAL A 250 -11.90 -77.96 6.43
CA VAL A 250 -13.03 -78.94 6.33
CA VAL A 250 -13.05 -78.90 6.30
C VAL A 250 -14.09 -78.49 7.34
N ASN A 251 -13.66 -78.22 8.58
CA ASN A 251 -14.53 -77.80 9.69
C ASN A 251 -15.06 -76.38 9.43
N GLN A 252 -14.20 -75.43 8.98
CA GLN A 252 -14.60 -74.02 8.81
C GLN A 252 -15.63 -73.88 7.70
N ILE A 253 -15.54 -74.68 6.65
CA ILE A 253 -16.60 -74.66 5.61
C ILE A 253 -17.95 -75.02 6.25
N THR A 254 -18.02 -76.07 7.08
CA THR A 254 -19.30 -76.53 7.69
C THR A 254 -19.75 -75.43 8.63
N ASN A 255 -18.81 -74.80 9.35
CA ASN A 255 -19.14 -73.80 10.40
C ASN A 255 -19.74 -72.57 9.72
N LEU A 256 -19.07 -72.09 8.67
CA LEU A 256 -19.51 -70.80 8.05
CA LEU A 256 -19.48 -70.84 7.97
C LEU A 256 -20.85 -71.07 7.33
N VAL A 257 -21.01 -72.23 6.68
CA VAL A 257 -22.31 -72.57 6.04
C VAL A 257 -23.38 -72.66 7.13
N HIS A 258 -23.05 -73.21 8.30
CA HIS A 258 -24.01 -73.31 9.42
C HIS A 258 -24.49 -71.91 9.80
N LEU A 259 -23.58 -70.97 10.02
CA LEU A 259 -23.97 -69.58 10.39
C LEU A 259 -24.85 -68.96 9.28
N LEU A 260 -24.49 -69.16 8.01
CA LEU A 260 -25.25 -68.57 6.86
C LEU A 260 -26.67 -69.15 6.78
N LEU A 261 -26.90 -70.47 6.92
CA LEU A 261 -28.26 -71.08 6.64
C LEU A 261 -29.20 -71.06 7.85
N THR A 262 -28.68 -70.89 9.07
CA THR A 262 -29.49 -70.93 10.32
CA THR A 262 -29.46 -70.93 10.34
C THR A 262 -30.11 -69.56 10.60
N GLU A 263 -29.51 -68.50 10.05
CA GLU A 263 -30.13 -67.16 9.95
CA GLU A 263 -30.14 -67.16 9.94
C GLU A 263 -29.95 -66.73 8.48
N ARG A 264 -30.88 -67.17 7.63
CA ARG A 264 -30.70 -67.25 6.15
C ARG A 264 -30.58 -65.85 5.51
N LYS A 265 -30.96 -64.78 6.21
N LYS A 265 -30.96 -64.77 6.20
CA LYS A 265 -30.75 -63.37 5.77
CA LYS A 265 -30.74 -63.38 5.71
C LYS A 265 -29.26 -63.17 5.46
C LYS A 265 -29.25 -63.24 5.38
N ARG A 266 -28.37 -63.87 6.18
CA ARG A 266 -26.90 -63.79 6.01
C ARG A 266 -26.54 -64.36 4.63
N TYR A 267 -27.00 -65.58 4.34
CA TYR A 267 -26.77 -66.25 3.05
C TYR A 267 -27.36 -65.37 1.93
N GLU A 268 -28.60 -64.91 2.10
CA GLU A 268 -29.36 -64.05 1.14
C GLU A 268 -28.55 -62.78 0.86
N SER A 269 -27.94 -62.16 1.88
CA SER A 269 -27.09 -60.95 1.68
C SER A 269 -25.89 -61.27 0.77
N LEU A 270 -25.34 -62.50 0.79
CA LEU A 270 -24.22 -62.88 -0.11
C LEU A 270 -24.73 -63.29 -1.50
N VAL A 271 -25.92 -63.90 -1.62
CA VAL A 271 -26.53 -64.22 -2.94
CA VAL A 271 -26.49 -64.22 -2.97
C VAL A 271 -26.67 -62.90 -3.72
N ALA A 272 -27.20 -61.89 -3.03
CA ALA A 272 -27.45 -60.53 -3.54
C ALA A 272 -26.13 -59.89 -4.02
N ASP A 273 -25.03 -60.14 -3.31
CA ASP A 273 -23.76 -59.38 -3.46
C ASP A 273 -22.58 -60.30 -3.17
N PRO A 274 -22.23 -61.21 -4.11
CA PRO A 274 -21.12 -62.15 -3.89
C PRO A 274 -19.74 -61.53 -3.65
N ALA A 275 -19.58 -60.26 -3.98
CA ALA A 275 -18.39 -59.45 -3.66
C ALA A 275 -18.29 -59.22 -2.13
N LEU A 276 -19.36 -59.42 -1.33
CA LEU A 276 -19.32 -59.34 0.15
CA LEU A 276 -19.30 -59.31 0.15
C LEU A 276 -18.57 -60.53 0.76
N VAL A 277 -18.35 -61.59 -0.01
CA VAL A 277 -17.88 -62.92 0.48
C VAL A 277 -16.53 -62.81 1.18
N PRO A 278 -15.47 -62.16 0.62
CA PRO A 278 -14.22 -61.98 1.35
C PRO A 278 -14.45 -61.39 2.75
N ALA A 279 -15.27 -60.34 2.88
CA ALA A 279 -15.48 -59.61 4.15
C ALA A 279 -16.32 -60.46 5.11
N ALA A 280 -17.28 -61.24 4.57
CA ALA A 280 -18.16 -62.17 5.32
C ALA A 280 -17.32 -63.29 5.92
N VAL A 281 -16.38 -63.84 5.13
CA VAL A 281 -15.37 -64.83 5.59
C VAL A 281 -14.54 -64.24 6.74
N GLU A 282 -14.06 -62.99 6.65
CA GLU A 282 -13.30 -62.41 7.79
C GLU A 282 -14.18 -62.34 9.03
N GLU A 283 -15.41 -61.87 8.88
CA GLU A 283 -16.30 -61.67 10.05
C GLU A 283 -16.65 -63.03 10.69
N MET A 284 -16.94 -64.05 9.88
CA MET A 284 -17.29 -65.38 10.39
C MET A 284 -16.05 -66.06 10.98
N LEU A 285 -14.85 -65.76 10.48
CA LEU A 285 -13.60 -66.23 11.14
C LEU A 285 -13.56 -65.61 12.54
N ARG A 286 -13.89 -64.34 12.68
CA ARG A 286 -13.96 -63.67 14.00
C ARG A 286 -14.95 -64.39 14.92
N TYR A 287 -16.13 -64.73 14.39
CA TYR A 287 -17.33 -65.13 15.17
C TYR A 287 -17.27 -66.60 15.61
N THR A 288 -16.45 -67.43 14.99
CA THR A 288 -16.56 -68.92 15.08
C THR A 288 -15.50 -69.46 16.02
N PRO A 289 -15.88 -70.18 17.09
CA PRO A 289 -14.90 -70.90 17.90
C PRO A 289 -14.50 -72.16 17.14
N LEU A 290 -13.59 -72.03 16.15
CA LEU A 290 -13.05 -73.24 15.50
C LEU A 290 -12.26 -74.00 16.57
N VAL A 291 -11.47 -73.29 17.33
CA VAL A 291 -10.75 -73.91 18.45
C VAL A 291 -11.79 -73.94 19.55
N SER A 292 -12.16 -75.13 20.01
CA SER A 292 -13.35 -75.32 20.89
C SER A 292 -13.10 -74.59 22.24
N ALA A 293 -11.89 -74.70 22.78
CA ALA A 293 -11.52 -74.00 24.04
C ALA A 293 -10.00 -73.91 24.10
N GLY A 294 -9.48 -72.82 24.65
CA GLY A 294 -8.06 -72.69 25.02
C GLY A 294 -7.16 -72.70 23.82
N SER A 295 -5.92 -73.08 24.02
CA SER A 295 -4.83 -72.85 23.05
C SER A 295 -3.64 -73.69 23.48
N PHE A 296 -2.69 -73.88 22.61
CA PHE A 296 -1.37 -74.33 23.07
C PHE A 296 -0.92 -73.32 24.10
N VAL A 297 -0.29 -73.81 25.14
CA VAL A 297 0.04 -73.01 26.35
C VAL A 297 1.33 -72.21 26.14
N ARG A 298 1.37 -70.99 26.69
CA ARG A 298 2.60 -70.17 26.77
C ARG A 298 3.00 -70.06 28.23
N VAL A 299 4.28 -70.28 28.53
CA VAL A 299 4.81 -70.16 29.91
C VAL A 299 5.67 -68.90 29.97
N ALA A 300 5.40 -68.01 30.94
CA ALA A 300 6.20 -66.80 31.14
C ALA A 300 7.62 -67.22 31.53
N THR A 301 8.65 -66.65 30.89
CA THR A 301 10.09 -66.88 31.19
C THR A 301 10.62 -65.77 32.10
N GLU A 302 9.87 -64.67 32.19
CA GLU A 302 10.11 -63.52 33.09
C GLU A 302 8.72 -63.05 33.51
N ASP A 303 8.62 -62.22 34.54
CA ASP A 303 7.34 -61.58 34.91
C ASP A 303 6.83 -60.75 33.74
N VAL A 304 5.53 -60.75 33.47
CA VAL A 304 4.93 -60.03 32.33
C VAL A 304 3.67 -59.33 32.84
N GLU A 305 3.49 -58.03 32.61
CA GLU A 305 2.29 -57.27 33.03
CA GLU A 305 2.29 -57.26 33.05
C GLU A 305 1.17 -57.43 32.02
N LEU A 306 0.04 -58.02 32.43
CA LEU A 306 -1.20 -58.09 31.62
C LEU A 306 -2.14 -57.03 32.20
N SER A 307 -3.36 -56.89 31.66
CA SER A 307 -4.31 -55.81 32.07
C SER A 307 -4.45 -55.78 33.60
N THR A 308 -4.72 -56.90 34.24
CA THR A 308 -5.14 -56.91 35.65
C THR A 308 -4.18 -57.65 36.55
N VAL A 309 -3.12 -58.23 36.02
CA VAL A 309 -2.18 -58.99 36.86
C VAL A 309 -0.81 -59.08 36.20
N THR A 310 0.20 -59.25 37.03
CA THR A 310 1.55 -59.64 36.61
C THR A 310 1.72 -61.15 36.69
N VAL A 311 1.85 -61.79 35.54
CA VAL A 311 2.09 -63.24 35.45
C VAL A 311 3.55 -63.43 35.84
N ARG A 312 3.82 -64.36 36.77
CA ARG A 312 5.18 -64.63 37.26
C ARG A 312 5.88 -65.54 36.27
N ALA A 313 7.19 -65.38 36.15
CA ALA A 313 8.09 -66.33 35.47
C ALA A 313 7.70 -67.76 35.92
N GLY A 314 7.45 -68.68 34.98
CA GLY A 314 7.06 -70.07 35.32
C GLY A 314 5.55 -70.28 35.34
N GLU A 315 4.71 -69.23 35.33
CA GLU A 315 3.24 -69.41 35.31
C GLU A 315 2.79 -69.62 33.87
N PRO A 316 1.96 -70.66 33.61
CA PRO A 316 1.37 -70.89 32.30
C PRO A 316 0.11 -70.07 32.04
N CYS A 317 -0.12 -69.74 30.76
CA CYS A 317 -1.24 -68.96 30.25
C CYS A 317 -1.81 -69.66 29.04
N VAL A 318 -3.10 -69.48 28.88
CA VAL A 318 -3.85 -70.10 27.79
C VAL A 318 -4.80 -69.03 27.31
N VAL A 319 -4.97 -68.90 26.00
CA VAL A 319 -5.85 -67.88 25.38
C VAL A 319 -7.10 -68.59 24.89
N HIS A 320 -8.24 -67.92 24.94
CA HIS A 320 -9.40 -68.37 24.15
C HIS A 320 -9.57 -67.41 22.96
N PHE A 321 -9.12 -67.82 21.78
CA PHE A 321 -9.15 -66.97 20.57
C PHE A 321 -10.56 -66.38 20.35
N ALA A 322 -11.63 -67.18 20.47
CA ALA A 322 -12.99 -66.73 20.11
C ALA A 322 -13.49 -65.71 21.12
N SER A 323 -13.03 -65.78 22.37
CA SER A 323 -13.35 -64.76 23.40
C SER A 323 -12.65 -63.45 23.06
N ALA A 324 -11.35 -63.47 22.75
CA ALA A 324 -10.65 -62.24 22.32
C ALA A 324 -11.39 -61.63 21.11
N ASN A 325 -11.93 -62.47 20.23
CA ASN A 325 -12.68 -62.04 19.03
C ASN A 325 -14.10 -61.53 19.36
N ARG A 326 -14.52 -61.52 20.63
CA ARG A 326 -15.82 -60.90 21.02
CA ARG A 326 -15.82 -60.98 21.13
C ARG A 326 -15.56 -59.71 21.95
N ASP A 327 -14.33 -59.20 22.00
CA ASP A 327 -13.94 -58.15 22.98
C ASP A 327 -14.64 -56.83 22.59
N GLU A 328 -15.53 -56.32 23.44
CA GLU A 328 -16.43 -55.20 23.11
CA GLU A 328 -16.43 -55.19 23.12
C GLU A 328 -15.65 -53.87 23.10
N GLU A 329 -14.43 -53.85 23.61
CA GLU A 329 -13.58 -52.63 23.56
CA GLU A 329 -13.55 -52.65 23.56
C GLU A 329 -12.83 -52.58 22.22
N VAL A 330 -12.97 -53.60 21.36
CA VAL A 330 -12.27 -53.67 20.05
C VAL A 330 -13.29 -53.66 18.91
N PHE A 331 -14.38 -54.42 19.04
CA PHE A 331 -15.39 -54.55 17.97
C PHE A 331 -16.69 -54.00 18.51
N ASP A 332 -17.29 -53.01 17.84
CA ASP A 332 -18.68 -52.55 18.08
CA ASP A 332 -18.66 -52.60 18.23
C ASP A 332 -19.60 -53.77 17.95
N HIS A 333 -20.66 -53.87 18.75
CA HIS A 333 -21.68 -54.96 18.76
C HIS A 333 -20.99 -56.30 18.47
N ALA A 334 -19.95 -56.62 19.25
CA ALA A 334 -19.07 -57.79 19.09
C ALA A 334 -19.88 -59.09 19.02
N ASP A 335 -21.03 -59.17 19.69
CA ASP A 335 -21.89 -60.38 19.77
CA ASP A 335 -21.81 -60.44 19.72
C ASP A 335 -22.74 -60.52 18.52
N GLU A 336 -22.64 -59.61 17.53
CA GLU A 336 -23.48 -59.66 16.30
C GLU A 336 -22.63 -59.95 15.06
N LEU A 337 -23.09 -60.85 14.18
CA LEU A 337 -22.52 -61.11 12.83
CA LEU A 337 -22.45 -61.08 12.85
C LEU A 337 -22.78 -59.88 11.94
N ASP A 338 -21.76 -59.09 11.61
CA ASP A 338 -21.86 -57.86 10.78
C ASP A 338 -20.87 -57.90 9.59
N PHE A 339 -21.35 -58.14 8.38
CA PHE A 339 -20.52 -58.22 7.14
C PHE A 339 -20.06 -56.84 6.65
N HIS A 340 -20.44 -55.76 7.33
CA HIS A 340 -20.16 -54.38 6.88
C HIS A 340 -19.29 -53.67 7.92
N ARG A 341 -18.61 -54.38 8.81
CA ARG A 341 -17.57 -53.78 9.69
C ARG A 341 -16.56 -53.07 8.81
N GLU A 342 -16.17 -51.83 9.13
CA GLU A 342 -15.10 -51.10 8.40
CA GLU A 342 -15.10 -51.13 8.36
C GLU A 342 -13.74 -51.69 8.79
N ARG A 343 -13.65 -52.17 10.05
CA ARG A 343 -12.41 -52.74 10.65
C ARG A 343 -12.68 -54.07 11.40
N ASN A 344 -11.77 -55.02 11.27
CA ASN A 344 -11.94 -56.37 11.83
C ASN A 344 -10.58 -56.92 12.23
N PRO A 345 -9.94 -56.38 13.28
CA PRO A 345 -8.61 -56.84 13.68
C PRO A 345 -8.71 -58.11 14.55
N HIS A 346 -9.23 -59.19 13.98
CA HIS A 346 -9.48 -60.47 14.71
C HIS A 346 -8.18 -61.26 14.86
N ILE A 347 -8.18 -62.28 15.74
CA ILE A 347 -7.03 -63.23 15.86
C ILE A 347 -7.54 -64.65 15.66
N ALA A 348 -8.45 -64.84 14.72
CA ALA A 348 -8.94 -66.18 14.34
C ALA A 348 -7.76 -67.01 13.84
N PHE A 349 -6.69 -66.34 13.41
CA PHE A 349 -5.45 -66.98 12.92
C PHE A 349 -4.30 -66.83 13.91
N GLY A 350 -4.58 -66.47 15.14
CA GLY A 350 -3.48 -66.24 16.09
C GLY A 350 -2.81 -64.90 15.86
N HIS A 351 -1.58 -64.79 16.35
CA HIS A 351 -0.83 -63.54 16.52
C HIS A 351 0.60 -63.90 16.91
N GLY A 352 1.53 -63.03 16.61
CA GLY A 352 2.95 -63.17 16.92
C GLY A 352 3.59 -64.27 16.14
N ALA A 353 4.59 -64.89 16.72
CA ALA A 353 5.47 -65.82 15.98
C ALA A 353 4.65 -66.93 15.35
N HIS A 354 3.70 -67.49 16.11
CA HIS A 354 2.97 -68.70 15.67
C HIS A 354 1.72 -68.31 14.87
N HIS A 355 1.52 -67.04 14.50
CA HIS A 355 0.42 -66.64 13.59
C HIS A 355 0.30 -67.72 12.49
N CYS A 356 -0.92 -68.16 12.22
CA CYS A 356 -1.18 -69.26 11.27
C CYS A 356 -0.32 -69.15 10.00
N ILE A 357 0.42 -70.19 9.67
CA ILE A 357 1.21 -70.15 8.42
C ILE A 357 0.28 -70.32 7.21
N GLY A 358 -0.86 -70.98 7.41
CA GLY A 358 -1.78 -71.30 6.33
C GLY A 358 -2.86 -70.25 6.16
N ALA A 359 -2.74 -69.10 6.83
CA ALA A 359 -3.84 -68.13 6.94
C ALA A 359 -4.35 -67.79 5.52
N GLN A 360 -3.44 -67.60 4.57
CA GLN A 360 -3.80 -67.06 3.23
C GLN A 360 -4.49 -68.21 2.49
N LEU A 361 -3.99 -69.46 2.64
CA LEU A 361 -4.63 -70.64 2.00
C LEU A 361 -6.03 -70.86 2.60
N GLY A 362 -6.21 -70.77 3.92
CA GLY A 362 -7.53 -70.85 4.53
C GLY A 362 -8.49 -69.81 3.98
N ARG A 363 -8.05 -68.55 3.95
CA ARG A 363 -8.85 -67.44 3.39
C ARG A 363 -9.26 -67.78 1.96
N LEU A 364 -8.31 -68.18 1.12
CA LEU A 364 -8.57 -68.51 -0.30
C LEU A 364 -9.63 -69.64 -0.37
N GLU A 365 -9.44 -70.74 0.36
CA GLU A 365 -10.34 -71.92 0.26
C GLU A 365 -11.74 -71.54 0.73
N LEU A 366 -11.84 -70.76 1.81
CA LEU A 366 -13.15 -70.37 2.34
C LEU A 366 -13.82 -69.44 1.32
N GLN A 367 -13.06 -68.51 0.75
CA GLN A 367 -13.62 -67.52 -0.22
C GLN A 367 -14.20 -68.27 -1.40
N GLU A 368 -13.44 -69.20 -1.98
CA GLU A 368 -13.82 -69.91 -3.23
C GLU A 368 -14.98 -70.90 -2.93
N ALA A 369 -14.97 -71.57 -1.78
CA ALA A 369 -16.08 -72.49 -1.43
C ALA A 369 -17.37 -71.68 -1.32
N LEU A 370 -17.36 -70.57 -0.59
CA LEU A 370 -18.57 -69.75 -0.29
CA LEU A 370 -18.59 -69.79 -0.30
C LEU A 370 -19.00 -68.99 -1.55
N SER A 371 -18.04 -68.47 -2.31
CA SER A 371 -18.36 -67.64 -3.48
C SER A 371 -19.19 -68.50 -4.44
N ALA A 372 -18.69 -69.70 -4.73
CA ALA A 372 -19.33 -70.73 -5.59
C ALA A 372 -20.73 -71.07 -5.08
N LEU A 373 -20.90 -71.34 -3.78
CA LEU A 373 -22.23 -71.75 -3.27
C LEU A 373 -23.24 -70.63 -3.51
N VAL A 374 -22.81 -69.42 -3.18
CA VAL A 374 -23.66 -68.20 -3.13
C VAL A 374 -24.08 -67.83 -4.56
N ARG A 375 -23.22 -68.15 -5.53
CA ARG A 375 -23.42 -67.79 -6.95
CA ARG A 375 -23.41 -67.81 -6.96
C ARG A 375 -24.33 -68.83 -7.63
N ARG A 376 -24.07 -70.12 -7.42
CA ARG A 376 -24.68 -71.24 -8.19
C ARG A 376 -25.87 -71.88 -7.45
N PHE A 377 -26.06 -71.62 -6.16
CA PHE A 377 -27.11 -72.24 -5.30
C PHE A 377 -27.80 -71.14 -4.50
N PRO A 378 -28.53 -70.23 -5.17
CA PRO A 378 -29.30 -69.21 -4.46
C PRO A 378 -30.39 -69.78 -3.53
N THR A 379 -30.83 -71.02 -3.80
CA THR A 379 -31.92 -71.73 -3.10
C THR A 379 -31.37 -72.61 -1.95
N LEU A 380 -30.06 -72.53 -1.64
CA LEU A 380 -29.41 -73.45 -0.66
C LEU A 380 -30.11 -73.32 0.70
N ASP A 381 -30.50 -74.44 1.31
CA ASP A 381 -31.03 -74.41 2.71
C ASP A 381 -30.59 -75.68 3.42
N LEU A 382 -30.53 -75.57 4.74
CA LEU A 382 -30.29 -76.73 5.64
CA LEU A 382 -30.29 -76.72 5.65
C LEU A 382 -31.49 -77.66 5.49
N ALA A 383 -31.23 -78.93 5.14
CA ALA A 383 -32.29 -79.92 4.86
C ALA A 383 -32.18 -81.07 5.88
N GLU A 384 -31.66 -80.79 7.08
CA GLU A 384 -31.80 -81.65 8.27
C GLU A 384 -32.12 -80.73 9.44
N PRO A 385 -32.74 -81.22 10.52
CA PRO A 385 -33.08 -80.34 11.64
C PRO A 385 -31.84 -79.93 12.43
N VAL A 386 -31.84 -78.65 12.85
CA VAL A 386 -30.77 -77.99 13.64
CA VAL A 386 -30.78 -77.98 13.64
C VAL A 386 -30.49 -78.81 14.89
N ALA A 387 -31.54 -79.24 15.58
CA ALA A 387 -31.51 -79.99 16.85
C ALA A 387 -30.74 -81.31 16.67
N GLY A 388 -30.78 -81.93 15.48
CA GLY A 388 -30.16 -83.22 15.18
C GLY A 388 -28.76 -83.10 14.57
N LEU A 389 -28.20 -81.89 14.46
CA LEU A 389 -26.90 -81.72 13.77
C LEU A 389 -25.79 -82.49 14.52
N LYS A 390 -24.98 -83.20 13.76
CA LYS A 390 -23.91 -84.06 14.30
CA LYS A 390 -23.88 -84.08 14.22
C LYS A 390 -22.63 -83.24 14.53
N TRP A 391 -22.67 -82.37 15.53
CA TRP A 391 -21.45 -81.62 15.94
C TRP A 391 -20.40 -82.63 16.39
N LYS A 392 -19.16 -82.48 15.93
CA LYS A 392 -18.02 -83.36 16.36
C LYS A 392 -17.83 -83.15 17.86
N GLN A 393 -17.78 -84.25 18.61
CA GLN A 393 -17.67 -84.29 20.10
CA GLN A 393 -17.63 -84.21 20.10
C GLN A 393 -16.24 -84.72 20.43
N GLY A 394 -15.67 -84.21 21.52
CA GLY A 394 -14.42 -84.72 22.09
C GLY A 394 -13.18 -84.40 21.24
N MET A 395 -13.21 -83.31 20.46
CA MET A 395 -12.04 -82.86 19.67
C MET A 395 -11.70 -81.42 20.03
N LEU A 396 -10.47 -80.99 19.77
CA LEU A 396 -9.98 -79.63 20.11
C LEU A 396 -10.59 -78.60 19.18
N ILE A 397 -11.21 -79.03 18.08
CA ILE A 397 -11.84 -78.08 17.14
C ILE A 397 -13.30 -78.43 16.97
N ARG A 398 -14.11 -77.53 16.42
CA ARG A 398 -15.56 -77.72 16.18
C ARG A 398 -15.83 -77.79 14.68
N GLY A 399 -16.80 -78.62 14.33
CA GLY A 399 -17.35 -78.68 12.96
C GLY A 399 -18.42 -79.78 12.91
N LEU A 400 -19.00 -79.99 11.73
CA LEU A 400 -20.10 -80.95 11.52
C LEU A 400 -19.61 -82.22 10.80
N GLU A 401 -20.08 -83.38 11.25
CA GLU A 401 -19.77 -84.67 10.55
C GLU A 401 -20.58 -84.74 9.26
N ARG A 402 -21.70 -84.02 9.19
CA ARG A 402 -22.68 -84.12 8.09
C ARG A 402 -23.45 -82.82 8.02
N GLN A 403 -23.82 -82.41 6.82
CA GLN A 403 -24.61 -81.15 6.59
C GLN A 403 -25.47 -81.38 5.35
N ILE A 404 -26.63 -81.99 5.53
CA ILE A 404 -27.51 -82.28 4.39
C ILE A 404 -28.15 -80.95 4.02
N VAL A 405 -27.98 -80.56 2.75
CA VAL A 405 -28.54 -79.27 2.23
C VAL A 405 -29.45 -79.60 1.06
N SER A 406 -30.45 -78.75 0.81
CA SER A 406 -31.35 -78.79 -0.37
C SER A 406 -31.12 -77.53 -1.20
N TRP A 407 -31.67 -77.54 -2.42
CA TRP A 407 -31.61 -76.42 -3.38
C TRP A 407 -32.60 -76.70 -4.50
N HIS B 5 22.11 32.37 22.41
CA HIS B 5 22.44 31.58 23.63
C HIS B 5 21.27 30.68 24.00
N THR B 6 20.39 31.14 24.88
CA THR B 6 19.25 30.29 25.30
CA THR B 6 19.30 30.37 25.26
C THR B 6 17.94 31.07 25.20
N GLY B 7 16.89 30.36 24.80
CA GLY B 7 15.55 30.94 24.68
C GLY B 7 14.90 30.49 23.39
N PRO B 8 13.58 30.75 23.22
CA PRO B 8 12.87 30.36 22.00
C PRO B 8 13.56 31.13 20.87
N THR B 9 13.91 32.37 21.18
CA THR B 9 14.62 33.31 20.28
C THR B 9 16.02 32.75 20.08
N PRO B 10 16.40 32.40 18.83
CA PRO B 10 17.73 31.89 18.60
C PRO B 10 18.48 33.19 18.30
N ALA B 11 18.97 33.89 19.32
CA ALA B 11 19.67 35.14 19.02
C ALA B 11 20.87 34.75 18.16
N ASP B 12 21.61 33.75 18.61
CA ASP B 12 22.77 33.22 17.85
CA ASP B 12 22.75 33.26 17.77
C ASP B 12 22.33 31.91 17.18
N ALA B 13 21.09 31.46 17.45
CA ALA B 13 20.56 30.28 16.72
C ALA B 13 20.77 30.53 15.21
N VAL B 14 20.74 31.79 14.74
CA VAL B 14 20.61 32.02 13.28
C VAL B 14 21.47 33.22 12.88
N PRO B 15 22.38 32.99 11.91
CA PRO B 15 23.28 34.04 11.44
C PRO B 15 22.53 35.21 10.79
N ALA B 16 23.15 36.36 10.86
CA ALA B 16 22.76 37.58 10.16
C ALA B 16 23.05 37.33 8.67
N TYR B 17 22.14 37.73 7.81
CA TYR B 17 22.34 37.69 6.33
C TYR B 17 22.02 39.08 5.82
N PRO B 18 22.87 39.71 5.00
CA PRO B 18 24.11 39.12 4.49
C PRO B 18 25.15 38.73 5.55
N PHE B 19 26.04 37.81 5.19
CA PHE B 19 27.06 37.16 6.04
C PHE B 19 28.25 38.10 6.20
N SER B 20 28.49 39.02 5.28
CA SER B 20 29.69 39.88 5.31
C SER B 20 29.48 41.08 4.38
N LEU B 21 30.20 42.18 4.60
CA LEU B 21 30.31 43.29 3.61
CA LEU B 21 30.28 43.27 3.61
C LEU B 21 30.83 42.66 2.32
N PRO B 22 30.24 42.96 1.15
CA PRO B 22 30.74 42.40 -0.10
C PRO B 22 32.07 43.01 -0.56
N HIS B 23 32.90 42.20 -1.20
CA HIS B 23 34.19 42.69 -1.74
C HIS B 23 34.24 42.42 -3.24
N ALA B 24 34.34 43.48 -4.05
CA ALA B 24 34.37 43.34 -5.53
C ALA B 24 33.20 42.49 -5.99
N LEU B 25 33.50 41.50 -6.81
CA LEU B 25 32.49 40.54 -7.33
C LEU B 25 32.64 39.15 -6.70
N ASP B 26 33.31 39.09 -5.53
CA ASP B 26 33.57 37.82 -4.82
C ASP B 26 32.30 37.31 -4.15
N LEU B 27 32.09 36.01 -4.20
CA LEU B 27 31.05 35.35 -3.39
CA LEU B 27 31.05 35.29 -3.42
C LEU B 27 31.67 34.89 -2.06
N ASP B 28 31.05 35.29 -0.98
CA ASP B 28 31.40 34.85 0.38
C ASP B 28 31.55 33.33 0.37
N PRO B 29 32.68 32.74 0.87
CA PRO B 29 32.88 31.28 0.81
C PRO B 29 31.77 30.48 1.51
N HIS B 30 31.02 31.08 2.43
CA HIS B 30 29.95 30.37 3.18
C HIS B 30 28.92 29.81 2.22
N TYR B 31 28.70 30.39 1.03
CA TYR B 31 27.63 29.90 0.12
C TYR B 31 27.96 28.50 -0.38
N ALA B 32 29.19 28.25 -0.82
CA ALA B 32 29.68 26.92 -1.29
C ALA B 32 29.56 25.86 -0.19
N GLU B 33 29.80 26.23 1.07
CA GLU B 33 29.64 25.35 2.26
C GLU B 33 28.17 25.03 2.41
N LEU B 34 27.31 26.04 2.30
CA LEU B 34 25.86 25.83 2.47
C LEU B 34 25.36 24.91 1.35
N ARG B 35 25.77 25.12 0.10
CA ARG B 35 25.28 24.27 -1.03
CA ARG B 35 25.31 24.29 -1.04
C ARG B 35 25.66 22.81 -0.76
N ARG B 36 26.80 22.59 -0.12
CA ARG B 36 27.36 21.25 0.14
C ARG B 36 26.60 20.63 1.32
N ASP B 37 26.51 21.32 2.45
CA ASP B 37 26.17 20.72 3.77
C ASP B 37 24.82 21.19 4.31
N GLU B 38 24.27 22.35 3.87
CA GLU B 38 22.99 22.85 4.48
C GLU B 38 22.28 23.73 3.45
N PRO B 39 21.87 23.19 2.28
CA PRO B 39 21.49 24.01 1.14
C PRO B 39 20.32 24.93 1.47
N VAL B 40 19.59 24.65 2.55
CA VAL B 40 18.44 25.49 3.00
C VAL B 40 18.63 25.81 4.49
N SER B 41 18.90 27.08 4.83
CA SER B 41 19.34 27.43 6.21
C SER B 41 18.63 28.68 6.69
N ARG B 42 18.31 28.73 7.97
CA ARG B 42 17.57 29.85 8.56
CA ARG B 42 17.55 29.88 8.51
C ARG B 42 18.53 31.04 8.64
N VAL B 43 18.06 32.22 8.32
CA VAL B 43 18.90 33.44 8.44
C VAL B 43 18.01 34.51 9.02
N ARG B 44 18.62 35.55 9.55
CA ARG B 44 17.95 36.78 9.99
C ARG B 44 18.28 37.89 8.99
N LEU B 45 17.29 38.40 8.28
CA LEU B 45 17.54 39.42 7.24
C LEU B 45 17.64 40.76 7.99
N PRO B 46 18.14 41.82 7.32
CA PRO B 46 18.42 43.07 8.00
C PRO B 46 17.13 43.76 8.46
N TYR B 47 15.96 43.58 7.82
CA TYR B 47 14.76 44.35 8.22
C TYR B 47 13.62 43.37 8.34
N GLY B 48 12.47 43.79 8.86
CA GLY B 48 11.34 42.91 9.15
C GLY B 48 11.64 42.12 10.42
N GLU B 49 10.81 41.12 10.73
CA GLU B 49 10.86 40.37 12.02
C GLU B 49 10.95 38.85 11.77
N GLY B 50 11.57 38.13 12.67
CA GLY B 50 11.64 36.65 12.62
C GLY B 50 12.72 36.22 11.66
N THR B 51 12.59 35.02 11.07
CA THR B 51 13.67 34.43 10.25
C THR B 51 13.14 34.07 8.86
N ALA B 52 14.07 33.83 7.94
CA ALA B 52 13.81 33.38 6.56
C ALA B 52 14.67 32.17 6.25
N TRP B 53 14.19 31.31 5.37
CA TRP B 53 15.06 30.28 4.75
C TRP B 53 15.84 30.93 3.63
N LEU B 54 17.15 30.74 3.63
CA LEU B 54 18.03 31.07 2.52
C LEU B 54 18.25 29.82 1.70
N VAL B 55 18.03 29.95 0.41
CA VAL B 55 18.14 28.89 -0.62
C VAL B 55 19.35 29.22 -1.47
N THR B 56 20.28 28.27 -1.60
CA THR B 56 21.60 28.46 -2.23
C THR B 56 21.77 27.61 -3.49
N ARG B 57 20.98 26.55 -3.67
CA ARG B 57 21.14 25.58 -4.77
C ARG B 57 20.16 25.95 -5.89
N MET B 58 20.49 25.53 -7.12
CA MET B 58 19.67 25.84 -8.32
C MET B 58 18.32 25.15 -8.20
N SER B 59 18.26 23.87 -7.79
CA SER B 59 16.99 23.12 -7.82
C SER B 59 16.01 23.80 -6.88
N ASP B 60 16.45 24.16 -5.69
CA ASP B 60 15.59 24.84 -4.68
C ASP B 60 15.21 26.26 -5.19
N ALA B 61 16.13 27.01 -5.77
CA ALA B 61 15.87 28.39 -6.22
C ALA B 61 14.76 28.35 -7.27
N ARG B 62 14.79 27.35 -8.17
CA ARG B 62 13.75 27.20 -9.21
C ARG B 62 12.39 26.93 -8.56
N ILE B 63 12.33 26.17 -7.47
CA ILE B 63 11.05 25.91 -6.78
C ILE B 63 10.62 27.21 -6.10
N VAL B 64 11.48 27.87 -5.36
CA VAL B 64 11.03 29.12 -4.70
C VAL B 64 10.55 30.15 -5.74
N LEU B 65 11.27 30.30 -6.84
CA LEU B 65 10.96 31.35 -7.87
C LEU B 65 9.86 30.89 -8.82
N GLY B 66 9.67 29.57 -8.96
CA GLY B 66 8.86 28.96 -10.04
C GLY B 66 7.49 28.53 -9.60
N ASP B 67 7.34 28.16 -8.32
CA ASP B 67 6.17 27.43 -7.79
C ASP B 67 5.14 28.44 -7.27
N SER B 68 3.90 28.34 -7.75
CA SER B 68 2.73 29.19 -7.40
C SER B 68 2.31 29.04 -5.92
N ARG B 69 2.85 28.05 -5.20
CA ARG B 69 2.67 27.93 -3.73
C ARG B 69 3.50 28.98 -2.96
N PHE B 70 4.16 29.88 -3.65
CA PHE B 70 4.90 30.99 -3.01
C PHE B 70 4.24 32.30 -3.45
N SER B 71 4.09 33.28 -2.56
CA SER B 71 3.45 34.59 -2.83
C SER B 71 4.47 35.67 -2.54
N THR B 72 4.66 36.61 -3.47
CA THR B 72 5.43 37.85 -3.23
C THR B 72 4.53 38.91 -2.59
N ALA B 73 3.26 38.94 -2.94
CA ALA B 73 2.27 39.89 -2.37
C ALA B 73 2.17 39.75 -0.83
N ALA B 74 2.40 38.54 -0.33
CA ALA B 74 2.39 38.20 1.10
C ALA B 74 3.57 38.89 1.80
N ALA B 75 4.68 39.16 1.11
CA ALA B 75 5.89 39.71 1.71
C ALA B 75 5.77 41.22 1.94
N THR B 76 4.64 41.85 1.63
CA THR B 76 4.47 43.31 1.82
C THR B 76 4.13 43.65 3.27
N ASP B 77 3.71 42.66 4.05
CA ASP B 77 3.59 42.82 5.52
C ASP B 77 4.88 43.45 6.05
N PRO B 78 4.83 44.62 6.74
CA PRO B 78 6.02 45.23 7.34
C PRO B 78 6.86 44.34 8.26
N ALA B 79 6.27 43.27 8.81
CA ALA B 79 6.97 42.31 9.71
C ALA B 79 7.69 41.22 8.90
N THR B 80 7.39 41.01 7.61
CA THR B 80 8.10 40.00 6.79
C THR B 80 9.58 40.39 6.74
N PRO B 81 10.53 39.46 6.99
CA PRO B 81 11.93 39.68 6.66
C PRO B 81 12.05 40.33 5.27
N ARG B 82 13.04 41.20 5.08
CA ARG B 82 13.37 41.82 3.77
C ARG B 82 14.82 42.30 3.77
N MET B 83 15.41 42.45 2.58
CA MET B 83 16.80 42.87 2.40
C MET B 83 16.95 44.39 2.51
N PHE B 84 15.87 45.15 2.66
CA PHE B 84 15.88 46.61 2.42
C PHE B 84 14.97 47.30 3.44
N PRO B 85 15.25 48.57 3.78
CA PRO B 85 14.64 49.20 4.97
C PRO B 85 13.14 49.44 4.94
N THR B 86 12.62 49.73 3.76
CA THR B 86 11.24 50.18 3.53
CA THR B 86 11.22 50.18 3.55
C THR B 86 10.34 48.95 3.37
N PRO B 87 9.19 48.82 4.10
CA PRO B 87 8.26 47.74 3.82
C PRO B 87 7.90 47.82 2.35
N PRO B 88 7.83 46.68 1.65
CA PRO B 88 7.64 46.70 0.21
C PRO B 88 6.40 47.48 -0.23
N GLU B 89 6.53 48.29 -1.29
CA GLU B 89 5.37 48.93 -1.95
C GLU B 89 4.43 47.86 -2.51
N PRO B 90 3.18 47.75 -2.04
CA PRO B 90 2.22 46.75 -2.54
C PRO B 90 1.83 46.93 -4.01
N ASP B 91 2.05 48.12 -4.54
CA ASP B 91 1.76 48.48 -5.95
C ASP B 91 2.91 47.98 -6.82
N GLY B 92 4.07 47.66 -6.24
CA GLY B 92 5.25 47.25 -7.06
C GLY B 92 4.97 45.96 -7.80
N VAL B 93 5.59 45.82 -8.96
CA VAL B 93 5.45 44.64 -9.83
C VAL B 93 5.93 43.41 -9.05
N LEU B 94 6.98 43.56 -8.23
CA LEU B 94 7.62 42.42 -7.53
C LEU B 94 6.65 41.86 -6.52
N ALA B 95 5.80 42.71 -5.97
CA ALA B 95 4.87 42.40 -4.88
C ALA B 95 3.57 41.90 -5.47
N GLN B 96 3.49 41.70 -6.78
CA GLN B 96 2.24 41.18 -7.41
C GLN B 96 2.34 39.67 -7.66
N ASP B 97 1.23 38.96 -7.45
CA ASP B 97 1.03 37.53 -7.77
C ASP B 97 0.16 37.44 -9.03
N PRO B 98 0.36 36.41 -9.89
CA PRO B 98 -0.55 36.08 -10.99
C PRO B 98 -1.93 35.82 -10.40
N PRO B 99 -3.07 36.07 -11.06
CA PRO B 99 -3.11 36.61 -12.41
C PRO B 99 -2.91 38.13 -12.52
N ASP B 100 -3.02 38.87 -11.44
CA ASP B 100 -2.86 40.37 -11.51
C ASP B 100 -1.45 40.71 -12.00
N HIS B 101 -0.45 39.93 -11.59
CA HIS B 101 0.95 40.17 -12.03
C HIS B 101 1.00 40.11 -13.57
N THR B 102 0.35 39.10 -14.12
CA THR B 102 0.34 38.78 -15.56
C THR B 102 -0.35 39.92 -16.31
N ARG B 103 -1.49 40.39 -15.85
CA ARG B 103 -2.22 41.51 -16.48
C ARG B 103 -1.34 42.77 -16.44
N LEU B 104 -0.60 43.01 -15.35
CA LEU B 104 0.26 44.22 -15.23
C LEU B 104 1.46 44.10 -16.20
N ARG B 105 2.11 42.94 -16.27
CA ARG B 105 3.28 42.74 -17.17
CA ARG B 105 3.28 42.76 -17.15
C ARG B 105 2.81 42.92 -18.62
N ARG B 106 1.59 42.50 -18.94
CA ARG B 106 1.09 42.59 -20.32
C ARG B 106 0.92 44.05 -20.77
N LEU B 107 0.81 45.03 -19.87
CA LEU B 107 0.79 46.47 -20.28
C LEU B 107 2.02 46.81 -21.12
N VAL B 108 3.15 46.13 -20.94
CA VAL B 108 4.45 46.59 -21.52
CA VAL B 108 4.47 46.59 -21.50
C VAL B 108 5.18 45.42 -22.17
N GLY B 109 4.69 44.20 -22.00
CA GLY B 109 5.39 42.97 -22.40
C GLY B 109 5.80 42.96 -23.87
N LYS B 110 4.90 43.34 -24.77
CA LYS B 110 5.15 43.48 -26.24
CA LYS B 110 5.22 43.35 -26.24
C LYS B 110 6.55 44.08 -26.49
N ALA B 111 6.78 45.25 -25.91
CA ALA B 111 8.01 46.05 -26.12
C ALA B 111 9.23 45.25 -25.69
N PHE B 112 9.11 44.21 -24.86
CA PHE B 112 10.32 43.59 -24.31
C PHE B 112 10.49 42.19 -24.89
N THR B 113 9.62 41.71 -25.78
CA THR B 113 9.83 40.41 -26.45
C THR B 113 11.20 40.46 -27.14
N ALA B 114 11.84 39.31 -27.29
CA ALA B 114 13.19 39.26 -27.88
C ALA B 114 13.14 39.84 -29.31
N ARG B 115 12.00 39.72 -30.00
CA ARG B 115 11.86 40.15 -31.41
C ARG B 115 11.85 41.67 -31.50
N ARG B 116 11.02 42.33 -30.69
CA ARG B 116 10.96 43.82 -30.60
CA ARG B 116 10.97 43.82 -30.61
C ARG B 116 12.32 44.33 -30.14
N VAL B 117 12.95 43.64 -29.21
CA VAL B 117 14.23 44.14 -28.69
C VAL B 117 15.29 44.03 -29.79
N GLU B 118 15.29 42.94 -30.55
CA GLU B 118 16.21 42.76 -31.72
C GLU B 118 16.08 43.93 -32.72
N GLU B 119 14.87 44.44 -32.96
CA GLU B 119 14.64 45.67 -33.80
C GLU B 119 15.37 46.90 -33.26
N MET B 120 15.75 46.91 -31.97
CA MET B 120 16.46 48.06 -31.38
CA MET B 120 16.48 48.02 -31.33
C MET B 120 17.96 47.97 -31.73
N ARG B 121 18.45 46.85 -32.26
CA ARG B 121 19.92 46.68 -32.31
C ARG B 121 20.57 47.80 -33.14
N PRO B 122 20.07 48.19 -34.32
CA PRO B 122 20.70 49.26 -35.08
C PRO B 122 20.83 50.58 -34.31
N ARG B 123 19.77 51.04 -33.65
CA ARG B 123 19.79 52.28 -32.82
C ARG B 123 20.73 52.06 -31.63
N VAL B 124 20.73 50.86 -31.03
CA VAL B 124 21.63 50.63 -29.85
C VAL B 124 23.10 50.65 -30.30
N ARG B 125 23.46 49.97 -31.40
CA ARG B 125 24.83 50.02 -31.98
C ARG B 125 25.25 51.49 -32.25
N SER B 126 24.36 52.29 -32.83
CA SER B 126 24.63 53.68 -33.23
C SER B 126 24.91 54.51 -32.00
N LEU B 127 24.14 54.35 -30.92
CA LEU B 127 24.39 55.06 -29.66
C LEU B 127 25.76 54.63 -29.10
N VAL B 128 26.04 53.34 -29.05
CA VAL B 128 27.35 52.85 -28.53
C VAL B 128 28.50 53.44 -29.35
N ASP B 129 28.41 53.42 -30.69
CA ASP B 129 29.49 53.95 -31.56
C ASP B 129 29.70 55.43 -31.20
N SER B 130 28.61 56.17 -31.07
CA SER B 130 28.70 57.63 -30.88
C SER B 130 29.39 57.89 -29.53
N LEU B 131 29.08 57.12 -28.50
CA LEU B 131 29.61 57.36 -27.15
C LEU B 131 31.10 57.03 -27.18
N LEU B 132 31.46 55.96 -27.88
CA LEU B 132 32.90 55.58 -27.98
C LEU B 132 33.65 56.60 -28.85
N ASP B 133 33.01 57.24 -29.84
CA ASP B 133 33.64 58.38 -30.59
C ASP B 133 34.01 59.45 -29.58
N ASP B 134 33.12 59.81 -28.66
CA ASP B 134 33.40 60.84 -27.61
C ASP B 134 34.60 60.36 -26.78
N MET B 135 34.66 59.09 -26.43
CA MET B 135 35.75 58.61 -25.54
C MET B 135 37.08 58.80 -26.27
N VAL B 136 37.15 58.40 -27.53
CA VAL B 136 38.40 58.47 -28.33
C VAL B 136 38.82 59.93 -28.49
N ALA B 137 37.86 60.84 -28.73
CA ALA B 137 38.08 62.30 -28.84
C ALA B 137 38.67 62.81 -27.51
N HIS B 138 38.23 62.28 -26.36
CA HIS B 138 38.79 62.64 -25.03
C HIS B 138 40.25 62.18 -24.95
N GLY B 139 40.56 60.99 -25.45
CA GLY B 139 41.91 60.41 -25.41
C GLY B 139 42.07 59.53 -24.19
N SER B 140 42.99 58.57 -24.30
CA SER B 140 43.40 57.61 -23.25
C SER B 140 44.35 58.29 -22.28
N PRO B 141 44.30 58.05 -20.95
CA PRO B 141 43.23 57.27 -20.32
C PRO B 141 41.91 58.01 -20.02
N ALA B 142 40.84 57.24 -19.79
CA ALA B 142 39.48 57.81 -19.65
C ALA B 142 38.60 56.84 -18.84
N ASP B 143 37.62 57.45 -18.16
CA ASP B 143 36.65 56.80 -17.26
C ASP B 143 35.57 56.13 -18.10
N LEU B 144 35.60 54.80 -18.20
CA LEU B 144 34.61 54.04 -18.97
C LEU B 144 33.21 54.24 -18.38
N VAL B 145 33.11 54.61 -17.13
CA VAL B 145 31.78 54.82 -16.52
C VAL B 145 31.18 56.11 -17.07
N GLU B 146 31.97 57.18 -17.12
CA GLU B 146 31.44 58.46 -17.64
CA GLU B 146 31.53 58.48 -17.67
C GLU B 146 31.17 58.32 -19.15
N PHE B 147 32.01 57.63 -19.91
CA PHE B 147 31.91 57.63 -21.40
C PHE B 147 30.97 56.55 -21.90
N LEU B 148 30.80 55.42 -21.18
CA LEU B 148 29.99 54.32 -21.72
C LEU B 148 28.99 53.83 -20.69
N ALA B 149 29.44 53.38 -19.51
CA ALA B 149 28.55 52.56 -18.66
C ALA B 149 27.31 53.36 -18.25
N VAL B 150 27.44 54.62 -17.91
CA VAL B 150 26.26 55.43 -17.45
C VAL B 150 25.48 55.90 -18.67
N PRO B 151 26.07 56.66 -19.63
CA PRO B 151 25.24 57.30 -20.67
C PRO B 151 24.45 56.31 -21.57
N PHE B 152 25.04 55.17 -21.89
CA PHE B 152 24.49 54.24 -22.91
C PHE B 152 23.16 53.74 -22.41
N PRO B 153 23.09 53.00 -21.27
CA PRO B 153 21.82 52.41 -20.82
C PRO B 153 20.84 53.51 -20.43
N VAL B 154 21.31 54.65 -19.95
CA VAL B 154 20.32 55.70 -19.57
C VAL B 154 19.71 56.34 -20.82
N ALA B 155 20.44 56.55 -21.90
CA ALA B 155 19.81 57.04 -23.15
C ALA B 155 18.85 55.96 -23.69
N VAL B 156 19.23 54.69 -23.64
CA VAL B 156 18.33 53.67 -24.23
C VAL B 156 16.99 53.68 -23.50
N ILE B 157 16.97 53.61 -22.16
CA ILE B 157 15.71 53.43 -21.42
C ILE B 157 14.91 54.71 -21.54
N CYS B 158 15.57 55.87 -21.52
CA CYS B 158 14.87 57.16 -21.68
C CYS B 158 14.18 57.24 -23.04
N GLU B 159 14.82 56.80 -24.11
CA GLU B 159 14.20 56.78 -25.46
C GLU B 159 13.07 55.74 -25.49
N LEU B 160 13.23 54.57 -24.85
CA LEU B 160 12.17 53.52 -24.89
C LEU B 160 10.90 53.96 -24.15
N LEU B 161 11.02 54.52 -22.94
CA LEU B 161 9.88 54.99 -22.12
C LEU B 161 9.33 56.32 -22.61
N GLY B 162 10.21 57.23 -23.01
CA GLY B 162 9.90 58.64 -23.32
C GLY B 162 10.17 59.54 -22.11
N VAL B 163 11.25 59.27 -21.38
CA VAL B 163 11.69 60.07 -20.20
C VAL B 163 12.69 61.12 -20.68
N PRO B 164 12.47 62.41 -20.44
CA PRO B 164 13.45 63.44 -20.84
C PRO B 164 14.83 63.19 -20.21
N LEU B 165 15.87 63.16 -21.06
CA LEU B 165 17.27 62.93 -20.61
C LEU B 165 17.67 64.04 -19.61
N GLU B 166 17.13 65.25 -19.76
CA GLU B 166 17.47 66.37 -18.85
C GLU B 166 16.99 66.08 -17.42
N ASP B 167 16.11 65.07 -17.20
CA ASP B 167 15.62 64.77 -15.84
C ASP B 167 16.55 63.77 -15.15
N ARG B 168 17.68 63.44 -15.80
CA ARG B 168 18.71 62.49 -15.31
C ARG B 168 19.05 62.76 -13.85
N ASP B 169 19.27 64.02 -13.49
CA ASP B 169 19.70 64.49 -12.15
C ASP B 169 18.78 63.85 -11.11
N LEU B 170 17.49 64.00 -11.35
CA LEU B 170 16.42 63.64 -10.42
C LEU B 170 16.33 62.11 -10.45
N PHE B 171 16.16 61.48 -11.62
CA PHE B 171 15.77 60.04 -11.58
C PHE B 171 16.99 59.14 -11.28
N ARG B 172 18.22 59.56 -11.57
CA ARG B 172 19.42 58.80 -11.13
C ARG B 172 19.58 58.90 -9.60
N THR B 173 19.38 60.07 -8.99
CA THR B 173 19.37 60.20 -7.51
C THR B 173 18.27 59.31 -6.93
N PHE B 174 17.02 59.44 -7.40
CA PHE B 174 15.87 58.63 -6.94
C PHE B 174 16.21 57.15 -7.04
N SER B 175 16.78 56.72 -8.16
CA SER B 175 16.96 55.28 -8.48
C SER B 175 18.01 54.67 -7.52
N ASP B 176 19.12 55.40 -7.31
CA ASP B 176 20.20 54.98 -6.38
C ASP B 176 19.64 54.84 -4.96
N ALA B 177 18.91 55.83 -4.49
CA ALA B 177 18.24 55.82 -3.17
C ALA B 177 17.36 54.57 -3.03
N MET B 178 16.58 54.22 -4.04
CA MET B 178 15.58 53.12 -4.01
CA MET B 178 15.60 53.12 -3.86
C MET B 178 16.30 51.77 -3.96
N LEU B 179 17.53 51.74 -4.45
CA LEU B 179 18.40 50.54 -4.44
C LEU B 179 19.30 50.50 -3.20
N SER B 180 19.05 51.29 -2.16
CA SER B 180 19.89 51.40 -0.92
CA SER B 180 19.95 51.35 -0.99
C SER B 180 19.71 50.16 -0.05
N SER B 181 20.80 49.55 0.43
CA SER B 181 20.77 48.47 1.46
C SER B 181 20.91 49.14 2.83
N THR B 182 22.01 49.87 3.07
CA THR B 182 22.37 50.41 4.41
C THR B 182 22.52 51.94 4.36
N ARG B 183 22.60 52.55 3.19
CA ARG B 183 22.99 53.96 2.97
C ARG B 183 22.01 54.92 3.62
N LEU B 184 20.71 54.62 3.58
CA LEU B 184 19.61 55.56 3.92
C LEU B 184 18.63 54.88 4.85
N THR B 185 17.82 55.66 5.55
CA THR B 185 16.70 55.14 6.37
C THR B 185 15.45 54.91 5.53
N ALA B 186 14.49 54.19 6.11
CA ALA B 186 13.17 53.91 5.52
C ALA B 186 12.47 55.22 5.19
N ALA B 187 12.48 56.14 6.14
CA ALA B 187 11.82 57.46 6.06
C ALA B 187 12.32 58.21 4.81
N GLU B 188 13.62 58.16 4.60
CA GLU B 188 14.37 58.81 3.51
C GLU B 188 13.99 58.13 2.19
N ILE B 189 14.02 56.78 2.13
CA ILE B 189 13.63 56.05 0.90
C ILE B 189 12.15 56.29 0.62
N GLN B 190 11.29 56.33 1.63
CA GLN B 190 9.83 56.57 1.48
CA GLN B 190 9.84 56.53 1.41
C GLN B 190 9.62 57.92 0.80
N ARG B 191 10.35 58.95 1.23
CA ARG B 191 10.23 60.32 0.66
CA ARG B 191 10.19 60.30 0.65
C ARG B 191 10.62 60.26 -0.82
N VAL B 192 11.74 59.59 -1.14
CA VAL B 192 12.18 59.41 -2.55
C VAL B 192 11.12 58.65 -3.35
N GLN B 193 10.56 57.56 -2.83
CA GLN B 193 9.54 56.77 -3.57
CA GLN B 193 9.56 56.78 -3.62
C GLN B 193 8.35 57.68 -3.90
N GLN B 194 7.89 58.46 -2.92
CA GLN B 194 6.71 59.36 -3.09
CA GLN B 194 6.72 59.36 -3.09
C GLN B 194 7.04 60.39 -4.18
N ASP B 195 8.22 61.02 -4.11
CA ASP B 195 8.65 62.04 -5.11
C ASP B 195 8.76 61.38 -6.49
N PHE B 196 9.30 60.16 -6.55
CA PHE B 196 9.46 59.41 -7.82
C PHE B 196 8.07 59.12 -8.38
N MET B 197 7.14 58.73 -7.52
CA MET B 197 5.78 58.35 -7.99
C MET B 197 5.13 59.60 -8.60
N VAL B 198 5.23 60.73 -7.92
CA VAL B 198 4.70 62.05 -8.41
C VAL B 198 5.33 62.41 -9.75
N TYR B 199 6.65 62.28 -9.90
CA TYR B 199 7.37 62.56 -11.17
C TYR B 199 6.83 61.67 -12.28
N MET B 200 6.75 60.36 -12.03
CA MET B 200 6.33 59.40 -13.08
C MET B 200 4.84 59.58 -13.38
N ASP B 201 4.00 59.87 -12.37
CA ASP B 201 2.55 60.14 -12.56
C ASP B 201 2.38 61.31 -13.55
N GLY B 202 3.23 62.35 -13.49
CA GLY B 202 3.25 63.47 -14.43
C GLY B 202 3.57 62.98 -15.82
N LEU B 203 4.67 62.23 -15.98
CA LEU B 203 5.05 61.69 -17.30
C LEU B 203 3.88 60.92 -17.90
N VAL B 204 3.18 60.06 -17.15
CA VAL B 204 2.14 59.20 -17.78
CA VAL B 204 2.12 59.20 -17.76
C VAL B 204 0.91 60.07 -18.12
N ALA B 205 0.47 60.91 -17.19
CA ALA B 205 -0.78 61.70 -17.29
C ALA B 205 -0.78 62.58 -18.55
N GLN B 206 0.38 63.10 -18.92
CA GLN B 206 0.48 64.05 -20.06
C GLN B 206 0.38 63.29 -21.39
N ARG B 207 0.28 61.95 -21.38
CA ARG B 207 0.12 61.12 -22.60
C ARG B 207 -1.33 60.59 -22.70
N ARG B 208 -2.23 61.04 -21.82
CA ARG B 208 -3.66 60.60 -21.84
C ARG B 208 -4.42 61.34 -22.96
N ASP B 209 -4.01 62.57 -23.30
CA ASP B 209 -4.60 63.41 -24.38
C ASP B 209 -3.67 63.44 -25.60
N ALA B 210 -2.35 63.23 -25.40
CA ALA B 210 -1.30 63.17 -26.46
C ALA B 210 -0.84 61.72 -26.62
N PRO B 211 -1.64 60.84 -27.27
CA PRO B 211 -1.45 59.39 -27.19
C PRO B 211 -0.20 58.91 -27.96
N THR B 212 0.93 58.86 -27.26
CA THR B 212 2.31 58.77 -27.85
C THR B 212 2.60 57.37 -28.36
N GLU B 213 3.74 57.23 -29.04
CA GLU B 213 4.40 55.94 -29.34
C GLU B 213 5.69 55.91 -28.52
N ASP B 214 5.56 55.57 -27.24
CA ASP B 214 6.67 55.24 -26.31
C ASP B 214 6.01 54.48 -25.18
N LEU B 215 6.77 53.81 -24.32
CA LEU B 215 6.21 52.83 -23.38
C LEU B 215 5.31 53.52 -22.38
N LEU B 216 5.64 54.74 -21.99
CA LEU B 216 4.80 55.49 -21.01
C LEU B 216 3.42 55.75 -21.65
N GLY B 217 3.34 55.86 -22.98
CA GLY B 217 2.08 55.93 -23.74
C GLY B 217 1.18 54.71 -23.53
N ALA B 218 1.77 53.50 -23.49
CA ALA B 218 1.05 52.25 -23.15
C ALA B 218 0.51 52.34 -21.72
N LEU B 219 1.32 52.86 -20.80
CA LEU B 219 0.90 52.98 -19.38
C LEU B 219 -0.28 53.95 -19.29
N ALA B 220 -0.27 55.05 -20.04
CA ALA B 220 -1.31 56.11 -19.96
C ALA B 220 -2.65 55.56 -20.46
N LEU B 221 -2.63 54.85 -21.59
CA LEU B 221 -3.81 54.15 -22.19
CA LEU B 221 -3.85 54.21 -22.17
C LEU B 221 -4.50 53.25 -21.15
N ALA B 222 -3.73 52.64 -20.25
CA ALA B 222 -4.26 51.66 -19.28
C ALA B 222 -4.90 52.35 -18.07
N THR B 223 -4.40 53.54 -17.71
CA THR B 223 -5.04 54.38 -16.66
C THR B 223 -6.45 54.76 -17.14
N ASP B 224 -6.63 55.00 -18.44
CA ASP B 224 -7.93 55.44 -19.01
CA ASP B 224 -7.92 55.42 -19.06
C ASP B 224 -8.94 54.27 -18.96
N ASN B 225 -8.54 53.06 -19.39
CA ASN B 225 -9.43 51.86 -19.52
CA ASN B 225 -9.44 51.87 -19.47
C ASN B 225 -8.78 50.67 -18.79
N ASP B 226 -9.14 50.39 -17.52
CA ASP B 226 -8.73 49.14 -16.82
C ASP B 226 -9.55 48.88 -15.56
N ASP B 227 -9.77 47.59 -15.24
CA ASP B 227 -10.74 47.10 -14.23
C ASP B 227 -10.09 46.13 -13.21
N HIS B 228 -8.82 45.74 -13.38
CA HIS B 228 -8.05 44.98 -12.34
C HIS B 228 -6.92 45.83 -11.77
N LEU B 229 -6.40 46.78 -12.54
CA LEU B 229 -5.14 47.51 -12.19
C LEU B 229 -5.44 48.96 -11.77
N THR B 230 -4.94 49.34 -10.61
CA THR B 230 -5.02 50.73 -10.07
C THR B 230 -4.02 51.65 -10.78
N LYS B 231 -4.29 52.95 -10.78
CA LYS B 231 -3.33 53.98 -11.27
C LYS B 231 -1.99 53.79 -10.54
N GLY B 232 -2.00 53.51 -9.23
CA GLY B 232 -0.74 53.33 -8.48
C GLY B 232 0.13 52.23 -9.09
N GLU B 233 -0.47 51.09 -9.45
CA GLU B 233 0.24 49.91 -10.00
C GLU B 233 0.78 50.29 -11.38
N ILE B 234 -0.02 50.98 -12.16
CA ILE B 234 0.38 51.31 -13.55
C ILE B 234 1.55 52.27 -13.52
N VAL B 235 1.47 53.33 -12.71
CA VAL B 235 2.54 54.37 -12.59
C VAL B 235 3.78 53.71 -11.97
N ASN B 236 3.61 52.88 -10.94
CA ASN B 236 4.76 52.20 -10.29
C ASN B 236 5.52 51.33 -11.30
N MET B 237 4.86 50.69 -12.26
CA MET B 237 5.59 49.95 -13.31
C MET B 237 6.53 50.90 -14.07
N GLY B 238 6.10 52.13 -14.41
CA GLY B 238 7.00 53.06 -15.10
C GLY B 238 8.24 53.33 -14.24
N VAL B 239 8.05 53.52 -12.94
CA VAL B 239 9.16 53.69 -11.97
C VAL B 239 10.08 52.49 -12.10
N SER B 240 9.52 51.26 -12.04
CA SER B 240 10.33 50.02 -12.07
C SER B 240 11.13 49.94 -13.35
N LEU B 241 10.53 50.25 -14.50
CA LEU B 241 11.25 50.11 -15.77
C LEU B 241 12.38 51.16 -15.82
N LEU B 242 12.10 52.37 -15.35
CA LEU B 242 13.10 53.45 -15.39
C LEU B 242 14.27 53.07 -14.45
N ILE B 243 14.00 52.57 -13.24
CA ILE B 243 15.08 52.19 -12.30
C ILE B 243 15.86 51.04 -12.90
N ALA B 244 15.20 49.91 -13.17
CA ALA B 244 15.84 48.65 -13.58
C ALA B 244 16.56 48.87 -14.92
N GLY B 245 15.95 49.65 -15.79
CA GLY B 245 16.43 49.82 -17.15
C GLY B 245 17.80 50.44 -17.23
N HIS B 246 18.24 51.25 -16.27
CA HIS B 246 19.64 51.75 -16.28
CA HIS B 246 19.64 51.74 -16.28
C HIS B 246 20.45 51.10 -15.17
N GLU B 247 19.89 50.95 -13.95
CA GLU B 247 20.71 50.49 -12.78
C GLU B 247 21.38 49.15 -13.04
N THR B 248 20.69 48.21 -13.70
CA THR B 248 21.25 46.86 -13.94
C THR B 248 22.38 46.99 -14.95
N SER B 249 22.07 47.50 -16.14
CA SER B 249 23.01 47.54 -17.28
C SER B 249 24.20 48.45 -16.99
N VAL B 250 23.95 49.59 -16.35
CA VAL B 250 25.07 50.52 -15.97
C VAL B 250 26.07 49.71 -15.15
N ASN B 251 25.59 48.97 -14.17
CA ASN B 251 26.48 48.25 -13.24
C ASN B 251 27.09 47.05 -13.95
N GLN B 252 26.28 46.27 -14.70
CA GLN B 252 26.80 45.04 -15.37
C GLN B 252 27.82 45.38 -16.45
N ILE B 253 27.74 46.55 -17.11
CA ILE B 253 28.82 46.94 -18.06
C ILE B 253 30.13 47.04 -17.24
N THR B 254 30.13 47.68 -16.08
CA THR B 254 31.38 47.76 -15.28
C THR B 254 31.80 46.37 -14.80
N ASN B 255 30.85 45.53 -14.44
CA ASN B 255 31.17 44.21 -13.87
C ASN B 255 31.85 43.37 -14.96
N LEU B 256 31.24 43.32 -16.14
CA LEU B 256 31.73 42.47 -17.26
C LEU B 256 33.11 42.97 -17.68
N VAL B 257 33.30 44.28 -17.86
CA VAL B 257 34.64 44.84 -18.22
C VAL B 257 35.60 44.49 -17.08
N HIS B 258 35.18 44.57 -15.81
CA HIS B 258 36.06 44.24 -14.65
C HIS B 258 36.59 42.81 -14.82
N LEU B 259 35.67 41.85 -15.08
CA LEU B 259 36.05 40.43 -15.20
C LEU B 259 36.98 40.26 -16.40
N LEU B 260 36.71 40.94 -17.52
CA LEU B 260 37.49 40.77 -18.77
C LEU B 260 38.90 41.34 -18.60
N LEU B 261 39.06 42.45 -17.88
CA LEU B 261 40.38 43.13 -17.86
C LEU B 261 41.21 42.65 -16.66
N THR B 262 40.64 42.08 -15.60
CA THR B 262 41.46 41.62 -14.44
C THR B 262 42.13 40.29 -14.77
N GLU B 263 41.57 39.48 -15.68
CA GLU B 263 42.31 38.36 -16.33
C GLU B 263 42.25 38.60 -17.84
N ARG B 264 43.24 39.31 -18.40
CA ARG B 264 43.12 39.91 -19.75
CA ARG B 264 43.11 39.92 -19.75
C ARG B 264 42.96 38.82 -20.82
N LYS B 265 43.35 37.59 -20.52
CA LYS B 265 43.19 36.49 -21.51
CA LYS B 265 43.17 36.38 -21.38
C LYS B 265 41.71 36.31 -21.85
N ARG B 266 40.79 36.67 -20.95
CA ARG B 266 39.33 36.73 -21.21
C ARG B 266 39.06 37.75 -22.32
N TYR B 267 39.51 38.98 -22.10
CA TYR B 267 39.35 40.09 -23.10
C TYR B 267 39.97 39.62 -24.41
N GLU B 268 41.17 39.04 -24.32
CA GLU B 268 41.99 38.62 -25.50
C GLU B 268 41.24 37.56 -26.31
N SER B 269 40.55 36.65 -25.63
CA SER B 269 39.77 35.60 -26.32
C SER B 269 38.64 36.26 -27.11
N LEU B 270 38.05 37.37 -26.64
CA LEU B 270 36.92 38.02 -27.36
C LEU B 270 37.49 38.85 -28.54
N VAL B 271 38.65 39.49 -28.34
CA VAL B 271 39.39 40.24 -29.38
C VAL B 271 39.72 39.32 -30.56
N ALA B 272 40.15 38.08 -30.29
CA ALA B 272 40.41 37.03 -31.32
C ALA B 272 39.12 36.61 -32.05
N ASP B 273 37.99 36.59 -31.35
CA ASP B 273 36.73 35.96 -31.83
C ASP B 273 35.55 36.78 -31.30
N PRO B 274 35.24 37.93 -31.92
CA PRO B 274 34.12 38.74 -31.46
C PRO B 274 32.76 38.03 -31.51
N ALA B 275 32.65 36.93 -32.26
CA ALA B 275 31.41 36.14 -32.41
C ALA B 275 31.17 35.38 -31.10
N LEU B 276 32.20 35.24 -30.26
CA LEU B 276 32.12 34.60 -28.93
C LEU B 276 31.38 35.52 -27.92
N VAL B 277 31.22 36.82 -28.20
CA VAL B 277 30.70 37.79 -27.19
C VAL B 277 29.35 37.36 -26.62
N PRO B 278 28.32 36.93 -27.40
CA PRO B 278 27.03 36.53 -26.82
C PRO B 278 27.16 35.40 -25.77
N ALA B 279 27.94 34.35 -26.04
CA ALA B 279 28.17 33.26 -25.06
C ALA B 279 28.92 33.84 -23.86
N ALA B 280 29.91 34.69 -24.09
CA ALA B 280 30.71 35.32 -23.00
C ALA B 280 29.79 36.16 -22.12
N VAL B 281 28.85 36.90 -22.70
CA VAL B 281 27.82 37.63 -21.91
C VAL B 281 26.99 36.66 -21.02
N GLU B 282 26.48 35.56 -21.55
CA GLU B 282 25.73 34.57 -20.71
C GLU B 282 26.64 34.10 -19.56
N GLU B 283 27.90 33.82 -19.80
CA GLU B 283 28.76 33.25 -18.73
C GLU B 283 29.01 34.31 -17.66
N MET B 284 29.29 35.56 -18.05
CA MET B 284 29.60 36.60 -17.04
C MET B 284 28.31 36.96 -16.27
N LEU B 285 27.16 36.89 -16.92
CA LEU B 285 25.85 37.02 -16.22
C LEU B 285 25.75 35.92 -15.13
N ARG B 286 25.95 34.65 -15.47
CA ARG B 286 25.95 33.54 -14.47
C ARG B 286 26.91 33.88 -13.31
N TYR B 287 28.12 34.30 -13.64
CA TYR B 287 29.27 34.37 -12.72
C TYR B 287 29.23 35.60 -11.81
N THR B 288 28.38 36.59 -12.10
CA THR B 288 28.43 37.93 -11.49
C THR B 288 27.28 38.12 -10.51
N PRO B 289 27.59 38.38 -9.23
CA PRO B 289 26.60 38.79 -8.25
C PRO B 289 26.20 40.25 -8.45
N LEU B 290 25.39 40.54 -9.46
CA LEU B 290 24.84 41.90 -9.62
C LEU B 290 24.01 42.21 -8.38
N VAL B 291 23.15 41.26 -8.01
CA VAL B 291 22.36 41.38 -6.75
C VAL B 291 23.33 40.96 -5.67
N SER B 292 23.66 41.88 -4.76
CA SER B 292 24.81 41.70 -3.82
CA SER B 292 24.82 41.68 -3.84
C SER B 292 24.51 40.51 -2.90
N ALA B 293 23.28 40.42 -2.39
CA ALA B 293 22.82 39.38 -1.44
C ALA B 293 21.32 39.19 -1.53
N GLY B 294 20.85 37.94 -1.51
CA GLY B 294 19.42 37.75 -1.26
C GLY B 294 18.58 38.19 -2.44
N SER B 295 17.30 38.44 -2.15
CA SER B 295 16.24 38.60 -3.19
C SER B 295 15.03 39.22 -2.50
N PHE B 296 14.10 39.64 -3.29
CA PHE B 296 12.74 39.89 -2.82
C PHE B 296 12.22 38.57 -2.25
N VAL B 297 11.45 38.64 -1.18
CA VAL B 297 11.09 37.44 -0.36
C VAL B 297 9.87 36.72 -0.97
N ARG B 298 9.92 35.40 -1.00
CA ARG B 298 8.79 34.49 -1.32
C ARG B 298 8.28 33.86 -0.01
N VAL B 299 7.00 34.07 0.28
CA VAL B 299 6.28 33.48 1.44
C VAL B 299 5.45 32.30 0.92
N ALA B 300 5.69 31.12 1.47
CA ALA B 300 4.94 29.90 1.10
C ALA B 300 3.48 30.11 1.50
N THR B 301 2.54 29.78 0.63
CA THR B 301 1.08 29.88 0.91
C THR B 301 0.51 28.48 1.19
N GLU B 302 1.32 27.44 0.98
CA GLU B 302 1.09 26.03 1.39
C GLU B 302 2.45 25.42 1.70
N ASP B 303 2.49 24.22 2.26
CA ASP B 303 3.76 23.49 2.48
C ASP B 303 4.43 23.20 1.13
N VAL B 304 5.73 23.42 1.06
CA VAL B 304 6.51 23.13 -0.15
C VAL B 304 7.76 22.38 0.24
N GLU B 305 7.98 21.29 -0.47
CA GLU B 305 9.13 20.39 -0.23
C GLU B 305 10.33 20.91 -1.00
N LEU B 306 11.37 21.29 -0.29
CA LEU B 306 12.66 21.65 -0.91
C LEU B 306 13.59 20.44 -0.81
N SER B 307 14.83 20.56 -1.23
CA SER B 307 15.73 19.39 -1.23
C SER B 307 15.90 18.79 0.17
N THR B 308 16.08 19.61 1.20
CA THR B 308 16.34 19.07 2.56
C THR B 308 15.28 19.49 3.57
N VAL B 309 14.30 20.30 3.19
CA VAL B 309 13.29 20.74 4.18
C VAL B 309 11.94 20.92 3.52
N THR B 310 10.91 20.86 4.33
CA THR B 310 9.57 21.19 3.84
C THR B 310 9.25 22.55 4.44
N VAL B 311 9.20 23.58 3.61
CA VAL B 311 8.84 24.95 4.05
C VAL B 311 7.35 24.94 4.38
N ARG B 312 6.96 25.50 5.52
CA ARG B 312 5.54 25.58 5.93
CA ARG B 312 5.55 25.59 5.95
C ARG B 312 4.89 26.82 5.32
N ALA B 313 3.57 26.74 5.13
CA ALA B 313 2.67 27.89 4.80
C ALA B 313 2.94 29.03 5.79
N GLY B 314 3.32 30.23 5.31
CA GLY B 314 3.62 31.34 6.21
C GLY B 314 5.11 31.57 6.34
N GLU B 315 5.95 30.63 5.95
CA GLU B 315 7.41 30.84 6.18
C GLU B 315 7.98 31.55 4.97
N PRO B 316 8.78 32.61 5.21
CA PRO B 316 9.45 33.35 4.14
C PRO B 316 10.78 32.74 3.72
N CYS B 317 11.05 32.83 2.43
CA CYS B 317 12.28 32.34 1.76
C CYS B 317 12.95 33.47 0.95
N VAL B 318 14.25 33.34 0.74
CA VAL B 318 15.10 34.31 0.01
C VAL B 318 16.10 33.46 -0.75
N VAL B 319 16.41 33.83 -1.97
CA VAL B 319 17.36 33.14 -2.86
C VAL B 319 18.59 34.00 -3.01
N HIS B 320 19.73 33.36 -3.18
CA HIS B 320 20.93 34.10 -3.65
C HIS B 320 21.17 33.65 -5.07
N PHE B 321 20.80 34.49 -6.05
CA PHE B 321 20.86 34.12 -7.48
C PHE B 321 22.28 33.66 -7.78
N ALA B 322 23.27 34.38 -7.27
CA ALA B 322 24.69 34.12 -7.63
C ALA B 322 25.17 32.76 -7.08
N SER B 323 24.66 32.34 -5.90
CA SER B 323 24.96 30.98 -5.35
C SER B 323 24.31 29.93 -6.24
N ALA B 324 23.02 30.04 -6.57
CA ALA B 324 22.37 29.09 -7.52
C ALA B 324 23.23 28.96 -8.77
N ASN B 325 23.80 30.09 -9.24
CA ASN B 325 24.60 30.15 -10.49
C ASN B 325 26.01 29.54 -10.28
N ARG B 326 26.42 29.17 -9.07
CA ARG B 326 27.70 28.43 -8.81
CA ARG B 326 27.70 28.42 -8.87
C ARG B 326 27.38 26.97 -8.45
N ASP B 327 26.15 26.52 -8.69
CA ASP B 327 25.72 25.16 -8.25
C ASP B 327 26.52 24.10 -9.02
N GLU B 328 27.34 23.35 -8.30
CA GLU B 328 28.29 22.36 -8.90
C GLU B 328 27.53 21.16 -9.48
N GLU B 329 26.28 20.92 -9.09
CA GLU B 329 25.48 19.83 -9.71
CA GLU B 329 25.41 19.86 -9.69
C GLU B 329 25.03 20.28 -11.12
N VAL B 330 24.99 21.59 -11.38
CA VAL B 330 24.43 22.12 -12.67
C VAL B 330 25.56 22.47 -13.63
N PHE B 331 26.60 23.13 -13.17
CA PHE B 331 27.66 23.60 -14.07
C PHE B 331 28.95 22.86 -13.73
N ASP B 332 29.62 22.30 -14.75
CA ASP B 332 30.98 21.77 -14.58
C ASP B 332 31.89 22.94 -14.21
N HIS B 333 32.85 22.71 -13.33
CA HIS B 333 33.84 23.71 -12.88
C HIS B 333 33.15 25.07 -12.78
N ALA B 334 32.12 25.13 -11.93
CA ALA B 334 31.19 26.26 -11.73
C ALA B 334 31.93 27.53 -11.29
N ASP B 335 33.02 27.39 -10.50
CA ASP B 335 33.77 28.58 -10.01
CA ASP B 335 33.87 28.48 -9.97
C ASP B 335 34.77 29.04 -11.09
N GLU B 336 34.72 28.48 -12.30
CA GLU B 336 35.59 29.00 -13.41
C GLU B 336 34.74 29.68 -14.51
N LEU B 337 35.23 30.83 -15.00
CA LEU B 337 34.65 31.55 -16.15
C LEU B 337 35.04 30.86 -17.45
N ASP B 338 34.07 30.30 -18.18
CA ASP B 338 34.22 29.42 -19.38
C ASP B 338 33.24 29.88 -20.47
N PHE B 339 33.77 30.48 -21.54
CA PHE B 339 33.00 31.09 -22.64
C PHE B 339 32.63 30.05 -23.71
N HIS B 340 33.04 28.79 -23.52
CA HIS B 340 32.82 27.66 -24.44
C HIS B 340 31.93 26.58 -23.79
N ARG B 341 31.08 26.96 -22.85
CA ARG B 341 30.15 26.05 -22.14
C ARG B 341 29.06 25.57 -23.12
N GLU B 342 28.75 24.27 -23.12
CA GLU B 342 27.76 23.66 -24.03
CA GLU B 342 27.77 23.72 -24.07
C GLU B 342 26.38 24.21 -23.65
N ARG B 343 26.07 24.14 -22.36
CA ARG B 343 24.78 24.58 -21.77
C ARG B 343 25.06 25.60 -20.67
N ASN B 344 24.25 26.65 -20.58
CA ASN B 344 24.39 27.64 -19.49
C ASN B 344 23.01 27.99 -18.93
N PRO B 345 22.37 27.10 -18.14
CA PRO B 345 21.00 27.35 -17.65
C PRO B 345 21.02 28.23 -16.40
N HIS B 346 21.66 29.39 -16.46
CA HIS B 346 21.80 30.30 -15.30
C HIS B 346 20.45 30.93 -14.97
N ILE B 347 20.34 31.48 -13.77
CA ILE B 347 19.15 32.29 -13.37
C ILE B 347 19.63 33.69 -12.99
N ALA B 348 20.56 34.28 -13.74
CA ALA B 348 21.00 35.69 -13.58
C ALA B 348 19.82 36.64 -13.72
N PHE B 349 18.79 36.24 -14.46
CA PHE B 349 17.56 37.02 -14.72
C PHE B 349 16.38 36.45 -13.93
N GLY B 350 16.66 35.61 -12.93
CA GLY B 350 15.55 35.04 -12.16
C GLY B 350 14.86 33.91 -12.92
N HIS B 351 13.62 33.62 -12.57
CA HIS B 351 12.91 32.38 -12.95
C HIS B 351 11.44 32.53 -12.55
N GLY B 352 10.56 31.89 -13.29
CA GLY B 352 9.13 31.89 -12.95
C GLY B 352 8.48 33.21 -13.30
N ALA B 353 7.42 33.56 -12.60
CA ALA B 353 6.51 34.65 -13.01
C ALA B 353 7.30 35.95 -13.13
N HIS B 354 8.22 36.23 -12.19
CA HIS B 354 8.98 37.50 -12.08
C HIS B 354 10.29 37.43 -12.88
N HIS B 355 10.53 36.41 -13.67
CA HIS B 355 11.67 36.40 -14.62
C HIS B 355 11.84 37.79 -15.26
N CYS B 356 13.05 38.32 -15.26
CA CYS B 356 13.37 39.69 -15.74
C CYS B 356 12.64 40.01 -17.04
N ILE B 357 11.75 40.98 -16.97
CA ILE B 357 11.04 41.45 -18.19
C ILE B 357 12.06 42.09 -19.13
N GLY B 358 13.14 42.65 -18.61
CA GLY B 358 14.11 43.37 -19.45
C GLY B 358 15.22 42.46 -19.93
N ALA B 359 15.08 41.14 -19.86
CA ALA B 359 16.27 40.25 -20.00
C ALA B 359 16.87 40.41 -21.40
N GLN B 360 16.04 40.58 -22.42
CA GLN B 360 16.53 40.62 -23.83
C GLN B 360 17.24 41.95 -24.06
N LEU B 361 16.70 43.03 -23.49
CA LEU B 361 17.30 44.35 -23.62
C LEU B 361 18.63 44.40 -22.87
N GLY B 362 18.68 43.87 -21.64
CA GLY B 362 19.97 43.69 -20.94
C GLY B 362 21.00 42.96 -21.78
N ARG B 363 20.64 41.81 -22.36
CA ARG B 363 21.53 41.02 -23.23
C ARG B 363 22.01 41.89 -24.41
N LEU B 364 21.09 42.58 -25.06
CA LEU B 364 21.41 43.38 -26.27
C LEU B 364 22.44 44.45 -25.89
N GLU B 365 22.15 45.22 -24.83
CA GLU B 365 23.06 46.31 -24.41
C GLU B 365 24.44 45.71 -24.09
N LEU B 366 24.50 44.58 -23.36
CA LEU B 366 25.81 44.05 -22.91
C LEU B 366 26.52 43.49 -24.16
N GLN B 367 25.79 42.85 -25.05
CA GLN B 367 26.37 42.37 -26.35
C GLN B 367 26.95 43.57 -27.13
N GLU B 368 26.16 44.61 -27.37
CA GLU B 368 26.58 45.71 -28.28
C GLU B 368 27.73 46.50 -27.64
N ALA B 369 27.72 46.68 -26.31
CA ALA B 369 28.78 47.41 -25.56
C ALA B 369 30.08 46.64 -25.65
N LEU B 370 30.07 45.34 -25.38
CA LEU B 370 31.33 44.56 -25.32
CA LEU B 370 31.30 44.51 -25.33
C LEU B 370 31.84 44.27 -26.75
N SER B 371 30.93 43.97 -27.69
CA SER B 371 31.28 43.73 -29.13
C SER B 371 32.00 44.96 -29.67
N ALA B 372 31.52 46.17 -29.38
CA ALA B 372 32.14 47.43 -29.88
C ALA B 372 33.53 47.60 -29.24
N LEU B 373 33.71 47.33 -27.94
CA LEU B 373 35.01 47.48 -27.23
C LEU B 373 36.05 46.54 -27.82
N VAL B 374 35.72 45.27 -27.96
CA VAL B 374 36.68 44.20 -28.35
CA VAL B 374 36.71 44.22 -28.34
C VAL B 374 37.14 44.42 -29.80
N ARG B 375 36.25 44.99 -30.64
CA ARG B 375 36.54 45.20 -32.09
C ARG B 375 37.36 46.48 -32.26
N ARG B 376 37.02 47.55 -31.55
CA ARG B 376 37.62 48.90 -31.73
C ARG B 376 38.83 49.11 -30.80
N PHE B 377 38.86 48.52 -29.60
CA PHE B 377 39.96 48.76 -28.63
C PHE B 377 40.59 47.43 -28.23
N PRO B 378 41.31 46.75 -29.15
CA PRO B 378 41.98 45.48 -28.82
C PRO B 378 43.09 45.63 -27.78
N THR B 379 43.56 46.85 -27.58
CA THR B 379 44.62 47.21 -26.60
C THR B 379 43.98 47.65 -25.29
N LEU B 380 42.66 47.55 -25.11
CA LEU B 380 41.98 48.08 -23.89
C LEU B 380 42.63 47.49 -22.64
N ASP B 381 42.89 48.29 -21.62
CA ASP B 381 43.40 47.80 -20.31
C ASP B 381 42.90 48.70 -19.19
N LEU B 382 42.81 48.13 -17.99
CA LEU B 382 42.53 48.87 -16.73
C LEU B 382 43.72 49.78 -16.46
N ALA B 383 43.50 51.05 -16.07
CA ALA B 383 44.55 52.10 -15.90
C ALA B 383 44.35 52.79 -14.55
N GLU B 384 43.78 52.10 -13.57
CA GLU B 384 43.84 52.50 -12.16
C GLU B 384 44.08 51.22 -11.38
N PRO B 385 44.73 51.26 -10.20
CA PRO B 385 45.07 50.03 -9.49
C PRO B 385 43.79 49.28 -9.10
N VAL B 386 43.87 47.96 -9.20
CA VAL B 386 42.74 47.04 -8.87
C VAL B 386 42.34 47.29 -7.41
N ALA B 387 43.31 47.56 -6.52
CA ALA B 387 43.06 47.73 -5.06
C ALA B 387 42.34 49.06 -4.80
N GLY B 388 42.47 50.05 -5.67
CA GLY B 388 41.83 51.36 -5.48
C GLY B 388 40.41 51.42 -6.02
N LEU B 389 39.91 50.38 -6.68
CA LEU B 389 38.62 50.46 -7.44
C LEU B 389 37.49 50.87 -6.50
N LYS B 390 36.65 51.78 -6.94
CA LYS B 390 35.55 52.37 -6.14
CA LYS B 390 35.55 52.38 -6.16
C LYS B 390 34.28 51.55 -6.34
N TRP B 391 34.24 50.33 -5.78
CA TRP B 391 33.02 49.48 -5.71
C TRP B 391 31.95 50.25 -4.98
N LYS B 392 30.72 50.25 -5.47
CA LYS B 392 29.60 50.95 -4.79
C LYS B 392 29.33 50.24 -3.48
N GLN B 393 28.92 50.98 -2.45
CA GLN B 393 28.77 50.45 -1.06
C GLN B 393 27.37 50.80 -0.57
N GLY B 394 26.73 49.87 0.12
CA GLY B 394 25.44 50.16 0.75
C GLY B 394 24.32 50.13 -0.25
N MET B 395 24.49 49.38 -1.35
CA MET B 395 23.39 49.18 -2.32
CA MET B 395 23.46 49.17 -2.38
C MET B 395 23.03 47.70 -2.41
N LEU B 396 21.80 47.42 -2.86
CA LEU B 396 21.32 46.04 -3.11
C LEU B 396 22.05 45.42 -4.30
N ILE B 397 22.73 46.25 -5.10
CA ILE B 397 23.44 45.75 -6.31
C ILE B 397 24.89 46.20 -6.24
N ARG B 398 25.74 45.52 -6.98
CA ARG B 398 27.19 45.81 -7.09
C ARG B 398 27.55 46.38 -8.46
N GLY B 399 28.52 47.28 -8.45
CA GLY B 399 29.16 47.83 -9.65
C GLY B 399 30.20 48.91 -9.30
N LEU B 400 30.90 49.46 -10.31
CA LEU B 400 32.00 50.44 -10.09
C LEU B 400 31.49 51.85 -10.31
N GLU B 401 31.91 52.77 -9.43
CA GLU B 401 31.58 54.21 -9.51
C GLU B 401 32.45 54.84 -10.58
N ARG B 402 33.58 54.19 -10.90
CA ARG B 402 34.71 54.70 -11.73
CA ARG B 402 34.63 54.69 -11.82
C ARG B 402 35.43 53.50 -12.33
N GLN B 403 35.88 53.57 -13.58
CA GLN B 403 36.66 52.49 -14.25
C GLN B 403 37.54 53.14 -15.31
N ILE B 404 38.72 53.57 -14.90
CA ILE B 404 39.63 54.28 -15.83
C ILE B 404 40.34 53.22 -16.66
N VAL B 405 40.26 53.36 -17.98
CA VAL B 405 40.86 52.40 -18.95
C VAL B 405 41.82 53.15 -19.87
N SER B 406 42.84 52.43 -20.35
CA SER B 406 43.75 52.92 -21.40
C SER B 406 43.53 52.09 -22.65
N TRP B 407 43.89 52.63 -23.81
CA TRP B 407 43.99 51.86 -25.07
C TRP B 407 45.16 52.43 -25.87
N ALA C 11 14.52 12.95 66.28
CA ALA C 11 14.33 13.29 64.83
C ALA C 11 13.81 14.73 64.70
N ASP C 12 13.90 15.29 63.51
CA ASP C 12 13.63 16.72 63.19
C ASP C 12 12.12 16.84 62.93
N ALA C 13 11.40 17.72 63.59
CA ALA C 13 9.93 17.82 63.51
C ALA C 13 9.59 18.73 62.33
N VAL C 14 9.61 18.16 61.13
CA VAL C 14 9.35 18.87 59.84
C VAL C 14 8.42 18.01 58.99
N PRO C 15 7.63 18.62 58.08
CA PRO C 15 6.77 17.85 57.19
C PRO C 15 7.57 17.01 56.18
N ALA C 16 6.97 15.91 55.78
CA ALA C 16 7.47 15.01 54.73
C ALA C 16 7.21 15.71 53.39
N TYR C 17 8.15 15.57 52.49
CA TYR C 17 8.04 16.10 51.11
C TYR C 17 8.41 14.94 50.22
N PRO C 18 7.70 14.65 49.12
CA PRO C 18 6.49 15.35 48.68
C PRO C 18 5.31 15.40 49.67
N PHE C 19 4.47 16.42 49.54
CA PHE C 19 3.35 16.74 50.46
C PHE C 19 2.12 15.88 50.12
N SER C 20 2.01 15.40 48.88
CA SER C 20 0.79 14.75 48.35
C SER C 20 1.14 13.90 47.13
N LEU C 21 0.27 12.94 46.82
CA LEU C 21 0.24 12.21 45.55
C LEU C 21 -0.09 13.21 44.44
N PRO C 22 0.81 13.38 43.46
CA PRO C 22 0.54 14.30 42.37
C PRO C 22 -0.63 13.83 41.51
N HIS C 23 -1.37 14.80 41.00
CA HIS C 23 -2.52 14.54 40.11
C HIS C 23 -2.34 15.34 38.81
N ALA C 24 -2.25 14.66 37.68
CA ALA C 24 -2.08 15.31 36.36
C ALA C 24 -0.91 16.28 36.41
N LEU C 25 -1.11 17.51 35.98
CA LEU C 25 -0.01 18.51 36.01
C LEU C 25 -0.31 19.58 37.07
N ASP C 26 -1.18 19.26 38.02
CA ASP C 26 -1.56 20.22 39.08
C ASP C 26 -0.40 20.49 40.04
N LEU C 27 -0.26 21.75 40.45
CA LEU C 27 0.67 22.12 41.55
C LEU C 27 -0.09 21.85 42.85
N ASP C 28 0.52 21.17 43.81
CA ASP C 28 -0.03 21.11 45.18
C ASP C 28 -0.29 22.55 45.64
N PRO C 29 -1.50 22.89 46.16
CA PRO C 29 -1.76 24.25 46.64
C PRO C 29 -0.86 24.67 47.82
N HIS C 30 -0.16 23.77 48.51
CA HIS C 30 0.79 24.19 49.55
C HIS C 30 1.92 25.08 48.98
N TYR C 31 2.32 24.96 47.72
CA TYR C 31 3.51 25.71 47.21
C TYR C 31 3.24 27.23 47.24
N ALA C 32 2.06 27.68 46.83
CA ALA C 32 1.62 29.10 46.89
C ALA C 32 1.57 29.59 48.35
N GLU C 33 1.11 28.79 49.29
CA GLU C 33 1.17 29.16 50.74
C GLU C 33 2.64 29.35 51.14
N LEU C 34 3.53 28.45 50.76
CA LEU C 34 4.95 28.55 51.19
C LEU C 34 5.59 29.80 50.56
N ARG C 35 5.37 30.07 49.27
CA ARG C 35 6.01 31.22 48.58
C ARG C 35 5.62 32.53 49.28
N ARG C 36 4.37 32.60 49.76
CA ARG C 36 3.80 33.74 50.50
CA ARG C 36 3.84 33.76 50.49
C ARG C 36 4.34 33.78 51.95
N ASP C 37 4.29 32.66 52.68
CA ASP C 37 4.44 32.74 54.16
C ASP C 37 5.69 32.05 54.70
N GLU C 38 6.34 31.17 53.94
CA GLU C 38 7.47 30.36 54.44
C GLU C 38 8.23 29.84 53.23
N PRO C 39 8.90 30.74 52.51
CA PRO C 39 9.40 30.41 51.18
C PRO C 39 10.57 29.44 51.24
N VAL C 40 11.25 29.39 52.38
CA VAL C 40 12.34 28.43 52.67
C VAL C 40 11.94 27.66 53.93
N SER C 41 11.68 26.37 53.79
CA SER C 41 11.11 25.57 54.88
C SER C 41 11.82 24.22 54.93
N ARG C 42 12.07 23.73 56.16
CA ARG C 42 12.76 22.45 56.40
CA ARG C 42 12.76 22.45 56.43
C ARG C 42 11.76 21.32 56.11
N VAL C 43 12.18 20.30 55.37
CA VAL C 43 11.29 19.15 54.99
C VAL C 43 12.11 17.89 55.12
N ARG C 44 11.48 16.73 55.27
N ARG C 44 11.44 16.75 55.28
CA ARG C 44 12.19 15.41 55.24
CA ARG C 44 12.06 15.40 55.21
C ARG C 44 11.90 14.74 53.90
C ARG C 44 11.86 14.85 53.80
N LEU C 45 12.94 14.52 53.11
CA LEU C 45 12.84 13.96 51.75
C LEU C 45 12.56 12.47 51.93
N PRO C 46 12.07 11.76 50.93
CA PRO C 46 11.74 10.35 51.09
C PRO C 46 12.96 9.46 51.35
N TYR C 47 14.19 9.82 50.92
CA TYR C 47 15.36 8.92 51.11
C TYR C 47 16.50 9.73 51.70
N GLY C 48 17.50 9.03 52.21
CA GLY C 48 18.59 9.64 52.99
C GLY C 48 18.14 9.94 54.40
N GLU C 49 18.85 10.81 55.12
N GLU C 49 18.90 10.77 55.12
CA GLU C 49 18.66 11.01 56.58
CA GLU C 49 18.79 11.03 56.59
C GLU C 49 18.75 12.52 56.91
C GLU C 49 18.62 12.54 56.81
N GLY C 50 17.97 12.96 57.89
CA GLY C 50 17.85 14.36 58.27
C GLY C 50 16.95 15.12 57.30
N THR C 51 17.26 16.38 57.05
CA THR C 51 16.32 17.32 56.48
C THR C 51 17.03 18.19 55.45
N ALA C 52 16.22 18.91 54.72
CA ALA C 52 16.66 19.70 53.57
C ALA C 52 15.80 20.95 53.58
N TRP C 53 16.37 22.08 53.19
CA TRP C 53 15.61 23.31 52.94
C TRP C 53 14.91 23.20 51.60
N LEU C 54 13.58 23.27 51.59
CA LEU C 54 12.77 23.33 50.35
C LEU C 54 12.65 24.80 49.93
N VAL C 55 13.03 25.10 48.68
CA VAL C 55 13.03 26.48 48.13
C VAL C 55 11.92 26.59 47.10
N THR C 56 11.02 27.56 47.26
CA THR C 56 9.77 27.65 46.47
C THR C 56 9.77 28.87 45.55
N ARG C 57 10.57 29.91 45.83
CA ARG C 57 10.51 31.21 45.12
C ARG C 57 11.59 31.23 44.05
N MET C 58 11.40 32.05 43.00
CA MET C 58 12.37 32.21 41.91
C MET C 58 13.69 32.76 42.44
N SER C 59 13.67 33.77 43.28
CA SER C 59 14.86 34.46 43.83
CA SER C 59 14.92 34.43 43.71
C SER C 59 15.83 33.44 44.44
N ASP C 60 15.32 32.71 45.41
CA ASP C 60 16.03 31.66 46.15
C ASP C 60 16.49 30.55 45.22
N ALA C 61 15.61 30.07 44.32
CA ALA C 61 15.96 28.95 43.43
C ALA C 61 17.20 29.35 42.64
N ARG C 62 17.25 30.59 42.15
CA ARG C 62 18.39 31.06 41.33
CA ARG C 62 18.39 31.04 41.32
C ARG C 62 19.65 31.04 42.18
N ILE C 63 19.56 31.39 43.45
CA ILE C 63 20.76 31.33 44.33
C ILE C 63 21.17 29.88 44.52
N VAL C 64 20.23 28.98 44.84
CA VAL C 64 20.60 27.58 45.13
C VAL C 64 21.23 26.96 43.88
N LEU C 65 20.66 27.25 42.72
CA LEU C 65 21.13 26.63 41.46
C LEU C 65 22.33 27.39 40.88
N GLY C 66 22.40 28.69 41.10
CA GLY C 66 23.40 29.61 40.48
C GLY C 66 24.68 29.81 41.27
N ASP C 67 24.65 29.72 42.60
CA ASP C 67 25.75 30.20 43.46
C ASP C 67 26.78 29.09 43.63
N SER C 68 28.05 29.41 43.49
CA SER C 68 29.10 28.39 43.51
C SER C 68 29.37 28.00 44.96
N ARG C 69 28.71 28.57 45.95
CA ARG C 69 28.91 28.07 47.33
C ARG C 69 27.99 26.87 47.58
N PHE C 70 27.35 26.34 46.56
CA PHE C 70 26.65 25.03 46.69
C PHE C 70 27.41 23.98 45.88
N SER C 71 27.37 22.72 46.34
CA SER C 71 27.97 21.54 45.69
C SER C 71 26.91 20.47 45.47
N THR C 72 26.89 19.88 44.29
CA THR C 72 26.13 18.67 44.03
C THR C 72 26.98 17.44 44.34
N ALA C 73 28.32 17.51 44.19
CA ALA C 73 29.25 16.41 44.55
C ALA C 73 29.08 16.08 46.03
N ALA C 74 28.77 17.06 46.88
CA ALA C 74 28.57 16.82 48.34
C ALA C 74 27.27 16.05 48.60
N ALA C 75 26.37 15.92 47.62
CA ALA C 75 25.07 15.26 47.87
C ALA C 75 25.15 13.73 47.59
N THR C 76 26.31 13.21 47.16
CA THR C 76 26.49 11.77 46.82
C THR C 76 26.62 10.91 48.09
N ASP C 77 26.93 11.54 49.22
CA ASP C 77 26.89 10.90 50.55
C ASP C 77 25.52 10.22 50.72
N PRO C 78 25.49 8.88 50.88
CA PRO C 78 24.22 8.14 51.02
C PRO C 78 23.33 8.60 52.17
N ALA C 79 23.88 9.32 53.15
CA ALA C 79 23.10 9.89 54.27
C ALA C 79 22.42 11.19 53.80
N THR C 80 22.86 11.79 52.70
CA THR C 80 22.29 13.08 52.27
C THR C 80 20.82 12.85 51.88
N PRO C 81 19.88 13.73 52.29
CA PRO C 81 18.50 13.67 51.80
C PRO C 81 18.50 13.65 50.27
N ARG C 82 17.56 12.89 49.69
CA ARG C 82 17.37 12.81 48.22
C ARG C 82 15.93 12.44 47.91
N MET C 83 15.51 12.68 46.68
CA MET C 83 14.14 12.39 46.17
C MET C 83 13.99 10.94 45.68
N PHE C 84 15.07 10.17 45.56
CA PHE C 84 15.11 8.89 44.83
C PHE C 84 15.78 7.86 45.71
N PRO C 85 15.44 6.56 45.54
CA PRO C 85 15.89 5.51 46.47
C PRO C 85 17.40 5.25 46.53
N THR C 86 18.10 5.23 45.42
CA THR C 86 19.52 4.83 45.44
CA THR C 86 19.53 4.86 45.32
C THR C 86 20.42 6.04 45.69
N PRO C 87 21.50 5.86 46.47
CA PRO C 87 22.50 6.92 46.69
C PRO C 87 23.00 7.42 45.34
N PRO C 88 23.21 8.74 45.13
CA PRO C 88 23.53 9.25 43.81
C PRO C 88 24.84 8.65 43.28
N GLU C 89 24.85 8.32 42.00
CA GLU C 89 26.06 7.88 41.28
C GLU C 89 27.00 9.06 41.18
N PRO C 90 28.16 8.98 41.84
CA PRO C 90 29.13 10.08 41.81
C PRO C 90 29.73 10.44 40.44
N ASP C 91 29.73 9.49 39.52
CA ASP C 91 30.22 9.67 38.12
C ASP C 91 29.22 10.47 37.29
N GLY C 92 27.99 10.62 37.78
CA GLY C 92 26.90 11.33 37.06
C GLY C 92 27.23 12.80 36.93
N VAL C 93 26.89 13.41 35.80
CA VAL C 93 27.24 14.81 35.49
C VAL C 93 26.54 15.75 36.48
N LEU C 94 25.33 15.39 36.91
CA LEU C 94 24.55 16.19 37.87
C LEU C 94 25.22 16.20 39.25
N ALA C 95 25.96 15.15 39.60
CA ALA C 95 26.67 15.01 40.88
C ALA C 95 28.11 15.54 40.75
N GLN C 96 28.47 16.21 39.65
CA GLN C 96 29.84 16.74 39.46
C GLN C 96 29.88 18.27 39.71
N ASP C 97 30.94 18.76 40.31
CA ASP C 97 31.27 20.21 40.51
C ASP C 97 32.30 20.64 39.46
N PRO C 98 32.35 21.92 39.04
CA PRO C 98 33.50 22.42 38.30
C PRO C 98 34.77 22.30 39.13
N PRO C 99 35.96 22.11 38.51
CA PRO C 99 36.10 21.96 37.07
C PRO C 99 35.77 20.62 36.36
N ASP C 100 35.64 19.50 37.03
CA ASP C 100 35.38 18.24 36.29
C ASP C 100 34.03 18.34 35.57
N HIS C 101 33.04 18.97 36.19
CA HIS C 101 31.71 19.21 35.59
C HIS C 101 31.92 19.89 34.24
N THR C 102 32.76 20.92 34.25
CA THR C 102 33.07 21.72 33.05
C THR C 102 33.76 20.85 31.99
N ARG C 103 34.68 19.98 32.38
CA ARG C 103 35.35 19.12 31.37
CA ARG C 103 35.36 19.08 31.42
C ARG C 103 34.30 18.16 30.79
N LEU C 104 33.37 17.68 31.59
CA LEU C 104 32.30 16.75 31.11
C LEU C 104 31.37 17.46 30.11
N ARG C 105 30.89 18.64 30.46
CA ARG C 105 30.03 19.46 29.56
C ARG C 105 30.79 19.73 28.27
N ARG C 106 32.08 19.98 28.37
CA ARG C 106 32.87 20.37 27.14
C ARG C 106 33.08 19.14 26.26
N LEU C 107 33.00 17.95 26.80
CA LEU C 107 33.23 16.74 25.98
C LEU C 107 32.17 16.69 24.88
N VAL C 108 30.95 17.12 25.19
CA VAL C 108 29.76 16.89 24.31
C VAL C 108 29.09 18.19 23.93
N GLY C 109 29.51 19.31 24.53
CA GLY C 109 28.80 20.60 24.47
C GLY C 109 28.64 21.16 23.06
N LYS C 110 29.57 20.91 22.15
CA LYS C 110 29.55 21.40 20.74
CA LYS C 110 29.46 21.56 20.82
C LYS C 110 28.23 21.02 20.07
N ALA C 111 27.81 19.79 20.27
CA ALA C 111 26.62 19.25 19.59
C ALA C 111 25.33 19.91 20.11
N PHE C 112 25.34 20.58 21.27
CA PHE C 112 24.11 21.12 21.89
C PHE C 112 24.02 22.65 21.80
N THR C 113 24.95 23.32 21.15
CA THR C 113 24.87 24.80 21.06
C THR C 113 23.63 25.18 20.25
N ALA C 114 23.15 26.43 20.41
CA ALA C 114 21.93 26.89 19.74
C ALA C 114 22.11 26.81 18.22
N ARG C 115 23.31 27.06 17.72
CA ARG C 115 23.59 27.05 16.26
CA ARG C 115 23.63 27.03 16.27
C ARG C 115 23.61 25.59 15.76
N ARG C 116 24.26 24.68 16.47
CA ARG C 116 24.28 23.26 16.03
C ARG C 116 22.86 22.68 16.06
N VAL C 117 22.07 23.03 17.06
CA VAL C 117 20.70 22.53 17.20
C VAL C 117 19.86 23.14 16.06
N GLU C 118 20.03 24.43 15.77
CA GLU C 118 19.27 25.09 14.68
C GLU C 118 19.52 24.31 13.38
N GLU C 119 20.75 23.85 13.14
CA GLU C 119 21.14 23.08 11.92
C GLU C 119 20.38 21.75 11.83
N MET C 120 19.83 21.25 12.93
CA MET C 120 19.08 19.98 12.85
CA MET C 120 19.05 19.99 12.97
C MET C 120 17.61 20.23 12.45
N ARG C 121 17.18 21.48 12.27
CA ARG C 121 15.72 21.75 12.11
C ARG C 121 15.17 21.01 10.89
N PRO C 122 15.86 20.98 9.72
CA PRO C 122 15.33 20.25 8.58
C PRO C 122 15.15 18.74 8.77
N ARG C 123 16.16 18.04 9.27
CA ARG C 123 16.00 16.58 9.57
C ARG C 123 14.91 16.44 10.64
N VAL C 124 14.85 17.33 11.64
CA VAL C 124 13.89 17.11 12.75
C VAL C 124 12.47 17.27 12.17
N ARG C 125 12.22 18.30 11.37
CA ARG C 125 10.90 18.52 10.71
C ARG C 125 10.54 17.32 9.81
N SER C 126 11.51 16.81 9.05
CA SER C 126 11.32 15.64 8.17
CA SER C 126 11.29 15.65 8.17
C SER C 126 10.88 14.43 8.97
N LEU C 127 11.51 14.24 10.13
CA LEU C 127 11.16 13.11 10.97
C LEU C 127 9.74 13.28 11.50
N VAL C 128 9.38 14.48 11.98
CA VAL C 128 8.03 14.72 12.57
C VAL C 128 6.99 14.41 11.49
N ASP C 129 7.23 14.88 10.26
CA ASP C 129 6.25 14.76 9.16
C ASP C 129 6.07 13.28 8.83
N SER C 130 7.16 12.55 8.70
CA SER C 130 7.14 11.10 8.43
C SER C 130 6.34 10.36 9.52
N LEU C 131 6.50 10.74 10.77
CA LEU C 131 5.82 10.02 11.86
C LEU C 131 4.34 10.36 11.82
N LEU C 132 3.99 11.59 11.47
CA LEU C 132 2.56 12.02 11.42
C LEU C 132 1.94 11.41 10.16
N ASP C 133 2.73 11.22 9.09
CA ASP C 133 2.23 10.46 7.90
C ASP C 133 1.74 9.06 8.37
N ASP C 134 2.52 8.35 9.18
CA ASP C 134 2.13 7.00 9.68
C ASP C 134 0.84 7.09 10.51
N MET C 135 0.69 8.15 11.28
CA MET C 135 -0.50 8.31 12.15
C MET C 135 -1.70 8.53 11.22
N VAL C 136 -1.55 9.32 10.15
CA VAL C 136 -2.76 9.52 9.29
C VAL C 136 -3.01 8.24 8.49
N ALA C 137 -2.01 7.49 8.05
CA ALA C 137 -2.24 6.15 7.45
C ALA C 137 -3.00 5.25 8.45
N HIS C 138 -2.65 5.22 9.73
CA HIS C 138 -3.41 4.45 10.75
CA HIS C 138 -3.40 4.45 10.76
C HIS C 138 -4.88 4.91 10.76
N GLY C 139 -5.12 6.23 10.76
CA GLY C 139 -6.48 6.82 10.77
C GLY C 139 -6.86 7.16 12.20
N SER C 140 -7.85 8.03 12.38
CA SER C 140 -8.39 8.49 13.68
C SER C 140 -9.38 7.47 14.25
N PRO C 141 -9.42 7.19 15.57
CA PRO C 141 -8.47 7.75 16.52
C PRO C 141 -7.14 6.98 16.59
N ALA C 142 -6.14 7.62 17.16
CA ALA C 142 -4.77 7.04 17.25
C ALA C 142 -4.12 7.51 18.53
N ASP C 143 -3.20 6.71 19.04
CA ASP C 143 -2.45 7.05 20.28
C ASP C 143 -1.28 7.93 19.86
N LEU C 144 -1.33 9.20 20.24
CA LEU C 144 -0.24 10.18 19.98
C LEU C 144 1.05 9.71 20.66
N VAL C 145 0.98 9.00 21.78
CA VAL C 145 2.26 8.58 22.44
C VAL C 145 2.94 7.57 21.53
N GLU C 146 2.19 6.59 21.01
CA GLU C 146 2.78 5.56 20.14
C GLU C 146 3.26 6.19 18.82
N PHE C 147 2.49 7.10 18.23
CA PHE C 147 2.83 7.58 16.86
C PHE C 147 3.77 8.77 16.89
N LEU C 148 3.80 9.59 17.94
CA LEU C 148 4.66 10.81 17.96
C LEU C 148 5.49 10.91 19.24
N ALA C 149 4.89 10.99 20.43
CA ALA C 149 5.65 11.41 21.64
C ALA C 149 6.82 10.46 21.88
N VAL C 150 6.67 9.16 21.65
CA VAL C 150 7.80 8.22 21.87
C VAL C 150 8.76 8.16 20.68
N PRO C 151 8.34 7.82 19.44
CA PRO C 151 9.32 7.58 18.38
C PRO C 151 10.12 8.81 17.98
N PHE C 152 9.54 10.00 18.10
CA PHE C 152 10.24 11.22 17.60
C PHE C 152 11.50 11.50 18.43
N PRO C 153 11.41 11.81 19.73
CA PRO C 153 12.63 12.09 20.49
C PRO C 153 13.59 10.89 20.54
N VAL C 154 13.05 9.68 20.57
CA VAL C 154 13.89 8.45 20.60
C VAL C 154 14.77 8.46 19.34
N ALA C 155 14.17 8.68 18.16
CA ALA C 155 14.93 8.71 16.89
C ALA C 155 15.94 9.84 16.92
N VAL C 156 15.55 11.01 17.43
CA VAL C 156 16.55 12.12 17.49
C VAL C 156 17.74 11.72 18.37
N ILE C 157 17.53 11.26 19.62
CA ILE C 157 18.69 11.08 20.54
C ILE C 157 19.53 9.91 20.01
N CYS C 158 18.88 8.89 19.46
CA CYS C 158 19.61 7.71 18.91
C CYS C 158 20.55 8.13 17.77
N GLU C 159 20.09 8.97 16.83
CA GLU C 159 20.95 9.51 15.73
CA GLU C 159 20.98 9.44 15.73
C GLU C 159 22.06 10.39 16.30
N LEU C 160 21.72 11.28 17.22
CA LEU C 160 22.77 12.22 17.74
C LEU C 160 23.86 11.41 18.49
N LEU C 161 23.49 10.44 19.34
CA LEU C 161 24.49 9.65 20.12
C LEU C 161 25.14 8.59 19.24
N GLY C 162 24.38 7.97 18.33
CA GLY C 162 24.76 6.72 17.63
C GLY C 162 24.43 5.48 18.46
N VAL C 163 23.25 5.44 19.09
CA VAL C 163 22.71 4.29 19.87
C VAL C 163 21.76 3.58 18.94
N PRO C 164 21.79 2.23 18.84
CA PRO C 164 20.92 1.52 17.92
C PRO C 164 19.43 1.76 18.22
N LEU C 165 18.63 2.13 17.22
CA LEU C 165 17.17 2.31 17.40
CA LEU C 165 17.16 2.28 17.36
C LEU C 165 16.54 1.00 17.86
N GLU C 166 17.07 -0.13 17.42
CA GLU C 166 16.50 -1.47 17.76
CA GLU C 166 16.56 -1.50 17.75
C GLU C 166 16.69 -1.74 19.28
N ASP C 167 17.48 -0.95 20.01
CA ASP C 167 17.63 -1.14 21.48
C ASP C 167 16.55 -0.36 22.26
N ARG C 168 15.54 0.19 21.57
CA ARG C 168 14.55 1.08 22.21
C ARG C 168 13.97 0.45 23.50
N ASP C 169 13.51 -0.80 23.46
CA ASP C 169 12.84 -1.41 24.63
CA ASP C 169 12.87 -1.50 24.59
C ASP C 169 13.86 -1.56 25.76
N LEU C 170 15.11 -1.94 25.45
CA LEU C 170 16.22 -2.09 26.44
C LEU C 170 16.46 -0.73 27.12
N PHE C 171 16.74 0.35 26.39
CA PHE C 171 17.12 1.59 27.11
C PHE C 171 15.90 2.30 27.72
N ARG C 172 14.72 2.22 27.11
CA ARG C 172 13.49 2.82 27.70
CA ARG C 172 13.49 2.81 27.69
C ARG C 172 13.20 2.14 29.04
N THR C 173 13.33 0.81 29.13
CA THR C 173 13.08 0.06 30.38
C THR C 173 14.12 0.51 31.40
N PHE C 174 15.40 0.56 31.00
CA PHE C 174 16.46 0.99 31.94
C PHE C 174 16.16 2.44 32.35
N SER C 175 15.86 3.30 31.38
CA SER C 175 15.67 4.75 31.68
C SER C 175 14.52 4.96 32.66
N ASP C 176 13.40 4.23 32.49
CA ASP C 176 12.20 4.39 33.34
C ASP C 176 12.53 3.98 34.77
N ALA C 177 13.23 2.87 34.94
CA ALA C 177 13.70 2.40 36.25
C ALA C 177 14.57 3.49 36.90
N MET C 178 15.54 4.06 36.15
N MET C 178 15.53 4.08 36.18
CA MET C 178 16.45 5.11 36.69
CA MET C 178 16.45 5.06 36.82
C MET C 178 15.63 6.28 37.23
C MET C 178 15.72 6.38 37.11
N LEU C 179 14.49 6.57 36.60
CA LEU C 179 13.64 7.73 36.92
C LEU C 179 12.54 7.37 37.92
N SER C 180 12.66 6.24 38.59
CA SER C 180 11.66 5.75 39.56
C SER C 180 11.79 6.54 40.86
N SER C 181 10.67 6.94 41.46
CA SER C 181 10.61 7.61 42.78
C SER C 181 10.17 6.58 43.79
N THR C 182 9.02 5.92 43.60
CA THR C 182 8.46 4.94 44.57
C THR C 182 8.15 3.60 43.90
N ARG C 183 8.28 3.49 42.59
CA ARG C 183 7.92 2.30 41.78
CA ARG C 183 7.90 2.28 41.81
C ARG C 183 8.86 1.13 42.14
N LEU C 184 10.15 1.39 42.39
CA LEU C 184 11.12 0.28 42.55
C LEU C 184 11.96 0.49 43.80
N THR C 185 12.62 -0.57 44.25
CA THR C 185 13.55 -0.51 45.40
C THR C 185 14.91 0.05 44.97
N ALA C 186 15.66 0.56 45.93
CA ALA C 186 17.06 1.01 45.78
C ALA C 186 17.85 -0.11 45.09
N ALA C 187 17.66 -1.37 45.49
CA ALA C 187 18.43 -2.54 44.99
C ALA C 187 18.09 -2.80 43.53
N GLU C 188 16.83 -2.79 43.17
CA GLU C 188 16.52 -3.06 41.76
C GLU C 188 17.07 -1.88 40.89
N ILE C 189 17.07 -0.63 41.38
CA ILE C 189 17.48 0.54 40.55
C ILE C 189 19.01 0.48 40.42
N GLN C 190 19.70 0.15 41.50
CA GLN C 190 21.18 0.02 41.55
CA GLN C 190 21.18 0.02 41.53
C GLN C 190 21.61 -0.98 40.45
N ARG C 191 20.95 -2.15 40.39
CA ARG C 191 21.22 -3.22 39.39
CA ARG C 191 21.26 -3.22 39.40
C ARG C 191 21.05 -2.67 37.98
N VAL C 192 19.92 -2.03 37.71
CA VAL C 192 19.70 -1.36 36.41
C VAL C 192 20.82 -0.37 36.10
N GLN C 193 21.17 0.47 37.08
N GLN C 193 21.26 0.45 37.06
CA GLN C 193 22.30 1.44 36.91
CA GLN C 193 22.31 1.46 36.75
C GLN C 193 23.49 0.65 36.35
C GLN C 193 23.64 0.74 36.42
N GLN C 194 23.91 -0.42 37.05
CA GLN C 194 25.13 -1.19 36.67
C GLN C 194 24.93 -1.77 35.27
N ASP C 195 23.75 -2.36 35.00
CA ASP C 195 23.51 -2.95 33.67
C ASP C 195 23.56 -1.85 32.61
N PHE C 196 23.01 -0.67 32.85
CA PHE C 196 22.99 0.43 31.85
C PHE C 196 24.44 0.85 31.54
N MET C 197 25.28 0.86 32.56
N MET C 197 25.28 0.87 32.55
CA MET C 197 26.72 1.28 32.44
CA MET C 197 26.70 1.29 32.36
C MET C 197 27.49 0.21 31.66
C MET C 197 27.45 0.21 31.59
N VAL C 198 27.16 -1.07 31.89
CA VAL C 198 27.75 -2.21 31.15
C VAL C 198 27.36 -2.07 29.67
N TYR C 199 26.06 -1.83 29.40
CA TYR C 199 25.55 -1.66 28.02
C TYR C 199 26.25 -0.47 27.33
N MET C 200 26.26 0.70 27.97
CA MET C 200 26.81 1.94 27.31
C MET C 200 28.33 1.75 27.12
N ASP C 201 29.02 1.17 28.10
CA ASP C 201 30.46 0.82 27.95
C ASP C 201 30.64 -0.04 26.68
N GLY C 202 29.77 -1.03 26.48
CA GLY C 202 29.85 -1.89 25.30
C GLY C 202 29.66 -1.07 24.03
N LEU C 203 28.70 -0.18 24.00
CA LEU C 203 28.53 0.67 22.78
C LEU C 203 29.82 1.46 22.55
N VAL C 204 30.39 2.06 23.59
CA VAL C 204 31.55 2.98 23.45
C VAL C 204 32.73 2.14 22.95
N ALA C 205 32.84 0.91 23.44
CA ALA C 205 33.94 -0.03 23.14
C ALA C 205 33.89 -0.45 21.66
N GLN C 206 32.71 -0.43 21.03
CA GLN C 206 32.58 -0.75 19.58
C GLN C 206 33.37 0.25 18.73
N ARG C 207 33.70 1.45 19.23
CA ARG C 207 34.42 2.50 18.46
CA ARG C 207 34.42 2.50 18.45
C ARG C 207 35.93 2.28 18.58
N ARG C 208 36.33 1.21 19.28
CA ARG C 208 37.75 0.95 19.63
C ARG C 208 38.57 1.01 18.34
N ASP C 209 38.22 0.25 17.31
CA ASP C 209 39.04 0.36 16.05
C ASP C 209 38.18 0.88 14.90
N ALA C 210 37.12 1.61 15.20
CA ALA C 210 35.99 1.88 14.29
C ALA C 210 35.33 3.19 14.74
N PRO C 211 36.06 4.31 14.63
CA PRO C 211 35.54 5.60 15.07
C PRO C 211 34.25 5.95 14.33
N THR C 212 33.33 6.65 15.01
CA THR C 212 32.01 7.05 14.47
C THR C 212 31.91 8.57 14.64
N GLU C 213 31.18 9.25 13.75
CA GLU C 213 30.96 10.71 13.80
CA GLU C 213 30.93 10.71 13.75
C GLU C 213 29.64 10.95 14.55
N ASP C 214 29.69 10.79 15.87
CA ASP C 214 28.48 10.86 16.72
C ASP C 214 28.99 11.10 18.12
N LEU C 215 28.10 11.33 19.08
CA LEU C 215 28.61 11.73 20.41
CA LEU C 215 28.51 11.71 20.46
C LEU C 215 29.27 10.53 21.07
N LEU C 216 28.79 9.30 20.85
CA LEU C 216 29.48 8.13 21.46
C LEU C 216 30.88 8.01 20.88
N GLY C 217 31.12 8.40 19.63
CA GLY C 217 32.49 8.44 19.06
C GLY C 217 33.40 9.44 19.79
N ALA C 218 32.85 10.59 20.13
CA ALA C 218 33.60 11.59 20.92
C ALA C 218 33.88 11.02 22.30
N LEU C 219 32.92 10.29 22.90
CA LEU C 219 33.16 9.77 24.26
C LEU C 219 34.28 8.71 24.15
N ALA C 220 34.27 7.86 23.12
CA ALA C 220 35.30 6.82 22.88
C ALA C 220 36.72 7.44 22.76
N LEU C 221 36.87 8.51 21.96
CA LEU C 221 38.15 9.27 21.84
C LEU C 221 38.59 9.78 23.22
N ALA C 222 37.65 10.29 24.00
CA ALA C 222 37.95 10.81 25.34
C ALA C 222 38.43 9.68 26.26
N THR C 223 37.84 8.48 26.23
CA THR C 223 38.32 7.37 27.08
C THR C 223 39.79 7.04 26.76
N ASP C 224 40.30 7.34 25.57
CA ASP C 224 41.74 7.14 25.21
C ASP C 224 42.57 8.31 25.71
N ASN C 225 42.19 9.52 25.28
CA ASN C 225 43.11 10.67 25.12
C ASN C 225 43.09 11.55 26.39
N ASP C 226 42.15 11.30 27.31
CA ASP C 226 41.77 12.27 28.37
C ASP C 226 42.41 11.86 29.70
N ASP C 227 43.25 12.74 30.25
CA ASP C 227 44.09 12.50 31.46
C ASP C 227 43.42 13.08 32.70
N HIS C 228 42.17 13.55 32.61
CA HIS C 228 41.48 14.19 33.77
C HIS C 228 40.21 13.43 34.21
N LEU C 229 39.45 12.90 33.27
CA LEU C 229 38.14 12.27 33.60
C LEU C 229 38.35 10.76 33.61
N THR C 230 37.68 10.03 34.50
CA THR C 230 37.68 8.56 34.50
C THR C 230 36.78 8.06 33.36
N LYS C 231 37.08 6.83 32.93
CA LYS C 231 36.24 5.99 32.03
CA LYS C 231 36.23 6.06 31.99
C LYS C 231 34.78 6.03 32.50
N GLY C 232 34.57 5.82 33.80
CA GLY C 232 33.22 5.80 34.35
C GLY C 232 32.48 7.11 34.11
N GLU C 233 33.15 8.23 34.36
CA GLU C 233 32.55 9.58 34.22
C GLU C 233 32.18 9.79 32.77
N ILE C 234 33.10 9.46 31.86
CA ILE C 234 32.90 9.63 30.40
C ILE C 234 31.75 8.76 29.92
N VAL C 235 31.74 7.47 30.27
CA VAL C 235 30.65 6.58 29.80
C VAL C 235 29.32 7.00 30.43
N ASN C 236 29.33 7.41 31.68
CA ASN C 236 28.09 7.82 32.38
C ASN C 236 27.43 9.01 31.64
N MET C 237 28.20 9.82 30.93
CA MET C 237 27.66 10.94 30.12
C MET C 237 26.72 10.37 29.04
N GLY C 238 27.13 9.31 28.38
CA GLY C 238 26.32 8.56 27.38
C GLY C 238 25.01 8.14 27.99
N VAL C 239 25.02 7.57 29.19
CA VAL C 239 23.77 7.16 29.89
C VAL C 239 22.91 8.39 30.13
N SER C 240 23.50 9.49 30.64
CA SER C 240 22.75 10.70 31.03
C SER C 240 22.05 11.24 29.80
N LEU C 241 22.79 11.31 28.69
CA LEU C 241 22.22 11.96 27.49
C LEU C 241 21.10 11.07 26.91
N LEU C 242 21.29 9.73 26.96
CA LEU C 242 20.31 8.79 26.38
C LEU C 242 19.06 8.85 27.26
N ILE C 243 19.21 8.90 28.57
CA ILE C 243 18.02 9.01 29.46
C ILE C 243 17.34 10.36 29.20
N ALA C 244 18.07 11.45 29.41
CA ALA C 244 17.49 12.81 29.38
C ALA C 244 16.92 13.06 27.97
N GLY C 245 17.63 12.64 26.95
CA GLY C 245 17.33 13.00 25.54
C GLY C 245 16.01 12.47 25.07
N HIS C 246 15.47 11.36 25.63
CA HIS C 246 14.09 10.92 25.31
CA HIS C 246 14.08 10.92 25.30
C HIS C 246 13.13 11.19 26.46
N GLU C 247 13.52 10.89 27.71
CA GLU C 247 12.53 10.92 28.81
C GLU C 247 11.90 12.32 28.96
N THR C 248 12.69 13.39 28.85
CA THR C 248 12.12 14.77 29.00
C THR C 248 11.12 15.05 27.88
N SER C 249 11.53 14.91 26.64
CA SER C 249 10.74 15.34 25.46
C SER C 249 9.53 14.44 25.25
N VAL C 250 9.68 13.14 25.46
CA VAL C 250 8.54 12.20 25.35
C VAL C 250 7.41 12.70 26.25
N ASN C 251 7.73 12.94 27.51
CA ASN C 251 6.73 13.34 28.51
C ASN C 251 6.26 14.74 28.12
N GLN C 252 7.16 15.65 27.80
CA GLN C 252 6.76 17.08 27.59
C GLN C 252 5.85 17.21 26.37
N ILE C 253 6.01 16.38 25.35
CA ILE C 253 5.08 16.44 24.19
C ILE C 253 3.67 16.11 24.69
N THR C 254 3.52 15.03 25.46
CA THR C 254 2.19 14.64 26.01
C THR C 254 1.70 15.75 26.96
N ASN C 255 2.60 16.37 27.73
CA ASN C 255 2.15 17.37 28.74
C ASN C 255 1.61 18.62 28.00
N LEU C 256 2.33 19.07 26.99
CA LEU C 256 1.95 20.27 26.21
C LEU C 256 0.67 19.96 25.41
N VAL C 257 0.56 18.78 24.80
CA VAL C 257 -0.71 18.44 24.09
C VAL C 257 -1.89 18.41 25.09
N HIS C 258 -1.68 17.85 26.28
CA HIS C 258 -2.71 17.80 27.34
C HIS C 258 -3.20 19.22 27.65
N LEU C 259 -2.30 20.14 27.97
CA LEU C 259 -2.71 21.52 28.31
C LEU C 259 -3.49 22.08 27.12
N LEU C 260 -3.03 21.85 25.89
CA LEU C 260 -3.65 22.51 24.70
C LEU C 260 -5.05 21.98 24.45
N LEU C 261 -5.31 20.70 24.69
CA LEU C 261 -6.58 20.06 24.32
C LEU C 261 -7.58 20.08 25.48
N THR C 262 -7.16 20.11 26.73
CA THR C 262 -8.15 20.10 27.84
C THR C 262 -8.78 21.49 28.00
N GLU C 263 -8.12 22.56 27.56
CA GLU C 263 -8.74 23.90 27.35
C GLU C 263 -8.52 24.31 25.89
N ARG C 264 -9.41 23.91 24.98
CA ARG C 264 -9.06 23.84 23.52
C ARG C 264 -8.92 25.24 22.91
N LYS C 265 -9.36 26.28 23.59
CA LYS C 265 -9.09 27.67 23.18
CA LYS C 265 -9.08 27.70 23.26
C LYS C 265 -7.57 27.86 23.05
N ARG C 266 -6.78 27.17 23.86
CA ARG C 266 -5.29 27.25 23.76
C ARG C 266 -4.82 26.68 22.42
N TYR C 267 -5.25 25.46 22.07
CA TYR C 267 -4.94 24.80 20.79
C TYR C 267 -5.39 25.70 19.62
N GLU C 268 -6.60 26.24 19.71
CA GLU C 268 -7.21 27.11 18.66
C GLU C 268 -6.40 28.39 18.45
N SER C 269 -5.89 29.01 19.51
CA SER C 269 -5.01 30.20 19.38
CA SER C 269 -4.99 30.19 19.40
C SER C 269 -3.79 29.86 18.50
N LEU C 270 -3.26 28.63 18.58
CA LEU C 270 -2.06 28.25 17.80
C LEU C 270 -2.50 27.83 16.39
N VAL C 271 -3.65 27.19 16.27
CA VAL C 271 -4.20 26.88 14.92
C VAL C 271 -4.35 28.18 14.15
N ALA C 272 -4.86 29.22 14.82
CA ALA C 272 -5.14 30.55 14.23
C ALA C 272 -3.84 31.24 13.83
N ASP C 273 -2.77 31.10 14.62
CA ASP C 273 -1.49 31.87 14.51
C ASP C 273 -0.32 30.96 14.89
N PRO C 274 0.08 30.02 14.00
CA PRO C 274 1.16 29.08 14.30
C PRO C 274 2.53 29.69 14.63
N ALA C 275 2.76 30.93 14.21
CA ALA C 275 3.93 31.74 14.63
C ALA C 275 3.99 31.89 16.15
N LEU C 276 2.88 31.69 16.85
CA LEU C 276 2.84 31.75 18.34
C LEU C 276 3.49 30.51 19.03
N VAL C 277 3.74 29.44 18.29
CA VAL C 277 4.18 28.15 18.89
C VAL C 277 5.43 28.35 19.73
N PRO C 278 6.51 29.01 19.23
CA PRO C 278 7.71 29.20 20.06
C PRO C 278 7.38 29.81 21.43
N ALA C 279 6.63 30.93 21.47
CA ALA C 279 6.27 31.60 22.74
C ALA C 279 5.39 30.66 23.60
N ALA C 280 4.46 29.96 22.96
CA ALA C 280 3.54 29.03 23.64
C ALA C 280 4.36 27.91 24.30
N VAL C 281 5.39 27.42 23.62
CA VAL C 281 6.29 26.37 24.16
C VAL C 281 7.01 26.93 25.40
N GLU C 282 7.50 28.18 25.37
CA GLU C 282 8.14 28.76 26.59
C GLU C 282 7.15 28.83 27.76
N GLU C 283 5.89 29.22 27.48
CA GLU C 283 4.87 29.42 28.51
C GLU C 283 4.43 28.06 29.08
N MET C 284 4.35 27.03 28.27
CA MET C 284 3.96 25.68 28.77
C MET C 284 5.13 25.00 29.48
N LEU C 285 6.38 25.27 29.09
CA LEU C 285 7.57 24.84 29.87
C LEU C 285 7.47 25.44 31.26
N ARG C 286 7.18 26.75 31.36
CA ARG C 286 7.09 27.47 32.64
C ARG C 286 5.99 26.77 33.48
N TYR C 287 4.87 26.47 32.84
CA TYR C 287 3.63 26.05 33.53
C TYR C 287 3.61 24.58 34.02
N THR C 288 4.48 23.72 33.49
CA THR C 288 4.32 22.24 33.56
C THR C 288 5.30 21.70 34.59
N PRO C 289 4.80 20.99 35.62
CA PRO C 289 5.65 20.30 36.55
C PRO C 289 6.16 18.98 35.93
N LEU C 290 7.12 19.09 35.02
CA LEU C 290 7.74 17.91 34.43
C LEU C 290 8.45 17.16 35.55
N VAL C 291 9.25 17.89 36.32
CA VAL C 291 9.88 17.30 37.52
C VAL C 291 8.79 17.27 38.58
N SER C 292 8.39 16.08 38.99
CA SER C 292 7.16 15.92 39.80
C SER C 292 7.29 16.64 41.15
N ALA C 293 8.44 16.52 41.80
CA ALA C 293 8.75 17.09 43.12
C ALA C 293 10.26 17.24 43.30
N GLY C 294 10.71 18.37 43.87
CA GLY C 294 12.11 18.55 44.30
C GLY C 294 13.11 18.53 43.16
N SER C 295 14.33 18.22 43.49
CA SER C 295 15.43 18.36 42.53
C SER C 295 16.55 17.50 43.04
N PHE C 296 17.56 17.34 42.22
CA PHE C 296 18.88 16.94 42.70
C PHE C 296 19.29 17.93 43.80
N VAL C 297 19.79 17.41 44.91
CA VAL C 297 20.10 18.21 46.11
C VAL C 297 21.40 19.02 45.93
N ARG C 298 21.37 20.25 46.45
CA ARG C 298 22.57 21.10 46.61
C ARG C 298 22.91 21.18 48.09
N VAL C 299 24.18 20.94 48.43
CA VAL C 299 24.70 21.13 49.80
C VAL C 299 25.58 22.40 49.81
N ALA C 300 25.30 23.33 50.71
CA ALA C 300 26.16 24.53 50.94
C ALA C 300 27.53 24.07 51.42
N THR C 301 28.60 24.59 50.83
CA THR C 301 30.00 24.41 51.29
C THR C 301 30.43 25.66 52.08
N GLU C 302 29.68 26.77 51.97
CA GLU C 302 29.78 27.98 52.85
CA GLU C 302 29.77 27.95 52.89
C GLU C 302 28.36 28.44 53.20
N ASP C 303 28.21 29.31 54.19
CA ASP C 303 26.89 29.92 54.49
C ASP C 303 26.42 30.78 53.30
N VAL C 304 25.12 30.76 53.04
CA VAL C 304 24.50 31.48 51.90
C VAL C 304 23.18 32.06 52.39
N GLU C 305 22.99 33.37 52.23
CA GLU C 305 21.76 34.07 52.65
CA GLU C 305 21.77 34.07 52.64
C GLU C 305 20.71 33.88 51.56
N LEU C 306 19.57 33.30 51.92
CA LEU C 306 18.37 33.21 51.04
C LEU C 306 17.40 34.29 51.54
N SER C 307 16.19 34.39 50.98
CA SER C 307 15.23 35.48 51.33
C SER C 307 15.02 35.51 52.84
N THR C 308 14.74 34.37 53.47
CA THR C 308 14.22 34.31 54.86
C THR C 308 15.18 33.57 55.79
N VAL C 309 16.31 33.08 55.29
CA VAL C 309 17.21 32.27 56.18
C VAL C 309 18.58 32.23 55.56
N THR C 310 19.57 32.16 56.44
CA THR C 310 20.98 31.85 56.05
C THR C 310 21.16 30.34 56.17
N VAL C 311 21.40 29.68 55.04
CA VAL C 311 21.68 28.22 54.95
C VAL C 311 23.14 28.01 55.42
N ARG C 312 23.44 27.06 56.32
CA ARG C 312 24.81 26.89 56.86
C ARG C 312 25.58 25.90 56.01
N ALA C 313 26.89 26.06 55.91
CA ALA C 313 27.76 25.06 55.26
C ALA C 313 27.31 23.66 55.73
N GLY C 314 27.08 22.73 54.82
CA GLY C 314 26.71 21.35 55.18
C GLY C 314 25.21 21.11 55.11
N GLU C 315 24.36 22.16 55.11
CA GLU C 315 22.89 21.95 55.03
C GLU C 315 22.53 21.75 53.56
N PRO C 316 21.71 20.72 53.26
CA PRO C 316 21.14 20.49 51.95
C PRO C 316 19.91 21.33 51.59
N CYS C 317 19.75 21.61 50.29
CA CYS C 317 18.65 22.40 49.73
C CYS C 317 18.13 21.63 48.54
N VAL C 318 16.84 21.69 48.39
CA VAL C 318 16.13 21.18 47.22
C VAL C 318 15.27 22.33 46.69
N VAL C 319 15.08 22.38 45.38
CA VAL C 319 14.27 23.38 44.64
C VAL C 319 13.03 22.67 44.09
N HIS C 320 11.85 23.29 44.09
CA HIS C 320 10.76 22.80 43.24
C HIS C 320 10.65 23.74 42.02
N PHE C 321 11.15 23.30 40.87
CA PHE C 321 11.28 24.18 39.68
C PHE C 321 9.90 24.77 39.36
N ALA C 322 8.86 23.95 39.33
CA ALA C 322 7.49 24.38 38.95
C ALA C 322 6.99 25.46 39.89
N SER C 323 7.37 25.44 41.17
CA SER C 323 7.00 26.50 42.15
C SER C 323 7.68 27.83 41.83
N ALA C 324 8.99 27.83 41.61
CA ALA C 324 9.73 29.03 41.20
C ALA C 324 9.08 29.62 39.95
N ASN C 325 8.66 28.77 39.03
CA ASN C 325 7.99 29.18 37.77
C ASN C 325 6.55 29.68 38.00
N ARG C 326 5.98 29.61 39.21
CA ARG C 326 4.64 30.20 39.51
C ARG C 326 4.79 31.44 40.41
N ASP C 327 6.00 31.99 40.51
CA ASP C 327 6.32 33.07 41.47
C ASP C 327 5.65 34.37 40.97
N GLU C 328 4.66 34.84 41.73
CA GLU C 328 3.87 36.07 41.43
C GLU C 328 4.74 37.33 41.54
N GLU C 329 5.94 37.30 42.14
CA GLU C 329 6.86 38.46 42.10
C GLU C 329 7.51 38.55 40.73
N VAL C 330 7.49 37.50 39.93
CA VAL C 330 8.24 37.46 38.64
C VAL C 330 7.26 37.46 37.50
N PHE C 331 6.14 36.72 37.62
CA PHE C 331 5.19 36.53 36.49
C PHE C 331 3.85 37.13 36.91
N ASP C 332 3.33 38.07 36.14
CA ASP C 332 1.93 38.57 36.27
C ASP C 332 0.96 37.42 35.97
N HIS C 333 -0.10 37.30 36.75
CA HIS C 333 -1.14 36.25 36.62
C HIS C 333 -0.41 34.92 36.39
N ALA C 334 0.53 34.58 37.28
CA ALA C 334 1.44 33.42 37.19
C ALA C 334 0.67 32.10 37.09
N ASP C 335 -0.54 32.07 37.62
CA ASP C 335 -1.31 30.81 37.62
CA ASP C 335 -1.39 30.86 37.66
C ASP C 335 -2.14 30.72 36.34
N GLU C 336 -1.95 31.62 35.38
CA GLU C 336 -2.66 31.51 34.08
C GLU C 336 -1.65 31.25 32.96
N LEU C 337 -2.02 30.36 32.05
CA LEU C 337 -1.29 30.07 30.80
C LEU C 337 -1.53 31.27 29.88
N ASP C 338 -0.50 32.03 29.53
CA ASP C 338 -0.59 33.25 28.67
C ASP C 338 0.49 33.17 27.58
N PHE C 339 0.09 32.99 26.33
CA PHE C 339 1.04 32.86 25.19
C PHE C 339 1.46 34.25 24.70
N HIS C 340 1.06 35.35 25.36
CA HIS C 340 1.44 36.72 24.91
C HIS C 340 2.24 37.43 25.99
N ARG C 341 2.94 36.70 26.85
CA ARG C 341 3.78 37.35 27.90
C ARG C 341 4.94 38.03 27.20
N GLU C 342 5.42 39.15 27.72
CA GLU C 342 6.48 39.97 27.07
CA GLU C 342 6.48 39.91 27.00
C GLU C 342 7.87 39.36 27.36
N ARG C 343 8.08 38.79 28.55
CA ARG C 343 9.44 38.47 29.07
C ARG C 343 9.73 36.94 29.18
N ASN C 344 9.14 36.26 30.17
CA ASN C 344 9.16 34.79 30.51
C ASN C 344 10.51 34.22 30.97
N PRO C 345 11.11 34.71 32.07
CA PRO C 345 12.38 34.19 32.58
C PRO C 345 12.22 32.95 33.48
N HIS C 346 11.70 31.86 32.91
CA HIS C 346 11.39 30.60 33.62
C HIS C 346 12.70 29.83 33.86
N ILE C 347 12.69 28.89 34.81
CA ILE C 347 13.80 27.93 35.02
C ILE C 347 13.28 26.50 34.80
N ALA C 348 12.42 26.29 33.80
CA ALA C 348 12.00 24.93 33.38
C ALA C 348 13.24 24.10 33.03
N PHE C 349 14.32 24.74 32.60
CA PHE C 349 15.59 24.07 32.20
CA PHE C 349 15.58 24.06 32.21
C PHE C 349 16.64 24.23 33.31
N GLY C 350 16.24 24.62 34.51
CA GLY C 350 17.25 24.86 35.55
C GLY C 350 17.96 26.18 35.32
N HIS C 351 19.15 26.28 35.90
CA HIS C 351 19.89 27.53 36.05
C HIS C 351 21.28 27.19 36.60
N GLY C 352 22.22 28.05 36.31
CA GLY C 352 23.61 27.89 36.79
C GLY C 352 24.30 26.79 36.02
N ALA C 353 25.27 26.15 36.62
CA ALA C 353 26.25 25.34 35.87
C ALA C 353 25.56 24.10 35.29
N HIS C 354 24.56 23.57 35.98
CA HIS C 354 23.83 22.35 35.57
CA HIS C 354 23.83 22.35 35.57
C HIS C 354 22.63 22.70 34.69
N HIS C 355 22.45 23.96 34.34
CA HIS C 355 21.40 24.36 33.34
C HIS C 355 21.41 23.31 32.23
N CYS C 356 20.22 22.86 31.83
CA CYS C 356 20.02 21.75 30.87
C CYS C 356 20.94 21.87 29.64
N ILE C 357 21.79 20.88 29.36
CA ILE C 357 22.66 20.89 28.15
C ILE C 357 21.79 20.74 26.89
N GLY C 358 20.62 20.14 27.01
CA GLY C 358 19.72 19.86 25.87
C GLY C 358 18.61 20.87 25.70
N ALA C 359 18.66 22.02 26.36
CA ALA C 359 17.54 22.99 26.39
C ALA C 359 17.16 23.38 24.95
N GLN C 360 18.13 23.66 24.09
CA GLN C 360 17.87 24.10 22.67
C GLN C 360 17.26 22.93 21.90
N LEU C 361 17.73 21.70 22.11
CA LEU C 361 17.19 20.51 21.42
C LEU C 361 15.77 20.26 21.93
N GLY C 362 15.57 20.32 23.23
CA GLY C 362 14.21 20.30 23.81
C GLY C 362 13.31 21.33 23.14
N ARG C 363 13.75 22.59 23.07
CA ARG C 363 12.94 23.66 22.48
C ARG C 363 12.66 23.29 21.01
N LEU C 364 13.66 22.83 20.27
CA LEU C 364 13.53 22.51 18.83
C LEU C 364 12.48 21.39 18.67
N GLU C 365 12.56 20.34 19.47
CA GLU C 365 11.64 19.20 19.29
C GLU C 365 10.21 19.63 19.62
N LEU C 366 10.00 20.37 20.70
CA LEU C 366 8.63 20.76 21.11
C LEU C 366 8.03 21.74 20.06
N GLN C 367 8.84 22.66 19.57
CA GLN C 367 8.43 23.64 18.51
C GLN C 367 8.00 22.86 17.27
N GLU C 368 8.79 21.89 16.83
CA GLU C 368 8.54 21.25 15.51
C GLU C 368 7.39 20.26 15.68
N ALA C 369 7.26 19.62 16.83
CA ALA C 369 6.15 18.70 17.11
C ALA C 369 4.85 19.51 17.14
N LEU C 370 4.76 20.55 17.95
CA LEU C 370 3.49 21.29 18.10
CA LEU C 370 3.55 21.39 18.12
C LEU C 370 3.12 22.06 16.80
N SER C 371 4.06 22.73 16.13
CA SER C 371 3.77 23.42 14.85
C SER C 371 3.18 22.42 13.86
N ALA C 372 3.83 21.27 13.71
CA ALA C 372 3.33 20.21 12.80
C ALA C 372 1.88 19.86 13.14
N LEU C 373 1.55 19.71 14.43
CA LEU C 373 0.18 19.33 14.84
C LEU C 373 -0.82 20.44 14.52
N VAL C 374 -0.47 21.65 14.88
CA VAL C 374 -1.33 22.87 14.83
C VAL C 374 -1.64 23.16 13.36
N ARG C 375 -0.68 22.94 12.45
CA ARG C 375 -0.81 23.29 11.01
C ARG C 375 -1.52 22.16 10.27
N ARG C 376 -1.31 20.91 10.64
CA ARG C 376 -1.83 19.76 9.85
C ARG C 376 -3.10 19.16 10.47
N PHE C 377 -3.37 19.35 11.77
CA PHE C 377 -4.55 18.79 12.46
C PHE C 377 -5.29 19.91 13.18
N PRO C 378 -5.88 20.89 12.46
CA PRO C 378 -6.63 21.94 13.12
C PRO C 378 -7.81 21.34 13.90
N THR C 379 -8.24 20.10 13.60
CA THR C 379 -9.44 19.46 14.22
C THR C 379 -9.00 18.56 15.40
N LEU C 380 -7.71 18.55 15.75
CA LEU C 380 -7.16 17.59 16.75
C LEU C 380 -7.99 17.67 18.04
N ASP C 381 -8.39 16.52 18.60
CA ASP C 381 -8.97 16.55 19.97
C ASP C 381 -8.64 15.27 20.74
N LEU C 382 -8.80 15.37 22.06
CA LEU C 382 -8.67 14.22 22.98
C LEU C 382 -9.86 13.30 22.74
N ALA C 383 -9.62 12.02 22.53
CA ALA C 383 -10.64 11.01 22.23
C ALA C 383 -10.61 9.91 23.29
N GLU C 384 -10.19 10.22 24.51
CA GLU C 384 -10.40 9.37 25.70
C GLU C 384 -10.75 10.32 26.83
N PRO C 385 -11.57 9.89 27.82
CA PRO C 385 -12.00 10.80 28.88
C PRO C 385 -10.81 11.29 29.71
N VAL C 386 -10.87 12.56 30.12
CA VAL C 386 -9.86 13.21 31.00
C VAL C 386 -9.71 12.37 32.27
N ALA C 387 -10.81 11.89 32.82
CA ALA C 387 -10.87 11.13 34.08
C ALA C 387 -10.05 9.85 33.99
N GLY C 388 -9.92 9.26 32.80
CA GLY C 388 -9.28 7.93 32.64
C GLY C 388 -7.83 8.07 32.25
N LEU C 389 -7.32 9.29 32.09
CA LEU C 389 -5.97 9.45 31.49
C LEU C 389 -4.98 8.69 32.34
N LYS C 390 -4.05 7.99 31.69
CA LYS C 390 -3.03 7.17 32.39
CA LYS C 390 -3.02 7.17 32.36
C LYS C 390 -1.78 8.01 32.64
N TRP C 391 -1.86 8.87 33.64
CA TRP C 391 -0.68 9.62 34.16
C TRP C 391 0.30 8.61 34.74
N LYS C 392 1.59 8.72 34.38
CA LYS C 392 2.64 7.86 34.95
C LYS C 392 2.69 8.09 36.46
N GLN C 393 2.73 6.99 37.21
CA GLN C 393 2.75 7.00 38.70
C GLN C 393 4.14 6.56 39.17
N GLY C 394 4.64 7.10 40.28
CA GLY C 394 5.82 6.54 40.94
C GLY C 394 7.10 6.87 40.19
N MET C 395 7.10 7.98 39.43
CA MET C 395 8.32 8.50 38.74
C MET C 395 8.66 9.93 39.18
N LEU C 396 9.93 10.28 39.02
CA LEU C 396 10.50 11.60 39.35
C LEU C 396 9.99 12.61 38.32
N ILE C 397 9.41 12.17 37.21
CA ILE C 397 8.86 13.10 36.19
C ILE C 397 7.43 12.71 35.93
N ARG C 398 6.72 13.56 35.22
CA ARG C 398 5.28 13.40 34.91
C ARG C 398 5.08 13.39 33.41
N GLY C 399 4.08 12.61 32.98
CA GLY C 399 3.65 12.46 31.59
C GLY C 399 2.60 11.36 31.48
N LEU C 400 2.10 11.15 30.27
CA LEU C 400 1.03 10.19 29.91
C LEU C 400 1.60 8.92 29.29
N GLU C 401 1.10 7.76 29.71
CA GLU C 401 1.49 6.48 29.04
C GLU C 401 0.76 6.42 27.71
N ARG C 402 -0.35 7.11 27.61
CA ARG C 402 -1.25 7.03 26.43
C ARG C 402 -1.97 8.36 26.23
N GLN C 403 -2.21 8.75 24.97
CA GLN C 403 -3.00 9.97 24.67
C GLN C 403 -3.72 9.75 23.35
N ILE C 404 -4.88 9.12 23.40
CA ILE C 404 -5.70 8.85 22.18
C ILE C 404 -6.31 10.17 21.74
N VAL C 405 -6.01 10.54 20.50
CA VAL C 405 -6.59 11.75 19.85
C VAL C 405 -7.37 11.32 18.62
N SER C 406 -8.26 12.20 18.22
CA SER C 406 -9.05 12.18 16.98
C SER C 406 -8.76 13.47 16.22
N TRP C 407 -9.11 13.46 14.93
CA TRP C 407 -8.95 14.60 14.00
C TRP C 407 -9.86 14.36 12.81
N ASP D 12 -4.65 -58.26 -2.97
CA ASP D 12 -4.13 -57.68 -1.70
C ASP D 12 -2.67 -58.12 -1.50
N ALA D 13 -2.31 -59.29 -2.04
CA ALA D 13 -0.93 -59.67 -2.44
C ALA D 13 -0.96 -60.03 -3.92
N VAL D 14 -1.39 -59.09 -4.73
CA VAL D 14 -1.36 -59.19 -6.22
C VAL D 14 -0.49 -58.04 -6.72
N PRO D 15 0.38 -58.29 -7.73
CA PRO D 15 1.25 -57.23 -8.23
C PRO D 15 0.42 -56.06 -8.77
N ALA D 16 1.01 -54.87 -8.74
CA ALA D 16 0.49 -53.62 -9.36
C ALA D 16 0.56 -53.79 -10.89
N TYR D 17 -0.46 -53.34 -11.63
CA TYR D 17 -0.39 -53.30 -13.11
CA TYR D 17 -0.44 -53.32 -13.12
C TYR D 17 -0.78 -51.90 -13.57
N PRO D 18 0.03 -51.24 -14.42
CA PRO D 18 1.26 -51.80 -15.01
C PRO D 18 2.40 -52.23 -14.07
N PHE D 19 3.11 -53.30 -14.49
CA PHE D 19 4.20 -53.96 -13.72
CA PHE D 19 4.23 -53.99 -13.79
C PHE D 19 5.44 -53.06 -13.68
N SER D 20 5.62 -52.22 -14.69
CA SER D 20 6.77 -51.31 -14.82
C SER D 20 6.38 -50.12 -15.70
N LEU D 21 7.17 -49.06 -15.63
CA LEU D 21 6.98 -47.88 -16.51
CA LEU D 21 6.99 -47.89 -16.51
C LEU D 21 7.57 -48.24 -17.88
N PRO D 22 6.93 -47.82 -18.98
CA PRO D 22 7.33 -48.28 -20.31
C PRO D 22 8.71 -47.73 -20.75
N HIS D 23 9.54 -48.53 -21.44
CA HIS D 23 10.78 -48.03 -22.08
CA HIS D 23 10.80 -48.06 -22.08
C HIS D 23 10.69 -48.24 -23.61
N ALA D 24 10.64 -47.14 -24.34
CA ALA D 24 10.58 -47.22 -25.81
C ALA D 24 9.45 -48.15 -26.21
N LEU D 25 9.72 -49.10 -27.11
CA LEU D 25 8.68 -50.04 -27.58
C LEU D 25 8.93 -51.45 -27.01
N ASP D 26 10.02 -51.62 -26.27
CA ASP D 26 10.41 -52.91 -25.63
CA ASP D 26 10.34 -52.97 -25.72
C ASP D 26 9.27 -53.32 -24.70
N LEU D 27 8.98 -54.63 -24.58
CA LEU D 27 7.88 -55.16 -23.74
C LEU D 27 8.41 -55.67 -22.40
N ASP D 28 7.67 -55.46 -21.33
CA ASP D 28 8.05 -56.00 -19.99
C ASP D 28 8.28 -57.49 -20.14
N PRO D 29 9.45 -58.03 -19.70
CA PRO D 29 9.74 -59.47 -19.82
C PRO D 29 8.77 -60.39 -19.06
N HIS D 30 7.97 -59.85 -18.14
CA HIS D 30 6.98 -60.58 -17.29
CA HIS D 30 7.01 -60.62 -17.30
C HIS D 30 5.88 -61.18 -18.17
N TYR D 31 5.44 -60.46 -19.22
CA TYR D 31 4.36 -60.92 -20.14
CA TYR D 31 4.33 -60.94 -20.09
C TYR D 31 4.67 -62.34 -20.63
N ALA D 32 5.93 -62.59 -21.03
CA ALA D 32 6.39 -63.84 -21.67
C ALA D 32 6.40 -64.96 -20.64
N GLU D 33 6.83 -64.63 -19.41
CA GLU D 33 6.83 -65.53 -18.24
CA GLU D 33 6.83 -65.59 -18.27
C GLU D 33 5.38 -65.89 -17.91
N LEU D 34 4.46 -64.93 -18.05
CA LEU D 34 3.02 -65.18 -17.73
CA LEU D 34 3.01 -65.14 -17.76
C LEU D 34 2.41 -66.02 -18.87
N ARG D 35 2.74 -65.73 -20.13
CA ARG D 35 2.19 -66.51 -21.27
C ARG D 35 2.60 -67.99 -21.13
N ARG D 36 3.81 -68.29 -20.64
CA ARG D 36 4.27 -69.69 -20.47
CA ARG D 36 4.27 -69.69 -20.46
C ARG D 36 3.62 -70.28 -19.20
N ASP D 37 3.63 -69.54 -18.07
CA ASP D 37 3.36 -70.14 -16.71
C ASP D 37 2.01 -69.73 -16.09
N GLU D 38 1.46 -68.56 -16.39
CA GLU D 38 0.26 -68.01 -15.68
C GLU D 38 -0.40 -67.00 -16.61
N PRO D 39 -1.11 -67.47 -17.64
CA PRO D 39 -1.54 -66.62 -18.75
C PRO D 39 -2.74 -65.77 -18.34
N VAL D 40 -3.55 -66.24 -17.39
CA VAL D 40 -4.52 -65.34 -16.70
C VAL D 40 -3.94 -65.10 -15.31
N SER D 41 -3.87 -63.86 -14.82
CA SER D 41 -3.44 -63.59 -13.42
C SER D 41 -4.05 -62.29 -12.90
N ARG D 42 -4.30 -62.29 -11.60
CA ARG D 42 -4.98 -61.23 -10.83
C ARG D 42 -4.01 -60.04 -10.72
N VAL D 43 -4.51 -58.81 -10.82
CA VAL D 43 -3.64 -57.61 -10.68
C VAL D 43 -4.50 -56.47 -10.14
N ARG D 44 -3.81 -55.46 -9.63
CA ARG D 44 -4.45 -54.21 -9.15
CA ARG D 44 -4.40 -54.19 -9.12
C ARG D 44 -4.21 -53.15 -10.23
N LEU D 45 -5.32 -52.58 -10.72
CA LEU D 45 -5.27 -51.56 -11.80
C LEU D 45 -4.96 -50.22 -11.13
N PRO D 46 -4.42 -49.22 -11.86
CA PRO D 46 -4.03 -47.95 -11.24
C PRO D 46 -5.22 -47.28 -10.55
N TYR D 47 -6.44 -47.40 -11.08
CA TYR D 47 -7.63 -46.69 -10.55
C TYR D 47 -8.79 -47.68 -10.48
N GLY D 48 -9.92 -47.24 -9.94
CA GLY D 48 -11.00 -48.09 -9.47
C GLY D 48 -10.58 -48.90 -8.24
N GLU D 49 -11.45 -49.82 -7.77
CA GLU D 49 -11.22 -50.64 -6.55
CA GLU D 49 -11.23 -50.63 -6.55
C GLU D 49 -11.44 -52.13 -6.85
N GLY D 50 -10.77 -52.96 -6.09
CA GLY D 50 -10.77 -54.42 -6.25
C GLY D 50 -9.64 -54.82 -7.17
N THR D 51 -9.78 -55.97 -7.81
CA THR D 51 -8.76 -56.60 -8.67
C THR D 51 -9.39 -56.87 -10.02
N ALA D 52 -8.58 -57.32 -10.98
CA ALA D 52 -9.00 -57.69 -12.35
C ALA D 52 -8.08 -58.80 -12.84
N TRP D 53 -8.57 -59.63 -13.74
CA TRP D 53 -7.75 -60.67 -14.42
C TRP D 53 -7.01 -60.02 -15.57
N LEU D 54 -5.70 -60.14 -15.60
CA LEU D 54 -4.83 -59.79 -16.73
C LEU D 54 -4.74 -61.00 -17.63
N VAL D 55 -5.08 -60.77 -18.90
CA VAL D 55 -5.18 -61.79 -19.98
C VAL D 55 -4.06 -61.49 -20.98
N THR D 56 -3.13 -62.43 -21.19
CA THR D 56 -1.86 -62.21 -21.92
C THR D 56 -1.75 -63.05 -23.19
N ARG D 57 -2.66 -64.02 -23.40
CA ARG D 57 -2.62 -64.97 -24.53
C ARG D 57 -3.69 -64.60 -25.57
N MET D 58 -3.41 -64.94 -26.83
CA MET D 58 -4.30 -64.66 -28.00
CA MET D 58 -4.32 -64.63 -27.98
C MET D 58 -5.69 -65.26 -27.75
N SER D 59 -5.75 -66.54 -27.39
CA SER D 59 -7.02 -67.29 -27.23
C SER D 59 -7.93 -66.61 -26.21
N ASP D 60 -7.40 -66.32 -25.02
CA ASP D 60 -8.17 -65.70 -23.90
C ASP D 60 -8.55 -64.27 -24.32
N ALA D 61 -7.63 -63.55 -24.96
CA ALA D 61 -7.87 -62.17 -25.43
C ALA D 61 -9.10 -62.18 -26.34
N ARG D 62 -9.16 -63.19 -27.22
CA ARG D 62 -10.26 -63.32 -28.22
C ARG D 62 -11.56 -63.59 -27.49
N ILE D 63 -11.53 -64.39 -26.43
CA ILE D 63 -12.78 -64.66 -25.66
C ILE D 63 -13.18 -63.37 -24.96
N VAL D 64 -12.27 -62.77 -24.17
CA VAL D 64 -12.61 -61.52 -23.44
C VAL D 64 -13.14 -60.48 -24.44
N LEU D 65 -12.51 -60.32 -25.60
CA LEU D 65 -12.95 -59.26 -26.56
C LEU D 65 -14.17 -59.68 -27.42
N GLY D 66 -14.43 -60.98 -27.60
CA GLY D 66 -15.39 -61.46 -28.64
C GLY D 66 -16.74 -61.90 -28.09
N ASP D 67 -16.80 -62.27 -26.83
CA ASP D 67 -17.97 -63.01 -26.30
C ASP D 67 -18.98 -62.00 -25.74
N SER D 68 -20.27 -62.13 -26.04
CA SER D 68 -21.33 -61.28 -25.43
C SER D 68 -21.49 -61.51 -23.91
N ARG D 69 -20.83 -62.51 -23.30
CA ARG D 69 -20.86 -62.72 -21.82
C ARG D 69 -20.00 -61.65 -21.12
N PHE D 70 -19.23 -60.90 -21.90
CA PHE D 70 -18.36 -59.80 -21.45
C PHE D 70 -18.98 -58.46 -21.81
N SER D 71 -19.16 -57.56 -20.83
CA SER D 71 -19.82 -56.23 -21.01
C SER D 71 -18.85 -55.08 -20.73
N THR D 72 -18.69 -54.17 -21.68
CA THR D 72 -17.95 -52.89 -21.45
C THR D 72 -18.88 -51.90 -20.74
N ALA D 73 -20.20 -51.91 -21.00
CA ALA D 73 -21.09 -50.95 -20.29
C ALA D 73 -21.07 -51.18 -18.76
N ALA D 74 -20.87 -52.43 -18.30
CA ALA D 74 -20.76 -52.79 -16.87
C ALA D 74 -19.53 -52.16 -16.22
N ALA D 75 -18.51 -51.73 -16.99
CA ALA D 75 -17.22 -51.24 -16.44
C ALA D 75 -17.24 -49.72 -16.23
N THR D 76 -18.43 -49.12 -16.38
CA THR D 76 -18.62 -47.65 -16.22
C THR D 76 -18.73 -47.33 -14.72
N ASP D 77 -19.14 -48.31 -13.92
CA ASP D 77 -19.26 -48.22 -12.43
CA ASP D 77 -19.31 -48.09 -12.46
C ASP D 77 -17.96 -47.64 -11.87
N PRO D 78 -17.97 -46.44 -11.22
CA PRO D 78 -16.74 -45.84 -10.68
C PRO D 78 -15.87 -46.79 -9.85
N ALA D 79 -16.47 -47.82 -9.26
CA ALA D 79 -15.78 -48.82 -8.41
C ALA D 79 -14.92 -49.75 -9.26
N THR D 80 -15.24 -49.90 -10.55
CA THR D 80 -14.60 -50.89 -11.46
C THR D 80 -13.12 -50.54 -11.67
N PRO D 81 -12.20 -51.52 -11.55
CA PRO D 81 -10.81 -51.31 -11.96
C PRO D 81 -10.68 -50.73 -13.38
N ARG D 82 -9.71 -49.82 -13.61
CA ARG D 82 -9.42 -49.20 -14.94
C ARG D 82 -8.00 -48.66 -14.95
N MET D 83 -7.47 -48.34 -16.16
CA MET D 83 -6.05 -48.01 -16.45
C MET D 83 -5.81 -46.50 -16.38
N PHE D 84 -6.93 -45.77 -16.32
CA PHE D 84 -7.02 -44.30 -16.45
C PHE D 84 -7.87 -43.71 -15.33
N PRO D 85 -7.57 -42.44 -14.93
CA PRO D 85 -8.14 -41.84 -13.72
C PRO D 85 -9.67 -41.63 -13.64
N THR D 86 -10.30 -41.08 -14.66
CA THR D 86 -11.75 -40.73 -14.64
C THR D 86 -12.57 -42.00 -14.77
N PRO D 87 -13.69 -42.16 -14.03
CA PRO D 87 -14.67 -43.21 -14.34
C PRO D 87 -15.04 -43.11 -15.81
N PRO D 88 -15.18 -44.24 -16.53
CA PRO D 88 -15.52 -44.22 -17.95
C PRO D 88 -16.82 -43.45 -18.22
N GLU D 89 -16.90 -42.76 -19.36
CA GLU D 89 -18.09 -41.98 -19.79
C GLU D 89 -19.10 -42.94 -20.39
N PRO D 90 -20.30 -43.07 -19.78
CA PRO D 90 -21.32 -44.02 -20.24
C PRO D 90 -21.77 -43.79 -21.69
N ASP D 91 -21.74 -42.55 -22.17
CA ASP D 91 -22.01 -42.19 -23.59
C ASP D 91 -20.88 -42.63 -24.54
N GLY D 92 -19.69 -42.96 -24.05
CA GLY D 92 -18.55 -43.39 -24.92
C GLY D 92 -18.82 -44.67 -25.69
N VAL D 93 -18.46 -44.67 -26.98
CA VAL D 93 -18.65 -45.87 -27.85
C VAL D 93 -18.00 -47.09 -27.17
N LEU D 94 -16.84 -46.96 -26.54
CA LEU D 94 -16.22 -48.08 -25.79
C LEU D 94 -17.17 -48.60 -24.70
N ALA D 95 -17.96 -47.74 -24.05
CA ALA D 95 -18.81 -48.12 -22.89
C ALA D 95 -20.17 -48.66 -23.36
N GLN D 96 -20.30 -48.99 -24.65
CA GLN D 96 -21.54 -49.54 -25.26
C GLN D 96 -21.35 -51.03 -25.58
N ASP D 97 -22.42 -51.80 -25.39
CA ASP D 97 -22.49 -53.25 -25.70
C ASP D 97 -23.46 -53.39 -26.88
N PRO D 98 -23.29 -54.39 -27.75
CA PRO D 98 -24.27 -54.62 -28.81
C PRO D 98 -25.60 -55.02 -28.20
N PRO D 99 -26.74 -54.82 -28.91
CA PRO D 99 -26.72 -54.27 -30.27
C PRO D 99 -26.63 -52.74 -30.38
N ASP D 100 -26.81 -51.97 -29.29
CA ASP D 100 -26.74 -50.48 -29.34
C ASP D 100 -25.37 -50.02 -29.85
N HIS D 101 -24.29 -50.53 -29.28
CA HIS D 101 -22.94 -50.32 -29.82
CA HIS D 101 -22.95 -50.32 -29.83
C HIS D 101 -22.97 -50.45 -31.35
N THR D 102 -23.62 -51.52 -31.85
CA THR D 102 -23.66 -51.87 -33.31
C THR D 102 -24.38 -50.74 -34.04
N ARG D 103 -25.38 -50.11 -33.41
CA ARG D 103 -26.15 -49.01 -34.06
C ARG D 103 -25.30 -47.73 -34.04
N LEU D 104 -24.76 -47.34 -32.87
CA LEU D 104 -23.84 -46.17 -32.74
C LEU D 104 -22.77 -46.19 -33.85
N ARG D 105 -22.12 -47.34 -34.01
CA ARG D 105 -21.06 -47.60 -35.03
CA ARG D 105 -21.05 -47.59 -35.02
C ARG D 105 -21.58 -47.34 -36.44
N ARG D 106 -22.84 -47.66 -36.72
CA ARG D 106 -23.44 -47.57 -38.08
CA ARG D 106 -23.36 -47.57 -38.11
C ARG D 106 -23.74 -46.09 -38.40
N LEU D 107 -23.65 -45.19 -37.44
CA LEU D 107 -23.85 -43.74 -37.68
CA LEU D 107 -23.88 -43.75 -37.71
C LEU D 107 -22.74 -43.19 -38.59
N VAL D 108 -21.55 -43.76 -38.52
CA VAL D 108 -20.31 -43.28 -39.19
C VAL D 108 -19.63 -44.42 -39.95
N GLY D 109 -20.07 -45.66 -39.68
CA GLY D 109 -19.40 -46.88 -40.15
C GLY D 109 -19.20 -46.92 -41.66
N LYS D 110 -20.13 -46.45 -42.47
CA LYS D 110 -20.06 -46.52 -43.96
CA LYS D 110 -19.98 -46.68 -43.93
C LYS D 110 -18.71 -45.96 -44.42
N ALA D 111 -18.34 -44.80 -43.85
CA ALA D 111 -17.12 -44.04 -44.19
C ALA D 111 -15.85 -44.83 -43.88
N PHE D 112 -15.91 -45.93 -43.13
CA PHE D 112 -14.67 -46.54 -42.60
C PHE D 112 -14.48 -47.93 -43.19
N THR D 113 -15.38 -48.37 -44.07
CA THR D 113 -15.23 -49.65 -44.78
C THR D 113 -13.94 -49.63 -45.59
N ALA D 114 -13.37 -50.79 -45.87
CA ALA D 114 -12.12 -50.90 -46.65
C ALA D 114 -12.30 -50.27 -48.05
N ARG D 115 -13.51 -50.30 -48.60
CA ARG D 115 -13.84 -49.77 -49.96
CA ARG D 115 -13.79 -49.78 -49.97
C ARG D 115 -13.75 -48.26 -49.94
N ARG D 116 -14.47 -47.63 -48.99
CA ARG D 116 -14.49 -46.15 -48.88
CA ARG D 116 -14.50 -46.14 -48.85
C ARG D 116 -13.09 -45.67 -48.53
N VAL D 117 -12.37 -46.39 -47.69
CA VAL D 117 -11.02 -45.93 -47.28
C VAL D 117 -10.09 -46.05 -48.50
N GLU D 118 -10.17 -47.15 -49.22
CA GLU D 118 -9.32 -47.36 -50.42
C GLU D 118 -9.55 -46.18 -51.40
N GLU D 119 -10.77 -45.62 -51.51
CA GLU D 119 -11.07 -44.47 -52.40
C GLU D 119 -10.28 -43.22 -51.98
N MET D 120 -9.84 -43.18 -50.73
CA MET D 120 -9.14 -42.01 -50.16
C MET D 120 -7.68 -42.04 -50.59
N ARG D 121 -7.17 -43.17 -51.13
CA ARG D 121 -5.71 -43.31 -51.33
C ARG D 121 -5.15 -42.17 -52.19
N PRO D 122 -5.74 -41.77 -53.33
CA PRO D 122 -5.13 -40.72 -54.16
C PRO D 122 -4.93 -39.37 -53.45
N ARG D 123 -5.94 -38.89 -52.73
CA ARG D 123 -5.92 -37.65 -51.90
C ARG D 123 -4.93 -37.83 -50.71
N VAL D 124 -4.82 -39.03 -50.15
CA VAL D 124 -3.96 -39.24 -48.98
C VAL D 124 -2.52 -39.26 -49.48
N ARG D 125 -2.28 -39.93 -50.63
CA ARG D 125 -0.94 -39.94 -51.27
C ARG D 125 -0.50 -38.51 -51.58
N SER D 126 -1.41 -37.73 -52.15
CA SER D 126 -1.14 -36.33 -52.56
C SER D 126 -0.77 -35.50 -51.32
N LEU D 127 -1.50 -35.68 -50.21
CA LEU D 127 -1.19 -35.04 -48.90
C LEU D 127 0.25 -35.35 -48.47
N VAL D 128 0.58 -36.64 -48.43
CA VAL D 128 1.92 -37.11 -47.98
C VAL D 128 3.01 -36.48 -48.87
N ASP D 129 2.85 -36.45 -50.19
CA ASP D 129 3.93 -35.95 -51.10
C ASP D 129 4.18 -34.46 -50.81
N SER D 130 3.10 -33.71 -50.69
CA SER D 130 3.07 -32.28 -50.30
C SER D 130 3.84 -32.08 -48.97
N LEU D 131 3.52 -32.84 -47.92
CA LEU D 131 4.16 -32.68 -46.60
C LEU D 131 5.64 -33.03 -46.75
N LEU D 132 5.98 -34.03 -47.55
CA LEU D 132 7.42 -34.41 -47.71
C LEU D 132 8.13 -33.35 -48.56
N ASP D 133 7.40 -32.63 -49.41
CA ASP D 133 7.99 -31.57 -50.26
C ASP D 133 8.52 -30.47 -49.34
N ASP D 134 7.71 -30.10 -48.33
CA ASP D 134 8.04 -29.14 -47.26
C ASP D 134 9.27 -29.62 -46.51
N MET D 135 9.33 -30.88 -46.18
CA MET D 135 10.50 -31.39 -45.45
C MET D 135 11.77 -31.32 -46.32
N VAL D 136 11.70 -31.59 -47.65
CA VAL D 136 12.98 -31.58 -48.41
C VAL D 136 13.35 -30.11 -48.62
N ALA D 137 12.36 -29.21 -48.77
CA ALA D 137 12.56 -27.75 -48.91
C ALA D 137 13.25 -27.22 -47.64
N HIS D 138 12.91 -27.74 -46.46
CA HIS D 138 13.57 -27.35 -45.19
C HIS D 138 15.01 -27.88 -45.22
N GLY D 139 15.22 -29.15 -45.58
CA GLY D 139 16.56 -29.75 -45.74
C GLY D 139 16.95 -30.56 -44.52
N SER D 140 17.96 -31.42 -44.66
CA SER D 140 18.43 -32.36 -43.60
C SER D 140 19.31 -31.64 -42.58
N PRO D 141 19.35 -32.02 -41.29
CA PRO D 141 18.30 -32.86 -40.68
C PRO D 141 16.98 -32.13 -40.39
N ALA D 142 15.93 -32.87 -40.02
CA ALA D 142 14.57 -32.32 -39.74
C ALA D 142 13.76 -33.26 -38.85
N ASP D 143 12.80 -32.67 -38.13
CA ASP D 143 11.93 -33.37 -37.17
C ASP D 143 10.78 -34.04 -37.95
N LEU D 144 10.86 -35.34 -38.09
CA LEU D 144 9.82 -36.10 -38.82
C LEU D 144 8.46 -35.97 -38.12
N VAL D 145 8.43 -35.67 -36.83
CA VAL D 145 7.15 -35.45 -36.10
C VAL D 145 6.52 -34.18 -36.65
N GLU D 146 7.30 -33.10 -36.78
CA GLU D 146 6.75 -31.78 -37.15
C GLU D 146 6.39 -31.79 -38.62
N PHE D 147 7.20 -32.43 -39.47
CA PHE D 147 6.99 -32.43 -40.95
C PHE D 147 6.00 -33.49 -41.42
N LEU D 148 5.77 -34.58 -40.68
CA LEU D 148 4.92 -35.69 -41.21
C LEU D 148 3.99 -36.25 -40.13
N ALA D 149 4.58 -36.85 -39.09
CA ALA D 149 3.84 -37.72 -38.13
C ALA D 149 2.62 -36.97 -37.60
N VAL D 150 2.74 -35.69 -37.27
CA VAL D 150 1.60 -34.88 -36.75
C VAL D 150 0.75 -34.37 -37.91
N PRO D 151 1.21 -33.51 -38.86
CA PRO D 151 0.29 -32.84 -39.79
C PRO D 151 -0.50 -33.83 -40.70
N PHE D 152 0.06 -34.97 -41.05
CA PHE D 152 -0.55 -35.91 -42.01
C PHE D 152 -1.84 -36.45 -41.41
N PRO D 153 -1.82 -37.21 -40.28
CA PRO D 153 -3.06 -37.72 -39.72
C PRO D 153 -4.04 -36.62 -39.31
N VAL D 154 -3.53 -35.46 -38.84
CA VAL D 154 -4.40 -34.33 -38.44
C VAL D 154 -5.15 -33.82 -39.68
N ALA D 155 -4.49 -33.53 -40.80
CA ALA D 155 -5.23 -33.10 -42.01
C ALA D 155 -6.25 -34.20 -42.37
N VAL D 156 -5.89 -35.48 -42.38
CA VAL D 156 -6.87 -36.50 -42.91
C VAL D 156 -8.15 -36.52 -42.05
N ILE D 157 -8.00 -36.56 -40.73
CA ILE D 157 -9.23 -36.65 -39.87
C ILE D 157 -9.98 -35.32 -39.91
N CYS D 158 -9.28 -34.16 -39.97
CA CYS D 158 -10.01 -32.87 -40.03
C CYS D 158 -10.84 -32.81 -41.32
N GLU D 159 -10.27 -33.26 -42.43
CA GLU D 159 -11.00 -33.36 -43.76
C GLU D 159 -12.17 -34.33 -43.62
N LEU D 160 -11.90 -35.53 -43.08
CA LEU D 160 -12.94 -36.59 -43.02
C LEU D 160 -14.09 -36.19 -42.08
N LEU D 161 -13.82 -35.61 -40.90
CA LEU D 161 -14.88 -35.17 -39.94
C LEU D 161 -15.51 -33.84 -40.38
N GLY D 162 -14.71 -32.95 -40.99
CA GLY D 162 -15.08 -31.54 -41.19
C GLY D 162 -14.70 -30.67 -39.99
N VAL D 163 -13.56 -30.92 -39.34
CA VAL D 163 -13.07 -30.13 -38.18
C VAL D 163 -12.10 -29.11 -38.75
N PRO D 164 -12.16 -27.83 -38.34
CA PRO D 164 -11.20 -26.84 -38.83
C PRO D 164 -9.76 -27.17 -38.41
N LEU D 165 -8.87 -27.19 -39.39
CA LEU D 165 -7.40 -27.40 -39.23
C LEU D 165 -6.85 -26.37 -38.22
N GLU D 166 -7.41 -25.14 -38.17
CA GLU D 166 -6.94 -24.06 -37.25
C GLU D 166 -7.16 -24.47 -35.78
N ASP D 167 -8.02 -25.43 -35.50
CA ASP D 167 -8.26 -25.89 -34.11
C ASP D 167 -7.25 -26.96 -33.71
N ARG D 168 -6.21 -27.20 -34.49
CA ARG D 168 -5.23 -28.28 -34.20
CA ARG D 168 -5.14 -28.20 -34.23
C ARG D 168 -4.74 -28.19 -32.73
N ASP D 169 -4.26 -27.05 -32.24
CA ASP D 169 -3.68 -26.95 -30.85
C ASP D 169 -4.76 -27.22 -29.79
N LEU D 170 -5.98 -26.70 -30.01
CA LEU D 170 -7.15 -26.91 -29.13
C LEU D 170 -7.44 -28.42 -29.02
N PHE D 171 -7.65 -29.19 -30.12
CA PHE D 171 -8.05 -30.63 -30.00
C PHE D 171 -6.86 -31.54 -29.67
N ARG D 172 -5.64 -31.23 -30.12
CA ARG D 172 -4.41 -31.95 -29.67
C ARG D 172 -4.21 -31.82 -28.14
N THR D 173 -4.41 -30.64 -27.56
CA THR D 173 -4.32 -30.46 -26.10
C THR D 173 -5.41 -31.31 -25.43
N PHE D 174 -6.67 -31.17 -25.84
CA PHE D 174 -7.77 -31.90 -25.18
C PHE D 174 -7.52 -33.41 -25.30
N SER D 175 -7.14 -33.86 -26.50
CA SER D 175 -6.92 -35.28 -26.86
C SER D 175 -5.76 -35.81 -26.01
N ASP D 176 -4.66 -35.07 -25.89
CA ASP D 176 -3.44 -35.53 -25.17
C ASP D 176 -3.82 -35.77 -23.70
N ALA D 177 -4.58 -34.84 -23.11
CA ALA D 177 -5.06 -34.95 -21.72
C ALA D 177 -5.92 -36.22 -21.56
N MET D 178 -6.82 -36.47 -22.50
CA MET D 178 -7.85 -37.55 -22.41
CA MET D 178 -7.80 -37.56 -22.28
C MET D 178 -7.17 -38.93 -22.47
N LEU D 179 -5.98 -38.98 -23.02
CA LEU D 179 -5.16 -40.20 -23.07
C LEU D 179 -4.14 -40.25 -21.95
N SER D 180 -4.23 -39.38 -20.92
CA SER D 180 -3.28 -39.42 -19.76
C SER D 180 -3.53 -40.68 -18.91
N SER D 181 -2.46 -41.38 -18.57
CA SER D 181 -2.47 -42.47 -17.57
C SER D 181 -2.29 -41.84 -16.18
N THR D 182 -1.10 -41.24 -15.95
CA THR D 182 -0.67 -40.71 -14.63
C THR D 182 -0.47 -39.19 -14.67
N ARG D 183 -0.20 -38.59 -15.83
CA ARG D 183 0.09 -37.12 -15.97
C ARG D 183 -0.89 -36.24 -15.19
N LEU D 184 -2.18 -36.58 -15.13
CA LEU D 184 -3.26 -35.67 -14.66
C LEU D 184 -4.15 -36.39 -13.65
N THR D 185 -4.86 -35.62 -12.82
CA THR D 185 -5.89 -36.16 -11.92
C THR D 185 -7.18 -36.35 -12.72
N ALA D 186 -8.11 -37.17 -12.20
CA ALA D 186 -9.51 -37.32 -12.67
C ALA D 186 -10.20 -35.95 -12.77
N ALA D 187 -10.26 -35.17 -11.69
CA ALA D 187 -10.78 -33.77 -11.66
C ALA D 187 -10.43 -33.02 -12.96
N GLU D 188 -9.15 -33.07 -13.36
CA GLU D 188 -8.53 -32.32 -14.50
C GLU D 188 -8.98 -32.96 -15.83
N ILE D 189 -8.96 -34.30 -15.97
CA ILE D 189 -9.43 -35.02 -17.21
C ILE D 189 -10.91 -34.70 -17.39
N GLN D 190 -11.69 -34.77 -16.31
CA GLN D 190 -13.18 -34.67 -16.43
CA GLN D 190 -13.18 -34.64 -16.33
C GLN D 190 -13.51 -33.28 -16.95
N ARG D 191 -12.78 -32.24 -16.51
CA ARG D 191 -13.05 -30.86 -16.99
C ARG D 191 -12.68 -30.76 -18.49
N VAL D 192 -11.56 -31.30 -18.93
CA VAL D 192 -11.19 -31.36 -20.38
C VAL D 192 -12.27 -32.13 -21.14
N GLN D 193 -12.75 -33.26 -20.59
CA GLN D 193 -13.89 -34.04 -21.16
CA GLN D 193 -13.86 -34.03 -21.24
C GLN D 193 -15.09 -33.12 -21.36
N GLN D 194 -15.46 -32.36 -20.33
CA GLN D 194 -16.60 -31.41 -20.43
CA GLN D 194 -16.58 -31.37 -20.41
C GLN D 194 -16.30 -30.36 -21.52
N ASP D 195 -15.05 -29.89 -21.65
CA ASP D 195 -14.70 -28.82 -22.62
C ASP D 195 -14.72 -29.40 -24.05
N PHE D 196 -14.16 -30.59 -24.25
CA PHE D 196 -14.14 -31.28 -25.56
C PHE D 196 -15.60 -31.46 -26.02
N MET D 197 -16.43 -31.95 -25.11
CA MET D 197 -17.86 -32.24 -25.40
C MET D 197 -18.57 -30.95 -25.84
N VAL D 198 -18.30 -29.81 -25.20
CA VAL D 198 -19.01 -28.55 -25.56
CA VAL D 198 -18.97 -28.52 -25.53
C VAL D 198 -18.46 -28.03 -26.89
N TYR D 199 -17.14 -28.17 -27.10
CA TYR D 199 -16.49 -27.85 -28.39
C TYR D 199 -17.13 -28.70 -29.51
N MET D 200 -17.16 -30.02 -29.36
CA MET D 200 -17.70 -30.94 -30.41
C MET D 200 -19.20 -30.68 -30.59
N ASP D 201 -19.96 -30.49 -29.52
CA ASP D 201 -21.37 -30.01 -29.64
C ASP D 201 -21.40 -28.69 -30.44
N GLY D 202 -20.47 -27.77 -30.16
CA GLY D 202 -20.37 -26.50 -30.91
C GLY D 202 -20.28 -26.74 -32.42
N LEU D 203 -19.38 -27.63 -32.85
CA LEU D 203 -19.11 -27.90 -34.28
C LEU D 203 -20.34 -28.55 -34.94
N VAL D 204 -20.97 -29.54 -34.27
CA VAL D 204 -22.14 -30.27 -34.83
CA VAL D 204 -22.15 -30.28 -34.79
C VAL D 204 -23.33 -29.30 -34.93
N ALA D 205 -23.44 -28.38 -33.99
CA ALA D 205 -24.53 -27.38 -33.94
C ALA D 205 -24.45 -26.38 -35.12
N GLN D 206 -23.31 -26.30 -35.82
CA GLN D 206 -23.14 -25.40 -36.99
C GLN D 206 -23.72 -26.04 -38.27
N ARG D 207 -23.92 -27.35 -38.32
CA ARG D 207 -24.59 -28.02 -39.47
C ARG D 207 -26.12 -27.99 -39.27
N ARG D 208 -26.54 -27.56 -38.09
CA ARG D 208 -28.08 -27.37 -37.91
CA ARG D 208 -28.07 -27.31 -37.86
C ARG D 208 -28.80 -26.37 -38.97
N ASP D 209 -28.25 -25.16 -39.04
CA ASP D 209 -28.75 -24.24 -40.09
C ASP D 209 -28.43 -24.81 -41.47
N ALA D 210 -27.18 -25.22 -41.72
CA ALA D 210 -26.83 -25.75 -43.05
C ALA D 210 -26.00 -27.02 -42.92
N PRO D 211 -26.40 -28.14 -43.54
CA PRO D 211 -25.70 -29.41 -43.43
C PRO D 211 -24.38 -29.46 -44.21
N THR D 212 -23.48 -30.35 -43.81
CA THR D 212 -22.16 -30.52 -44.50
C THR D 212 -22.04 -31.95 -44.97
N GLU D 213 -21.20 -32.20 -45.98
CA GLU D 213 -20.92 -33.54 -46.53
CA GLU D 213 -20.93 -33.57 -46.50
C GLU D 213 -19.63 -34.06 -45.86
N ASP D 214 -19.71 -34.37 -44.57
CA ASP D 214 -18.57 -34.86 -43.77
C ASP D 214 -19.17 -35.60 -42.59
N LEU D 215 -18.38 -36.23 -41.71
CA LEU D 215 -18.98 -37.08 -40.64
C LEU D 215 -19.69 -36.22 -39.59
N LEU D 216 -19.25 -35.00 -39.33
CA LEU D 216 -19.98 -34.09 -38.41
C LEU D 216 -21.38 -33.79 -38.98
N GLY D 217 -21.56 -33.81 -40.30
CA GLY D 217 -22.87 -33.67 -40.99
C GLY D 217 -23.78 -34.86 -40.70
N ALA D 218 -23.27 -36.06 -40.90
CA ALA D 218 -23.96 -37.32 -40.54
C ALA D 218 -24.38 -37.25 -39.06
N LEU D 219 -23.52 -36.73 -38.17
CA LEU D 219 -23.81 -36.67 -36.71
C LEU D 219 -24.82 -35.56 -36.42
N ALA D 220 -24.74 -34.43 -37.12
CA ALA D 220 -25.76 -33.34 -37.08
C ALA D 220 -27.13 -33.91 -37.44
N LEU D 221 -27.27 -34.51 -38.64
CA LEU D 221 -28.54 -35.13 -39.14
CA LEU D 221 -28.56 -35.11 -39.13
C LEU D 221 -28.99 -36.22 -38.18
N ALA D 222 -27.99 -36.92 -37.61
CA ALA D 222 -28.19 -38.08 -36.71
C ALA D 222 -28.90 -37.64 -35.43
N THR D 223 -28.92 -36.35 -35.13
CA THR D 223 -29.66 -35.86 -33.94
C THR D 223 -31.17 -36.13 -34.16
N ASP D 224 -31.64 -35.94 -35.39
CA ASP D 224 -33.04 -36.24 -35.80
C ASP D 224 -33.33 -37.75 -35.68
N ASN D 225 -32.32 -38.60 -35.89
CA ASN D 225 -32.51 -40.05 -35.62
C ASN D 225 -32.93 -40.01 -34.15
N ASP D 226 -34.10 -40.54 -33.83
CA ASP D 226 -34.72 -40.28 -32.50
C ASP D 226 -34.80 -41.55 -31.64
N ASP D 227 -34.44 -42.72 -32.19
CA ASP D 227 -34.50 -43.99 -31.42
CA ASP D 227 -34.49 -44.03 -31.50
C ASP D 227 -33.10 -44.39 -30.96
N HIS D 228 -33.04 -45.04 -29.78
CA HIS D 228 -31.86 -45.78 -29.24
CA HIS D 228 -31.88 -45.78 -29.21
C HIS D 228 -30.69 -44.84 -28.89
N LEU D 229 -30.44 -43.79 -29.70
CA LEU D 229 -29.16 -43.03 -29.70
CA LEU D 229 -29.16 -43.03 -29.71
C LEU D 229 -29.36 -41.61 -29.17
N THR D 230 -28.80 -41.33 -27.97
CA THR D 230 -28.86 -40.01 -27.29
C THR D 230 -27.88 -39.03 -27.95
N LYS D 231 -28.22 -37.73 -27.88
CA LYS D 231 -27.40 -36.61 -28.39
CA LYS D 231 -27.40 -36.60 -28.38
C LYS D 231 -25.97 -36.75 -27.82
N GLY D 232 -25.85 -37.10 -26.54
CA GLY D 232 -24.58 -37.25 -25.82
C GLY D 232 -23.72 -38.34 -26.43
N GLU D 233 -24.36 -39.42 -26.88
CA GLU D 233 -23.67 -40.60 -27.46
C GLU D 233 -23.14 -40.20 -28.84
N ILE D 234 -23.88 -39.35 -29.55
CA ILE D 234 -23.58 -38.90 -30.95
C ILE D 234 -22.47 -37.85 -30.90
N VAL D 235 -22.58 -36.87 -30.03
CA VAL D 235 -21.54 -35.81 -29.95
C VAL D 235 -20.26 -36.49 -29.47
N ASN D 236 -20.39 -37.46 -28.57
CA ASN D 236 -19.23 -38.17 -27.99
C ASN D 236 -18.50 -39.00 -29.07
N MET D 237 -19.22 -39.51 -30.06
CA MET D 237 -18.60 -40.26 -31.19
C MET D 237 -17.64 -39.33 -31.95
N GLY D 238 -18.06 -38.10 -32.19
CA GLY D 238 -17.21 -37.07 -32.81
C GLY D 238 -15.91 -36.89 -32.04
N VAL D 239 -16.01 -36.84 -30.70
CA VAL D 239 -14.81 -36.67 -29.82
C VAL D 239 -13.94 -37.89 -30.07
N SER D 240 -14.53 -39.10 -30.01
CA SER D 240 -13.72 -40.34 -30.09
C SER D 240 -13.01 -40.42 -31.46
N LEU D 241 -13.76 -40.12 -32.52
CA LEU D 241 -13.20 -40.11 -33.89
C LEU D 241 -12.06 -39.08 -33.99
N LEU D 242 -12.24 -37.86 -33.45
CA LEU D 242 -11.23 -36.79 -33.53
C LEU D 242 -10.02 -37.22 -32.70
N ILE D 243 -10.23 -37.77 -31.51
CA ILE D 243 -9.11 -38.23 -30.66
C ILE D 243 -8.40 -39.34 -31.40
N ALA D 244 -9.12 -40.41 -31.73
CA ALA D 244 -8.49 -41.68 -32.20
C ALA D 244 -7.88 -41.45 -33.57
N GLY D 245 -8.56 -40.65 -34.38
CA GLY D 245 -8.16 -40.36 -35.77
C GLY D 245 -6.77 -39.73 -35.88
N HIS D 246 -6.30 -38.96 -34.90
CA HIS D 246 -4.90 -38.48 -34.97
C HIS D 246 -4.03 -39.19 -33.96
N GLU D 247 -4.54 -39.42 -32.75
CA GLU D 247 -3.66 -39.86 -31.64
C GLU D 247 -2.99 -41.16 -32.04
N THR D 248 -3.69 -42.09 -32.71
CA THR D 248 -3.14 -43.45 -33.00
C THR D 248 -2.04 -43.30 -34.07
N SER D 249 -2.44 -42.84 -35.24
CA SER D 249 -1.56 -42.71 -36.43
C SER D 249 -0.37 -41.79 -36.16
N VAL D 250 -0.58 -40.64 -35.53
CA VAL D 250 0.57 -39.74 -35.13
C VAL D 250 1.64 -40.59 -34.43
N ASN D 251 1.27 -41.33 -33.39
CA ASN D 251 2.22 -42.14 -32.61
C ASN D 251 2.79 -43.30 -33.45
N GLN D 252 1.93 -44.04 -34.18
N GLN D 252 1.91 -44.04 -34.16
CA GLN D 252 2.38 -45.29 -34.83
CA GLN D 252 2.27 -45.27 -34.90
C GLN D 252 3.33 -44.94 -35.97
C GLN D 252 3.32 -44.92 -35.95
N ILE D 253 3.15 -43.79 -36.63
CA ILE D 253 4.14 -43.32 -37.65
C ILE D 253 5.50 -43.24 -36.96
N THR D 254 5.59 -42.56 -35.81
CA THR D 254 6.89 -42.44 -35.09
C THR D 254 7.33 -43.84 -34.64
N ASN D 255 6.39 -44.68 -34.18
CA ASN D 255 6.74 -46.02 -33.67
C ASN D 255 7.41 -46.88 -34.75
N LEU D 256 6.77 -46.94 -35.92
CA LEU D 256 7.22 -47.77 -37.06
C LEU D 256 8.55 -47.24 -37.58
N VAL D 257 8.70 -45.93 -37.72
CA VAL D 257 9.99 -45.35 -38.19
C VAL D 257 11.10 -45.68 -37.17
N HIS D 258 10.78 -45.73 -35.87
CA HIS D 258 11.80 -46.08 -34.83
C HIS D 258 12.27 -47.52 -35.08
N LEU D 259 11.32 -48.46 -35.18
CA LEU D 259 11.64 -49.89 -35.40
C LEU D 259 12.54 -50.01 -36.63
N LEU D 260 12.30 -49.21 -37.68
CA LEU D 260 12.94 -49.37 -39.02
C LEU D 260 14.38 -48.85 -38.99
N LEU D 261 14.64 -47.75 -38.29
CA LEU D 261 15.93 -47.03 -38.35
C LEU D 261 16.90 -47.55 -37.28
N THR D 262 16.42 -47.95 -36.09
CA THR D 262 17.20 -48.84 -35.18
C THR D 262 17.15 -50.23 -35.84
N GLU D 263 18.31 -50.83 -36.12
CA GLU D 263 18.47 -51.96 -37.08
CA GLU D 263 18.43 -51.97 -37.06
C GLU D 263 17.95 -51.51 -38.45
N ARG D 264 18.73 -50.65 -39.10
CA ARG D 264 18.42 -50.08 -40.43
C ARG D 264 18.32 -51.19 -41.49
N LYS D 265 18.68 -52.43 -41.16
CA LYS D 265 18.51 -53.57 -42.11
CA LYS D 265 18.49 -53.62 -42.04
C LYS D 265 17.02 -53.71 -42.45
N ARG D 266 16.13 -53.40 -41.49
CA ARG D 266 14.66 -53.36 -41.67
CA ARG D 266 14.66 -53.34 -41.64
C ARG D 266 14.30 -52.32 -42.73
N TYR D 267 14.75 -51.08 -42.54
CA TYR D 267 14.53 -49.96 -43.49
C TYR D 267 15.07 -50.34 -44.89
N GLU D 268 16.31 -50.82 -44.96
CA GLU D 268 17.00 -51.20 -46.24
C GLU D 268 16.19 -52.26 -46.99
N SER D 269 15.50 -53.14 -46.27
CA SER D 269 14.74 -54.25 -46.91
C SER D 269 13.50 -53.65 -47.59
N LEU D 270 12.89 -52.62 -47.02
CA LEU D 270 11.75 -51.92 -47.65
C LEU D 270 12.25 -51.01 -48.79
N VAL D 271 13.40 -50.33 -48.60
CA VAL D 271 14.08 -49.53 -49.67
C VAL D 271 14.21 -50.43 -50.91
N ALA D 272 14.76 -51.62 -50.74
CA ALA D 272 15.04 -52.59 -51.83
C ALA D 272 13.74 -53.04 -52.50
N ASP D 273 12.67 -53.22 -51.71
CA ASP D 273 11.36 -53.76 -52.19
C ASP D 273 10.19 -53.01 -51.57
N PRO D 274 9.83 -51.82 -52.09
CA PRO D 274 8.67 -51.08 -51.62
C PRO D 274 7.33 -51.83 -51.49
N ALA D 275 7.09 -52.82 -52.35
CA ALA D 275 5.82 -53.59 -52.37
C ALA D 275 5.69 -54.40 -51.07
N LEU D 276 6.78 -54.51 -50.31
CA LEU D 276 6.81 -55.25 -49.02
C LEU D 276 6.27 -54.38 -47.88
N VAL D 277 5.85 -53.14 -48.14
CA VAL D 277 5.47 -52.17 -47.06
C VAL D 277 4.14 -52.55 -46.38
N PRO D 278 3.05 -52.92 -47.09
CA PRO D 278 1.81 -53.33 -46.43
C PRO D 278 1.94 -54.45 -45.38
N ALA D 279 2.86 -55.39 -45.62
CA ALA D 279 3.16 -56.59 -44.81
C ALA D 279 4.04 -56.17 -43.64
N ALA D 280 4.97 -55.25 -43.90
CA ALA D 280 5.86 -54.68 -42.86
C ALA D 280 4.98 -53.89 -41.88
N VAL D 281 3.99 -53.15 -42.39
CA VAL D 281 3.01 -52.43 -41.52
C VAL D 281 2.29 -53.43 -40.62
N GLU D 282 1.71 -54.51 -41.18
CA GLU D 282 0.95 -55.54 -40.42
C GLU D 282 1.89 -56.10 -39.34
N GLU D 283 3.11 -56.46 -39.71
CA GLU D 283 4.09 -57.05 -38.80
C GLU D 283 4.43 -56.03 -37.70
N MET D 284 4.78 -54.79 -38.07
CA MET D 284 5.12 -53.77 -37.04
C MET D 284 3.87 -53.43 -36.21
N LEU D 285 2.65 -53.50 -36.76
CA LEU D 285 1.43 -53.34 -35.91
C LEU D 285 1.40 -54.49 -34.86
N ARG D 286 1.68 -55.72 -35.26
CA ARG D 286 1.70 -56.84 -34.30
C ARG D 286 2.76 -56.50 -33.22
N TYR D 287 3.96 -56.17 -33.67
CA TYR D 287 5.21 -56.05 -32.86
C TYR D 287 5.19 -54.87 -31.88
N THR D 288 4.33 -53.86 -32.06
CA THR D 288 4.38 -52.53 -31.38
C THR D 288 3.30 -52.39 -30.31
N PRO D 289 3.70 -52.12 -29.04
CA PRO D 289 2.75 -51.76 -28.00
C PRO D 289 2.38 -50.28 -28.11
N LEU D 290 1.32 -49.98 -28.85
CA LEU D 290 0.74 -48.62 -29.01
C LEU D 290 0.03 -48.31 -27.71
N VAL D 291 -0.86 -49.20 -27.30
CA VAL D 291 -1.54 -49.14 -25.98
C VAL D 291 -0.47 -49.66 -25.03
N SER D 292 -0.02 -48.79 -24.13
CA SER D 292 1.24 -48.97 -23.37
C SER D 292 1.06 -50.17 -22.46
N ALA D 293 -0.10 -50.23 -21.79
CA ALA D 293 -0.51 -51.30 -20.87
C ALA D 293 -2.04 -51.44 -20.83
N GLY D 294 -2.51 -52.69 -20.81
CA GLY D 294 -3.93 -53.00 -20.59
C GLY D 294 -4.82 -52.52 -21.71
N SER D 295 -6.05 -52.23 -21.33
CA SER D 295 -7.19 -51.99 -22.25
C SER D 295 -8.33 -51.46 -21.42
N PHE D 296 -9.38 -50.98 -22.10
CA PHE D 296 -10.71 -50.79 -21.50
C PHE D 296 -11.16 -52.19 -21.05
N VAL D 297 -11.96 -52.21 -19.98
CA VAL D 297 -12.17 -53.38 -19.11
C VAL D 297 -13.47 -54.05 -19.54
N ARG D 298 -13.48 -55.38 -19.56
CA ARG D 298 -14.70 -56.21 -19.74
C ARG D 298 -15.04 -56.88 -18.41
N VAL D 299 -16.25 -56.66 -17.92
CA VAL D 299 -16.87 -57.36 -16.77
C VAL D 299 -17.68 -58.56 -17.30
N ALA D 300 -17.34 -59.78 -16.87
CA ALA D 300 -18.18 -60.99 -17.12
C ALA D 300 -19.59 -60.73 -16.57
N THR D 301 -20.65 -61.00 -17.34
CA THR D 301 -22.06 -60.94 -16.88
C THR D 301 -22.59 -62.37 -16.67
N GLU D 302 -21.77 -63.37 -16.97
CA GLU D 302 -22.01 -64.82 -16.69
C GLU D 302 -20.65 -65.46 -16.51
N ASP D 303 -20.59 -66.62 -15.88
CA ASP D 303 -19.31 -67.36 -15.77
C ASP D 303 -18.80 -67.57 -17.20
N VAL D 304 -17.51 -67.35 -17.45
CA VAL D 304 -16.86 -67.62 -18.75
C VAL D 304 -15.58 -68.39 -18.50
N GLU D 305 -15.33 -69.46 -19.26
CA GLU D 305 -14.14 -70.31 -19.09
C GLU D 305 -13.04 -69.76 -19.98
N LEU D 306 -11.97 -69.25 -19.37
CA LEU D 306 -10.74 -68.87 -20.07
C LEU D 306 -9.79 -70.08 -20.03
N SER D 307 -8.56 -70.01 -20.53
CA SER D 307 -7.66 -71.19 -20.62
C SER D 307 -7.47 -71.85 -19.25
N THR D 308 -7.17 -71.08 -18.21
CA THR D 308 -6.76 -71.61 -16.89
C THR D 308 -7.73 -71.18 -15.81
N VAL D 309 -8.79 -70.46 -16.13
CA VAL D 309 -9.71 -70.04 -15.03
C VAL D 309 -11.11 -69.87 -15.58
N THR D 310 -12.10 -70.19 -14.78
CA THR D 310 -13.47 -69.66 -14.95
C THR D 310 -13.51 -68.28 -14.31
N VAL D 311 -13.67 -67.22 -15.11
CA VAL D 311 -14.00 -65.87 -14.60
C VAL D 311 -15.47 -65.90 -14.15
N ARG D 312 -15.79 -65.40 -12.94
CA ARG D 312 -17.19 -65.41 -12.47
C ARG D 312 -17.90 -64.15 -12.95
N ALA D 313 -19.20 -64.27 -13.21
CA ALA D 313 -20.13 -63.12 -13.35
C ALA D 313 -19.73 -62.01 -12.40
N GLY D 314 -19.48 -60.80 -12.89
CA GLY D 314 -19.21 -59.63 -12.04
C GLY D 314 -17.73 -59.36 -11.88
N GLU D 315 -16.85 -60.29 -12.26
CA GLU D 315 -15.37 -60.06 -12.22
C GLU D 315 -14.93 -59.32 -13.49
N PRO D 316 -14.08 -58.27 -13.33
CA PRO D 316 -13.53 -57.53 -14.46
C PRO D 316 -12.25 -58.16 -15.02
N CYS D 317 -12.10 -58.07 -16.34
CA CYS D 317 -10.93 -58.56 -17.08
C CYS D 317 -10.29 -57.40 -17.84
N VAL D 318 -8.99 -57.49 -18.07
CA VAL D 318 -8.26 -56.48 -18.85
C VAL D 318 -7.29 -57.25 -19.75
N VAL D 319 -7.10 -56.78 -21.00
CA VAL D 319 -6.21 -57.43 -22.01
C VAL D 319 -4.98 -56.57 -22.22
N HIS D 320 -3.82 -57.22 -22.47
CA HIS D 320 -2.62 -56.55 -23.03
C HIS D 320 -2.47 -56.97 -24.50
N PHE D 321 -2.88 -56.09 -25.39
CA PHE D 321 -2.94 -56.40 -26.84
C PHE D 321 -1.56 -56.91 -27.27
N ALA D 322 -0.50 -56.17 -26.95
CA ALA D 322 0.87 -56.49 -27.42
C ALA D 322 1.34 -57.84 -26.88
N SER D 323 0.87 -58.27 -25.69
CA SER D 323 1.23 -59.62 -25.18
C SER D 323 0.60 -60.68 -26.09
N ALA D 324 -0.70 -60.59 -26.32
CA ALA D 324 -1.42 -61.50 -27.23
C ALA D 324 -0.67 -61.55 -28.57
N ASN D 325 -0.14 -60.42 -29.01
CA ASN D 325 0.51 -60.31 -30.33
C ASN D 325 1.90 -60.96 -30.33
N ARG D 326 2.40 -61.42 -29.16
CA ARG D 326 3.70 -62.13 -29.06
C ARG D 326 3.49 -63.61 -28.66
N ASP D 327 2.25 -64.05 -28.57
CA ASP D 327 1.87 -65.44 -28.20
C ASP D 327 2.56 -66.43 -29.15
N GLU D 328 3.51 -67.22 -28.63
CA GLU D 328 4.42 -68.06 -29.46
C GLU D 328 3.64 -69.32 -29.90
N GLU D 329 2.44 -69.52 -29.36
CA GLU D 329 1.56 -70.64 -29.84
CA GLU D 329 1.45 -70.59 -29.75
C GLU D 329 0.77 -70.21 -31.08
N VAL D 330 0.78 -68.92 -31.46
CA VAL D 330 0.12 -68.49 -32.73
C VAL D 330 1.13 -67.92 -33.76
N PHE D 331 2.28 -67.36 -33.38
CA PHE D 331 3.31 -66.84 -34.32
C PHE D 331 4.67 -67.55 -34.15
N ASP D 332 5.24 -68.10 -35.20
CA ASP D 332 6.63 -68.63 -35.17
C ASP D 332 7.62 -67.48 -34.98
N HIS D 333 8.72 -67.71 -34.24
CA HIS D 333 9.78 -66.70 -34.02
CA HIS D 333 9.78 -66.71 -33.93
C HIS D 333 9.12 -65.39 -33.53
N ALA D 334 8.15 -65.47 -32.62
CA ALA D 334 7.22 -64.38 -32.22
C ALA D 334 7.90 -63.11 -31.71
N ASP D 335 9.17 -63.14 -31.30
CA ASP D 335 9.80 -61.91 -30.73
CA ASP D 335 9.92 -62.01 -30.70
C ASP D 335 10.75 -61.30 -31.77
N GLU D 336 10.73 -61.84 -32.99
CA GLU D 336 11.53 -61.29 -34.13
CA GLU D 336 11.53 -61.34 -34.15
C GLU D 336 10.58 -60.61 -35.11
N LEU D 337 11.04 -59.52 -35.73
CA LEU D 337 10.29 -58.78 -36.78
C LEU D 337 10.49 -59.52 -38.11
N ASP D 338 9.45 -60.21 -38.60
CA ASP D 338 9.49 -60.96 -39.88
C ASP D 338 8.47 -60.35 -40.86
N PHE D 339 8.94 -59.67 -41.89
CA PHE D 339 8.08 -58.99 -42.91
C PHE D 339 7.67 -59.99 -43.98
N HIS D 340 8.13 -61.24 -43.85
CA HIS D 340 7.85 -62.34 -44.80
C HIS D 340 7.00 -63.40 -44.09
N ARG D 341 6.32 -63.06 -43.00
CA ARG D 341 5.35 -63.97 -42.31
C ARG D 341 4.32 -64.45 -43.32
N GLU D 342 3.98 -65.74 -43.29
CA GLU D 342 3.00 -66.36 -44.22
CA GLU D 342 2.99 -66.29 -44.25
C GLU D 342 1.60 -66.03 -43.66
N ARG D 343 1.54 -65.93 -42.33
CA ARG D 343 0.29 -65.67 -41.58
CA ARG D 343 0.31 -65.75 -41.51
C ARG D 343 0.60 -64.70 -40.43
N ASN D 344 -0.29 -63.72 -40.24
CA ASN D 344 -0.14 -62.67 -39.20
C ASN D 344 -1.49 -62.22 -38.66
N PRO D 345 -2.21 -63.07 -37.89
CA PRO D 345 -3.53 -62.75 -37.35
C PRO D 345 -3.48 -61.96 -36.03
N HIS D 346 -2.87 -60.77 -36.05
CA HIS D 346 -2.66 -59.93 -34.84
C HIS D 346 -3.98 -59.34 -34.38
N ILE D 347 -4.08 -58.88 -33.13
CA ILE D 347 -5.21 -58.05 -32.64
C ILE D 347 -4.71 -56.63 -32.31
N ALA D 348 -3.77 -56.08 -33.09
CA ALA D 348 -3.33 -54.65 -32.95
C ALA D 348 -4.54 -53.71 -32.94
N PHE D 349 -5.65 -54.13 -33.56
CA PHE D 349 -6.88 -53.33 -33.77
C PHE D 349 -7.99 -53.88 -32.89
N GLY D 350 -7.62 -54.78 -31.99
CA GLY D 350 -8.63 -55.38 -31.11
C GLY D 350 -9.34 -56.52 -31.82
N HIS D 351 -10.56 -56.81 -31.37
CA HIS D 351 -11.35 -57.98 -31.78
CA HIS D 351 -11.31 -58.05 -31.67
C HIS D 351 -12.78 -57.83 -31.26
N GLY D 352 -13.71 -58.48 -31.94
CA GLY D 352 -15.09 -58.49 -31.42
C GLY D 352 -15.75 -57.17 -31.75
N ALA D 353 -16.78 -56.81 -31.01
CA ALA D 353 -17.66 -55.66 -31.33
C ALA D 353 -16.85 -54.36 -31.42
N HIS D 354 -15.87 -54.16 -30.53
CA HIS D 354 -15.13 -52.88 -30.41
C HIS D 354 -13.93 -52.90 -31.35
N HIS D 355 -13.77 -53.90 -32.21
CA HIS D 355 -12.70 -53.95 -33.25
C HIS D 355 -12.52 -52.55 -33.86
N CYS D 356 -11.30 -52.03 -33.93
CA CYS D 356 -11.03 -50.62 -34.37
C CYS D 356 -11.89 -50.28 -35.60
N ILE D 357 -12.85 -49.37 -35.46
CA ILE D 357 -13.59 -48.80 -36.60
C ILE D 357 -12.61 -48.16 -37.62
N GLY D 358 -11.50 -47.58 -37.21
CA GLY D 358 -10.59 -46.86 -38.13
C GLY D 358 -9.46 -47.73 -38.64
N ALA D 359 -9.59 -49.04 -38.53
CA ALA D 359 -8.44 -49.94 -38.81
C ALA D 359 -8.01 -49.80 -40.28
N GLN D 360 -8.95 -49.60 -41.21
CA GLN D 360 -8.58 -49.46 -42.64
C GLN D 360 -7.91 -48.11 -42.90
N LEU D 361 -8.38 -47.05 -42.25
CA LEU D 361 -7.80 -45.70 -42.39
C LEU D 361 -6.40 -45.67 -41.78
N GLY D 362 -6.24 -46.31 -40.62
CA GLY D 362 -4.89 -46.41 -40.02
C GLY D 362 -3.91 -47.18 -40.89
N ARG D 363 -4.35 -48.29 -41.47
CA ARG D 363 -3.56 -49.10 -42.42
C ARG D 363 -3.18 -48.22 -43.64
N LEU D 364 -4.13 -47.51 -44.21
CA LEU D 364 -3.85 -46.63 -45.40
C LEU D 364 -2.82 -45.55 -45.02
N GLU D 365 -3.06 -44.82 -43.94
CA GLU D 365 -2.12 -43.75 -43.48
C GLU D 365 -0.73 -44.36 -43.31
N LEU D 366 -0.61 -45.54 -42.69
CA LEU D 366 0.76 -46.03 -42.33
C LEU D 366 1.42 -46.51 -43.62
N GLN D 367 0.67 -47.15 -44.51
CA GLN D 367 1.23 -47.67 -45.78
C GLN D 367 1.72 -46.47 -46.61
N GLU D 368 0.90 -45.46 -46.80
CA GLU D 368 1.29 -44.31 -47.66
C GLU D 368 2.43 -43.49 -47.03
N ALA D 369 2.48 -43.35 -45.70
CA ALA D 369 3.57 -42.59 -45.02
C ALA D 369 4.87 -43.37 -45.22
N LEU D 370 4.89 -44.64 -44.86
CA LEU D 370 6.13 -45.48 -44.91
C LEU D 370 6.59 -45.65 -46.35
N SER D 371 5.64 -45.92 -47.26
CA SER D 371 5.99 -46.22 -48.66
C SER D 371 6.66 -45.00 -49.25
N ALA D 372 6.10 -43.81 -49.01
CA ALA D 372 6.66 -42.57 -49.59
C ALA D 372 8.08 -42.37 -49.04
N LEU D 373 8.33 -42.66 -47.74
CA LEU D 373 9.66 -42.44 -47.09
CA LEU D 373 9.65 -42.42 -47.09
C LEU D 373 10.71 -43.34 -47.73
N VAL D 374 10.36 -44.59 -47.88
CA VAL D 374 11.27 -45.68 -48.33
C VAL D 374 11.69 -45.45 -49.78
N ARG D 375 10.83 -44.88 -50.63
CA ARG D 375 11.06 -44.69 -52.08
C ARG D 375 11.82 -43.39 -52.34
N ARG D 376 11.67 -42.42 -51.45
CA ARG D 376 12.13 -41.03 -51.67
C ARG D 376 13.38 -40.73 -50.83
N PHE D 377 13.58 -41.44 -49.71
CA PHE D 377 14.72 -41.20 -48.79
C PHE D 377 15.41 -42.52 -48.49
N PRO D 378 16.02 -43.20 -49.49
CA PRO D 378 16.72 -44.46 -49.22
C PRO D 378 17.81 -44.24 -48.17
N THR D 379 18.39 -43.03 -48.14
CA THR D 379 19.47 -42.65 -47.20
C THR D 379 18.91 -42.35 -45.82
N LEU D 380 17.60 -42.47 -45.58
CA LEU D 380 17.00 -42.02 -44.29
C LEU D 380 17.71 -42.71 -43.12
N ASP D 381 17.89 -41.98 -42.02
CA ASP D 381 18.63 -42.43 -40.83
C ASP D 381 18.29 -41.54 -39.63
N LEU D 382 18.33 -42.06 -38.41
CA LEU D 382 18.07 -41.27 -37.18
C LEU D 382 19.26 -40.33 -36.89
N ALA D 383 18.98 -39.04 -36.69
CA ALA D 383 19.99 -37.96 -36.57
C ALA D 383 19.89 -37.29 -35.20
N GLU D 384 19.40 -38.01 -34.18
CA GLU D 384 19.55 -37.67 -32.75
C GLU D 384 19.85 -38.99 -32.03
N PRO D 385 20.71 -38.99 -30.97
CA PRO D 385 21.01 -40.21 -30.23
C PRO D 385 19.77 -40.97 -29.74
N VAL D 386 19.81 -42.29 -29.90
CA VAL D 386 18.76 -43.20 -29.39
C VAL D 386 18.53 -42.90 -27.91
N ALA D 387 19.59 -42.66 -27.12
CA ALA D 387 19.54 -42.51 -25.65
C ALA D 387 18.67 -41.32 -25.25
N GLY D 388 18.60 -40.28 -26.09
CA GLY D 388 17.89 -39.03 -25.74
C GLY D 388 16.52 -38.95 -26.41
N LEU D 389 16.03 -40.03 -27.01
CA LEU D 389 14.75 -39.96 -27.74
C LEU D 389 13.68 -39.59 -26.73
N LYS D 390 12.79 -38.66 -27.09
CA LYS D 390 11.76 -38.12 -26.16
CA LYS D 390 11.76 -38.12 -26.17
C LYS D 390 10.49 -38.96 -26.28
N TRP D 391 10.48 -40.16 -25.66
CA TRP D 391 9.25 -40.99 -25.56
C TRP D 391 8.22 -40.26 -24.71
N LYS D 392 6.95 -40.22 -25.11
CA LYS D 392 5.87 -39.63 -24.31
C LYS D 392 5.73 -40.45 -23.02
N GLN D 393 5.44 -39.77 -21.92
CA GLN D 393 5.43 -40.26 -20.51
CA GLN D 393 5.38 -40.40 -20.57
C GLN D 393 4.03 -40.03 -19.92
N GLY D 394 3.46 -40.99 -19.21
CA GLY D 394 2.22 -40.75 -18.45
C GLY D 394 0.98 -40.68 -19.32
N MET D 395 1.01 -41.36 -20.48
CA MET D 395 -0.17 -41.48 -21.38
CA MET D 395 -0.19 -41.48 -21.34
C MET D 395 -0.49 -42.97 -21.60
N LEU D 396 -1.76 -43.28 -21.89
CA LEU D 396 -2.31 -44.65 -22.20
C LEU D 396 -1.70 -45.25 -23.50
N ILE D 397 -1.03 -44.40 -24.30
CA ILE D 397 -0.36 -44.82 -25.58
C ILE D 397 1.11 -44.39 -25.60
N ARG D 398 1.93 -45.07 -26.38
CA ARG D 398 3.37 -44.75 -26.59
C ARG D 398 3.58 -44.07 -27.95
N GLY D 399 4.52 -43.13 -27.99
CA GLY D 399 4.98 -42.41 -29.20
C GLY D 399 6.14 -41.45 -28.88
N LEU D 400 6.79 -40.96 -29.92
CA LEU D 400 7.91 -40.00 -29.85
C LEU D 400 7.37 -38.58 -29.98
N GLU D 401 7.83 -37.66 -29.13
CA GLU D 401 7.46 -36.21 -29.15
CA GLU D 401 7.37 -36.24 -29.21
C GLU D 401 8.18 -35.51 -30.30
N ARG D 402 9.33 -36.08 -30.69
CA ARG D 402 10.26 -35.51 -31.69
CA ARG D 402 10.21 -35.53 -31.75
C ARG D 402 11.09 -36.64 -32.29
N GLN D 403 11.46 -36.56 -33.57
CA GLN D 403 12.20 -37.67 -34.23
C GLN D 403 13.05 -37.10 -35.37
N ILE D 404 14.19 -36.52 -35.04
CA ILE D 404 15.05 -35.81 -36.03
CA ILE D 404 15.06 -35.81 -36.02
C ILE D 404 15.67 -36.86 -36.94
N VAL D 405 15.51 -36.69 -38.25
CA VAL D 405 16.05 -37.63 -39.28
C VAL D 405 16.96 -36.86 -40.22
N SER D 406 17.96 -37.56 -40.77
CA SER D 406 18.89 -37.11 -41.83
C SER D 406 18.63 -37.90 -43.12
N TRP D 407 19.01 -37.33 -44.27
CA TRP D 407 19.00 -38.03 -45.57
C TRP D 407 20.04 -37.38 -46.49
N ALA E 13 -49.88 -8.26 -15.45
CA ALA E 13 -49.65 -8.77 -14.07
C ALA E 13 -48.27 -9.45 -13.97
N VAL E 14 -47.21 -8.89 -14.56
CA VAL E 14 -45.86 -9.57 -14.62
C VAL E 14 -44.92 -8.91 -13.62
N PRO E 15 -44.46 -9.64 -12.56
CA PRO E 15 -43.68 -9.01 -11.50
C PRO E 15 -42.31 -8.47 -11.95
N ALA E 16 -41.92 -7.29 -11.45
CA ALA E 16 -40.58 -6.71 -11.66
C ALA E 16 -39.54 -7.61 -10.96
N TYR E 17 -38.40 -7.84 -11.62
CA TYR E 17 -37.25 -8.58 -11.08
C TYR E 17 -36.01 -7.70 -11.29
N PRO E 18 -35.15 -7.48 -10.26
CA PRO E 18 -35.26 -8.09 -8.94
C PRO E 18 -36.55 -7.79 -8.15
N PHE E 19 -36.92 -8.66 -7.20
CA PHE E 19 -38.18 -8.60 -6.40
C PHE E 19 -38.15 -7.51 -5.32
N SER E 20 -36.97 -6.98 -4.99
CA SER E 20 -36.73 -6.12 -3.80
C SER E 20 -35.28 -5.68 -3.77
N LEU E 21 -34.98 -4.70 -2.90
CA LEU E 21 -33.60 -4.35 -2.52
C LEU E 21 -33.04 -5.51 -1.70
N PRO E 22 -31.81 -5.99 -1.99
CA PRO E 22 -31.19 -7.02 -1.16
C PRO E 22 -30.78 -6.48 0.22
N HIS E 23 -30.87 -7.32 1.24
CA HIS E 23 -30.49 -7.02 2.65
C HIS E 23 -29.37 -8.00 3.04
N ALA E 24 -28.16 -7.52 3.29
CA ALA E 24 -27.02 -8.40 3.65
C ALA E 24 -26.95 -9.58 2.67
N LEU E 25 -26.89 -10.83 3.15
CA LEU E 25 -26.79 -12.05 2.31
C LEU E 25 -28.11 -12.82 2.35
N ASP E 26 -29.20 -12.14 2.69
CA ASP E 26 -30.54 -12.78 2.75
C ASP E 26 -31.07 -13.04 1.35
N LEU E 27 -31.82 -14.11 1.22
CA LEU E 27 -32.57 -14.45 0.00
CA LEU E 27 -32.57 -14.46 -0.01
C LEU E 27 -34.01 -14.00 0.19
N ASP E 28 -34.59 -13.38 -0.84
CA ASP E 28 -35.98 -12.89 -0.82
C ASP E 28 -36.83 -14.13 -0.61
N PRO E 29 -37.63 -14.20 0.49
CA PRO E 29 -38.45 -15.39 0.77
C PRO E 29 -39.22 -15.93 -0.44
N HIS E 30 -39.59 -15.07 -1.39
CA HIS E 30 -40.39 -15.41 -2.60
C HIS E 30 -39.68 -16.53 -3.41
N TYR E 31 -38.35 -16.63 -3.38
CA TYR E 31 -37.58 -17.61 -4.21
C TYR E 31 -38.04 -19.02 -3.82
N ALA E 32 -38.18 -19.26 -2.50
CA ALA E 32 -38.71 -20.53 -1.94
C ALA E 32 -40.15 -20.77 -2.43
N GLU E 33 -41.03 -19.78 -2.26
CA GLU E 33 -42.44 -19.85 -2.75
C GLU E 33 -42.42 -20.33 -4.20
N LEU E 34 -41.62 -19.66 -5.03
CA LEU E 34 -41.55 -19.88 -6.50
CA LEU E 34 -41.54 -19.88 -6.51
C LEU E 34 -41.03 -21.29 -6.80
N ARG E 35 -40.07 -21.82 -6.04
CA ARG E 35 -39.46 -23.15 -6.34
CA ARG E 35 -39.49 -23.15 -6.39
C ARG E 35 -40.48 -24.25 -6.02
N ARG E 36 -41.26 -24.07 -4.94
CA ARG E 36 -42.31 -25.05 -4.55
CA ARG E 36 -42.34 -25.01 -4.54
C ARG E 36 -43.54 -24.84 -5.47
N ASP E 37 -43.97 -23.59 -5.72
CA ASP E 37 -45.30 -23.29 -6.37
C ASP E 37 -45.18 -22.90 -7.85
N GLU E 38 -44.05 -22.43 -8.37
CA GLU E 38 -43.92 -22.04 -9.80
C GLU E 38 -42.46 -21.82 -10.14
N PRO E 39 -41.72 -22.93 -10.36
CA PRO E 39 -40.26 -22.90 -10.49
C PRO E 39 -39.72 -22.02 -11.64
N VAL E 40 -40.50 -21.94 -12.72
CA VAL E 40 -40.22 -21.16 -13.96
C VAL E 40 -41.37 -20.16 -14.18
N SER E 41 -41.10 -18.86 -14.01
CA SER E 41 -42.10 -17.77 -14.06
C SER E 41 -41.63 -16.61 -14.96
N ARG E 42 -42.61 -15.90 -15.52
CA ARG E 42 -42.43 -14.64 -16.30
CA ARG E 42 -42.39 -14.65 -16.30
C ARG E 42 -41.99 -13.52 -15.33
N VAL E 43 -40.92 -12.78 -15.69
CA VAL E 43 -40.52 -11.56 -14.95
C VAL E 43 -40.24 -10.43 -15.96
N ARG E 44 -40.28 -9.18 -15.48
CA ARG E 44 -39.81 -7.95 -16.17
CA ARG E 44 -39.79 -7.99 -16.21
C ARG E 44 -38.45 -7.56 -15.58
N LEU E 45 -37.39 -7.71 -16.35
CA LEU E 45 -36.02 -7.35 -15.93
C LEU E 45 -35.92 -5.82 -15.99
N PRO E 46 -34.95 -5.21 -15.30
CA PRO E 46 -34.85 -3.74 -15.24
C PRO E 46 -34.56 -3.03 -16.57
N TYR E 47 -33.94 -3.71 -17.54
CA TYR E 47 -33.55 -3.12 -18.86
C TYR E 47 -33.95 -4.11 -19.95
N GLY E 48 -34.03 -3.62 -21.19
CA GLY E 48 -34.46 -4.42 -22.35
C GLY E 48 -35.97 -4.43 -22.45
N GLU E 49 -36.51 -5.07 -23.50
CA GLU E 49 -37.95 -4.98 -23.88
CA GLU E 49 -37.96 -4.98 -23.85
C GLU E 49 -38.57 -6.37 -23.76
N GLY E 50 -39.79 -6.44 -23.22
CA GLY E 50 -40.55 -7.70 -23.11
C GLY E 50 -40.37 -8.32 -21.74
N THR E 51 -40.57 -9.64 -21.66
CA THR E 51 -40.49 -10.44 -20.41
C THR E 51 -39.47 -11.56 -20.61
N ALA E 52 -39.10 -12.22 -19.51
CA ALA E 52 -38.13 -13.33 -19.47
C ALA E 52 -38.61 -14.39 -18.47
N TRP E 53 -38.12 -15.62 -18.61
CA TRP E 53 -38.33 -16.71 -17.63
C TRP E 53 -37.26 -16.61 -16.53
N LEU E 54 -37.67 -16.36 -15.28
CA LEU E 54 -36.86 -16.59 -14.05
C LEU E 54 -36.84 -18.10 -13.73
N VAL E 55 -35.65 -18.70 -13.64
CA VAL E 55 -35.43 -20.12 -13.26
C VAL E 55 -34.84 -20.16 -11.84
N THR E 56 -35.46 -20.95 -10.95
CA THR E 56 -35.23 -20.92 -9.48
C THR E 56 -34.73 -22.27 -8.93
N ARG E 57 -34.91 -23.38 -9.66
CA ARG E 57 -34.53 -24.71 -9.14
CA ARG E 57 -34.59 -24.77 -9.23
C ARG E 57 -33.30 -25.26 -9.90
N MET E 58 -32.61 -26.23 -9.29
CA MET E 58 -31.28 -26.74 -9.73
C MET E 58 -31.40 -27.39 -11.10
N SER E 59 -32.33 -28.34 -11.25
CA SER E 59 -32.50 -29.15 -12.48
C SER E 59 -32.76 -28.22 -13.67
N ASP E 60 -33.61 -27.21 -13.50
CA ASP E 60 -33.95 -26.23 -14.57
C ASP E 60 -32.69 -25.38 -14.85
N ALA E 61 -32.00 -24.94 -13.79
CA ALA E 61 -30.79 -24.09 -13.91
C ALA E 61 -29.74 -24.86 -14.72
N ARG E 62 -29.55 -26.15 -14.45
CA ARG E 62 -28.50 -26.93 -15.17
C ARG E 62 -28.85 -27.04 -16.66
N ILE E 63 -30.14 -27.06 -17.03
CA ILE E 63 -30.51 -27.18 -18.47
C ILE E 63 -30.21 -25.84 -19.17
N VAL E 64 -30.73 -24.74 -18.65
CA VAL E 64 -30.49 -23.37 -19.20
C VAL E 64 -28.98 -23.11 -19.36
N LEU E 65 -28.19 -23.37 -18.32
CA LEU E 65 -26.73 -23.09 -18.30
C LEU E 65 -25.97 -24.14 -19.11
N GLY E 66 -26.52 -25.37 -19.17
CA GLY E 66 -25.80 -26.57 -19.66
C GLY E 66 -26.21 -26.99 -21.06
N ASP E 67 -27.41 -26.66 -21.51
CA ASP E 67 -27.94 -27.20 -22.79
C ASP E 67 -27.50 -26.35 -24.00
N SER E 68 -26.84 -27.02 -24.96
CA SER E 68 -26.35 -26.53 -26.28
C SER E 68 -27.45 -25.77 -27.01
N ARG E 69 -28.72 -25.96 -26.61
CA ARG E 69 -29.87 -25.30 -27.29
C ARG E 69 -30.08 -23.87 -26.80
N PHE E 70 -29.26 -23.38 -25.86
CA PHE E 70 -29.31 -21.98 -25.38
C PHE E 70 -28.10 -21.21 -25.96
N SER E 71 -28.30 -19.97 -26.38
CA SER E 71 -27.23 -19.07 -26.88
C SER E 71 -27.13 -17.87 -25.91
N THR E 72 -25.92 -17.50 -25.48
CA THR E 72 -25.69 -16.20 -24.79
C THR E 72 -25.43 -15.11 -25.85
N ALA E 73 -24.86 -15.47 -27.00
CA ALA E 73 -24.62 -14.52 -28.13
C ALA E 73 -25.95 -13.90 -28.58
N ALA E 74 -27.05 -14.66 -28.57
CA ALA E 74 -28.40 -14.16 -28.93
C ALA E 74 -28.88 -13.06 -27.97
N ALA E 75 -28.27 -12.88 -26.79
CA ALA E 75 -28.73 -11.86 -25.83
C ALA E 75 -28.01 -10.51 -26.02
N THR E 76 -27.17 -10.35 -27.03
CA THR E 76 -26.47 -9.05 -27.28
C THR E 76 -27.46 -8.04 -27.88
N ASP E 77 -28.57 -8.51 -28.44
CA ASP E 77 -29.67 -7.64 -28.96
C ASP E 77 -30.08 -6.66 -27.86
N PRO E 78 -29.97 -5.33 -28.06
CA PRO E 78 -30.32 -4.36 -27.01
C PRO E 78 -31.78 -4.46 -26.53
N ALA E 79 -32.63 -5.16 -27.31
CA ALA E 79 -34.05 -5.40 -26.97
C ALA E 79 -34.17 -6.52 -25.95
N THR E 80 -33.20 -7.45 -25.92
CA THR E 80 -33.26 -8.61 -24.99
C THR E 80 -33.26 -8.08 -23.57
N PRO E 81 -34.16 -8.59 -22.69
CA PRO E 81 -34.07 -8.37 -21.25
C PRO E 81 -32.67 -8.64 -20.69
N ARG E 82 -32.29 -7.87 -19.67
CA ARG E 82 -30.95 -7.96 -19.05
C ARG E 82 -30.99 -7.28 -17.67
N MET E 83 -30.13 -7.68 -16.73
CA MET E 83 -30.11 -7.22 -15.33
C MET E 83 -29.38 -5.88 -15.19
N PHE E 84 -28.73 -5.40 -16.26
CA PHE E 84 -27.80 -4.26 -16.22
C PHE E 84 -28.11 -3.26 -17.34
N PRO E 85 -27.78 -1.97 -17.11
CA PRO E 85 -28.10 -0.90 -18.06
C PRO E 85 -27.57 -1.03 -19.51
N THR E 86 -26.31 -1.39 -19.72
CA THR E 86 -25.73 -1.37 -21.10
C THR E 86 -26.09 -2.62 -21.88
N PRO E 87 -26.49 -2.50 -23.15
CA PRO E 87 -26.67 -3.68 -24.01
C PRO E 87 -25.39 -4.54 -23.97
N PRO E 88 -25.47 -5.88 -23.92
CA PRO E 88 -24.26 -6.66 -23.68
C PRO E 88 -23.17 -6.44 -24.74
N GLU E 89 -21.91 -6.39 -24.34
CA GLU E 89 -20.77 -6.18 -25.26
C GLU E 89 -20.54 -7.49 -26.03
N PRO E 90 -20.77 -7.50 -27.36
CA PRO E 90 -20.65 -8.72 -28.16
C PRO E 90 -19.25 -9.37 -28.14
N ASP E 91 -18.19 -8.60 -27.91
CA ASP E 91 -16.81 -9.15 -27.79
C ASP E 91 -16.61 -9.91 -26.47
N GLY E 92 -17.54 -9.78 -25.51
CA GLY E 92 -17.33 -10.29 -24.15
C GLY E 92 -17.47 -11.80 -24.09
N VAL E 93 -16.67 -12.47 -23.24
CA VAL E 93 -16.70 -13.96 -23.16
C VAL E 93 -18.13 -14.44 -23.00
N LEU E 94 -18.88 -13.79 -22.11
CA LEU E 94 -20.19 -14.31 -21.65
C LEU E 94 -21.13 -14.36 -22.85
N ALA E 95 -20.95 -13.46 -23.80
CA ALA E 95 -21.80 -13.31 -24.99
C ALA E 95 -21.25 -14.17 -26.13
N GLN E 96 -20.22 -15.00 -25.90
CA GLN E 96 -19.74 -15.95 -26.94
C GLN E 96 -20.39 -17.33 -26.77
N ASP E 97 -20.68 -17.96 -27.89
CA ASP E 97 -21.19 -19.35 -27.99
C ASP E 97 -20.04 -20.22 -28.47
N PRO E 98 -19.98 -21.51 -28.05
CA PRO E 98 -19.01 -22.43 -28.64
C PRO E 98 -19.35 -22.58 -30.12
N PRO E 99 -18.39 -22.90 -31.02
CA PRO E 99 -17.00 -23.15 -30.64
C PRO E 99 -16.11 -21.93 -30.37
N ASP E 100 -16.56 -20.71 -30.71
CA ASP E 100 -15.69 -19.51 -30.64
C ASP E 100 -15.36 -19.28 -29.17
N HIS E 101 -16.38 -19.39 -28.32
CA HIS E 101 -16.26 -19.34 -26.84
CA HIS E 101 -16.25 -19.33 -26.85
C HIS E 101 -15.06 -20.20 -26.41
N THR E 102 -15.00 -21.42 -26.91
CA THR E 102 -13.98 -22.41 -26.47
C THR E 102 -12.59 -21.90 -26.84
N ARG E 103 -12.43 -21.43 -28.08
CA ARG E 103 -11.18 -20.89 -28.68
C ARG E 103 -10.74 -19.65 -27.87
N LEU E 104 -11.71 -18.84 -27.42
CA LEU E 104 -11.39 -17.63 -26.64
C LEU E 104 -10.88 -18.03 -25.24
N ARG E 105 -11.57 -18.98 -24.62
CA ARG E 105 -11.18 -19.47 -23.28
C ARG E 105 -9.83 -20.17 -23.37
N ARG E 106 -9.51 -20.82 -24.49
CA ARG E 106 -8.25 -21.58 -24.72
CA ARG E 106 -8.24 -21.59 -24.57
C ARG E 106 -7.05 -20.63 -24.65
N LEU E 107 -7.26 -19.33 -24.90
CA LEU E 107 -6.14 -18.35 -24.94
CA LEU E 107 -6.16 -18.32 -24.93
C LEU E 107 -5.52 -18.20 -23.54
N VAL E 108 -6.30 -18.54 -22.52
CA VAL E 108 -6.02 -18.19 -21.11
C VAL E 108 -6.10 -19.42 -20.21
N GLY E 109 -6.84 -20.45 -20.62
CA GLY E 109 -7.33 -21.53 -19.72
C GLY E 109 -6.21 -22.37 -19.11
N LYS E 110 -5.05 -22.44 -19.80
CA LYS E 110 -3.78 -23.05 -19.33
CA LYS E 110 -3.85 -23.14 -19.28
C LYS E 110 -3.45 -22.56 -17.91
N ALA E 111 -3.50 -21.23 -17.73
CA ALA E 111 -3.13 -20.57 -16.46
C ALA E 111 -4.13 -20.89 -15.34
N PHE E 112 -5.29 -21.48 -15.65
CA PHE E 112 -6.42 -21.61 -14.69
C PHE E 112 -6.71 -23.08 -14.36
N THR E 113 -5.90 -24.01 -14.86
CA THR E 113 -6.01 -25.45 -14.48
C THR E 113 -5.75 -25.56 -12.98
N ALA E 114 -6.36 -26.56 -12.36
CA ALA E 114 -6.13 -26.89 -10.94
C ALA E 114 -4.62 -26.96 -10.71
N ARG E 115 -3.93 -27.63 -11.63
CA ARG E 115 -2.47 -27.87 -11.48
CA ARG E 115 -2.46 -27.86 -11.69
C ARG E 115 -1.69 -26.54 -11.53
N ARG E 116 -1.98 -25.58 -12.41
CA ARG E 116 -1.20 -24.31 -12.44
CA ARG E 116 -1.18 -24.31 -12.41
C ARG E 116 -1.61 -23.44 -11.24
N VAL E 117 -2.86 -23.53 -10.84
CA VAL E 117 -3.33 -22.72 -9.69
C VAL E 117 -2.60 -23.21 -8.44
N GLU E 118 -2.51 -24.50 -8.26
CA GLU E 118 -1.79 -25.10 -7.11
C GLU E 118 -0.36 -24.55 -7.06
N GLU E 119 0.33 -24.43 -8.20
CA GLU E 119 1.71 -23.85 -8.24
C GLU E 119 1.69 -22.43 -7.67
N MET E 120 0.55 -21.74 -7.62
CA MET E 120 0.50 -20.34 -7.13
CA MET E 120 0.45 -20.33 -7.13
C MET E 120 0.43 -20.33 -5.59
N ARG E 121 0.19 -21.47 -4.96
CA ARG E 121 -0.08 -21.48 -3.49
C ARG E 121 1.05 -20.80 -2.70
N PRO E 122 2.35 -21.07 -2.93
CA PRO E 122 3.41 -20.44 -2.12
C PRO E 122 3.31 -18.90 -2.11
N ARG E 123 3.21 -18.29 -3.31
CA ARG E 123 3.13 -16.81 -3.52
C ARG E 123 1.85 -16.29 -2.84
N VAL E 124 0.73 -16.96 -3.07
CA VAL E 124 -0.59 -16.57 -2.51
C VAL E 124 -0.51 -16.56 -0.98
N ARG E 125 0.14 -17.56 -0.39
CA ARG E 125 0.24 -17.75 1.07
C ARG E 125 1.16 -16.64 1.65
N SER E 126 2.29 -16.34 1.01
CA SER E 126 3.20 -15.29 1.54
C SER E 126 2.55 -13.90 1.41
N LEU E 127 1.66 -13.69 0.44
CA LEU E 127 0.90 -12.40 0.31
CA LEU E 127 0.89 -12.42 0.31
C LEU E 127 -0.10 -12.30 1.47
N VAL E 128 -0.86 -13.37 1.72
CA VAL E 128 -1.87 -13.39 2.83
C VAL E 128 -1.13 -13.07 4.15
N ASP E 129 0.05 -13.67 4.38
CA ASP E 129 0.74 -13.59 5.69
C ASP E 129 1.30 -12.17 5.84
N SER E 130 1.88 -11.64 4.78
CA SER E 130 2.48 -10.28 4.72
C SER E 130 1.37 -9.23 4.94
N LEU E 131 0.20 -9.40 4.34
CA LEU E 131 -0.98 -8.50 4.59
C LEU E 131 -1.48 -8.66 6.02
N LEU E 132 -1.57 -9.87 6.54
CA LEU E 132 -2.04 -10.04 7.93
C LEU E 132 -0.99 -9.47 8.88
N ASP E 133 0.29 -9.48 8.53
CA ASP E 133 1.36 -8.87 9.37
C ASP E 133 1.09 -7.37 9.52
N ASP E 134 0.78 -6.70 8.40
CA ASP E 134 0.42 -5.25 8.35
C ASP E 134 -0.77 -5.01 9.28
N MET E 135 -1.76 -5.91 9.28
CA MET E 135 -2.96 -5.75 10.12
CA MET E 135 -2.96 -5.72 10.14
C MET E 135 -2.56 -5.88 11.60
N VAL E 136 -1.61 -6.78 11.92
CA VAL E 136 -1.25 -6.96 13.36
C VAL E 136 -0.45 -5.72 13.78
N ALA E 137 0.35 -5.14 12.89
CA ALA E 137 1.13 -3.89 13.11
C ALA E 137 0.14 -2.72 13.32
N HIS E 138 -1.00 -2.67 12.62
CA HIS E 138 -2.05 -1.65 12.89
CA HIS E 138 -2.05 -1.66 12.90
C HIS E 138 -2.56 -1.85 14.32
N GLY E 139 -2.77 -3.11 14.72
CA GLY E 139 -3.34 -3.45 16.02
C GLY E 139 -4.86 -3.52 15.92
N SER E 140 -5.48 -4.19 16.89
CA SER E 140 -6.94 -4.43 17.00
C SER E 140 -7.58 -3.17 17.59
N PRO E 141 -8.82 -2.76 17.21
CA PRO E 141 -9.54 -3.30 16.05
C PRO E 141 -9.05 -2.76 14.70
N ALA E 142 -9.33 -3.44 13.59
CA ALA E 142 -8.91 -3.02 12.23
C ALA E 142 -9.96 -3.43 11.21
N ASP E 143 -9.95 -2.73 10.09
CA ASP E 143 -10.83 -3.00 8.93
C ASP E 143 -10.27 -4.16 8.09
N LEU E 144 -10.96 -5.30 8.06
CA LEU E 144 -10.46 -6.50 7.34
C LEU E 144 -10.50 -6.21 5.83
N VAL E 145 -11.40 -5.35 5.37
CA VAL E 145 -11.53 -4.98 3.92
C VAL E 145 -10.27 -4.24 3.48
N GLU E 146 -9.84 -3.28 4.27
CA GLU E 146 -8.63 -2.48 4.00
C GLU E 146 -7.40 -3.38 4.05
N PHE E 147 -7.28 -4.25 5.06
CA PHE E 147 -6.00 -4.99 5.27
C PHE E 147 -5.96 -6.30 4.51
N LEU E 148 -7.10 -6.90 4.17
CA LEU E 148 -7.07 -8.26 3.57
C LEU E 148 -7.96 -8.32 2.32
N ALA E 149 -9.25 -8.04 2.44
CA ALA E 149 -10.25 -8.40 1.40
C ALA E 149 -9.96 -7.69 0.06
N VAL E 150 -9.59 -6.40 0.09
CA VAL E 150 -9.26 -5.66 -1.15
C VAL E 150 -7.86 -6.03 -1.59
N PRO E 151 -6.78 -5.80 -0.81
CA PRO E 151 -5.42 -5.92 -1.36
C PRO E 151 -4.96 -7.32 -1.80
N PHE E 152 -5.53 -8.37 -1.21
CA PHE E 152 -5.03 -9.76 -1.42
C PHE E 152 -5.40 -10.20 -2.83
N PRO E 153 -6.70 -10.26 -3.20
CA PRO E 153 -7.06 -10.67 -4.56
C PRO E 153 -6.57 -9.68 -5.63
N VAL E 154 -6.55 -8.36 -5.34
CA VAL E 154 -6.09 -7.43 -6.40
C VAL E 154 -4.60 -7.69 -6.60
N ALA E 155 -3.81 -7.96 -5.56
CA ALA E 155 -2.36 -8.25 -5.76
C ALA E 155 -2.22 -9.54 -6.58
N VAL E 156 -3.03 -10.55 -6.32
CA VAL E 156 -2.93 -11.83 -7.06
C VAL E 156 -3.23 -11.60 -8.55
N ILE E 157 -4.34 -10.94 -8.90
CA ILE E 157 -4.75 -10.90 -10.33
C ILE E 157 -3.81 -9.96 -11.09
N CYS E 158 -3.31 -8.89 -10.45
CA CYS E 158 -2.26 -8.02 -11.08
C CYS E 158 -0.95 -8.78 -11.31
N GLU E 159 -0.53 -9.64 -10.37
CA GLU E 159 0.68 -10.47 -10.57
C GLU E 159 0.43 -11.47 -11.71
N LEU E 160 -0.71 -12.15 -11.76
CA LEU E 160 -0.97 -13.20 -12.77
C LEU E 160 -1.03 -12.58 -14.16
N LEU E 161 -1.71 -11.45 -14.28
CA LEU E 161 -2.00 -10.80 -15.59
C LEU E 161 -0.76 -10.03 -16.05
N GLY E 162 -0.10 -9.32 -15.13
CA GLY E 162 0.92 -8.29 -15.41
C GLY E 162 0.32 -6.89 -15.46
N VAL E 163 -0.65 -6.59 -14.60
CA VAL E 163 -1.25 -5.22 -14.51
C VAL E 163 -0.52 -4.46 -13.41
N PRO E 164 -0.04 -3.23 -13.67
CA PRO E 164 0.66 -2.47 -12.64
C PRO E 164 -0.28 -2.22 -11.45
N LEU E 165 0.17 -2.51 -10.22
CA LEU E 165 -0.67 -2.28 -9.00
CA LEU E 165 -0.64 -2.27 -8.98
C LEU E 165 -0.98 -0.78 -8.86
N GLU E 166 -0.10 0.11 -9.33
CA GLU E 166 -0.29 1.60 -9.22
C GLU E 166 -1.52 2.06 -10.03
N ASP E 167 -2.04 1.26 -10.95
CA ASP E 167 -3.23 1.63 -11.75
C ASP E 167 -4.53 1.20 -11.05
N ARG E 168 -4.46 0.69 -9.82
CA ARG E 168 -5.64 0.30 -8.99
C ARG E 168 -6.75 1.36 -9.05
N ASP E 169 -6.41 2.63 -8.77
CA ASP E 169 -7.29 3.82 -8.87
C ASP E 169 -8.19 3.70 -10.11
N LEU E 170 -7.58 3.50 -11.29
CA LEU E 170 -8.35 3.38 -12.54
C LEU E 170 -9.12 2.06 -12.50
N PHE E 171 -8.46 0.90 -12.46
CA PHE E 171 -9.20 -0.36 -12.80
C PHE E 171 -10.20 -0.75 -11.69
N ARG E 172 -10.02 -0.32 -10.44
CA ARG E 172 -11.04 -0.55 -9.37
C ARG E 172 -12.31 0.27 -9.62
N THR E 173 -12.15 1.58 -9.81
CA THR E 173 -13.27 2.46 -10.21
C THR E 173 -13.92 1.89 -11.46
N PHE E 174 -13.18 1.55 -12.51
CA PHE E 174 -13.81 1.06 -13.77
C PHE E 174 -14.57 -0.24 -13.50
N SER E 175 -13.96 -1.15 -12.74
CA SER E 175 -14.49 -2.50 -12.45
C SER E 175 -15.81 -2.34 -11.67
N ASP E 176 -15.83 -1.52 -10.61
CA ASP E 176 -17.07 -1.27 -9.81
C ASP E 176 -18.17 -0.69 -10.72
N ALA E 177 -17.83 0.32 -11.54
CA ALA E 177 -18.78 0.91 -12.51
C ALA E 177 -19.37 -0.18 -13.40
N MET E 178 -18.58 -1.11 -13.92
CA MET E 178 -19.12 -2.07 -14.91
CA MET E 178 -19.04 -2.14 -14.90
C MET E 178 -20.01 -3.13 -14.24
N LEU E 179 -19.99 -3.23 -12.91
CA LEU E 179 -20.84 -4.15 -12.12
C LEU E 179 -22.04 -3.41 -11.52
N SER E 180 -22.31 -2.18 -11.95
CA SER E 180 -23.46 -1.38 -11.47
C SER E 180 -24.76 -2.00 -11.98
N SER E 181 -25.75 -2.09 -11.12
CA SER E 181 -27.12 -2.48 -11.49
C SER E 181 -27.94 -1.19 -11.66
N THR E 182 -27.90 -0.27 -10.67
CA THR E 182 -28.72 0.96 -10.58
C THR E 182 -27.88 2.22 -10.25
N ARG E 183 -26.58 2.12 -10.00
CA ARG E 183 -25.73 3.29 -9.64
C ARG E 183 -25.64 4.26 -10.83
N LEU E 184 -25.39 3.77 -12.05
CA LEU E 184 -24.89 4.60 -13.17
C LEU E 184 -25.80 4.42 -14.36
N THR E 185 -25.83 5.38 -15.28
CA THR E 185 -26.60 5.25 -16.54
C THR E 185 -25.85 4.35 -17.52
N ALA E 186 -26.56 3.85 -18.55
CA ALA E 186 -25.94 3.12 -19.67
C ALA E 186 -24.78 3.95 -20.25
N ALA E 187 -24.99 5.26 -20.45
CA ALA E 187 -24.00 6.13 -21.11
C ALA E 187 -22.74 6.17 -20.23
N GLU E 188 -22.94 6.33 -18.92
CA GLU E 188 -21.83 6.41 -17.94
C GLU E 188 -21.04 5.10 -17.99
N ILE E 189 -21.71 3.95 -18.09
CA ILE E 189 -20.99 2.67 -18.06
C ILE E 189 -20.26 2.47 -19.38
N GLN E 190 -20.88 2.80 -20.52
CA GLN E 190 -20.22 2.61 -21.84
C GLN E 190 -18.93 3.45 -21.91
N ARG E 191 -18.93 4.67 -21.36
CA ARG E 191 -17.75 5.56 -21.29
C ARG E 191 -16.65 4.86 -20.49
N VAL E 192 -17.01 4.24 -19.37
CA VAL E 192 -16.04 3.41 -18.58
C VAL E 192 -15.56 2.23 -19.42
N GLN E 193 -16.46 1.50 -20.09
CA GLN E 193 -16.05 0.33 -20.92
C GLN E 193 -14.99 0.77 -21.93
N GLN E 194 -15.21 1.89 -22.60
CA GLN E 194 -14.32 2.44 -23.66
CA GLN E 194 -14.29 2.34 -23.68
C GLN E 194 -12.95 2.74 -23.02
N ASP E 195 -12.96 3.37 -21.84
CA ASP E 195 -11.72 3.78 -21.16
C ASP E 195 -10.99 2.51 -20.75
N PHE E 196 -11.73 1.53 -20.28
CA PHE E 196 -11.15 0.28 -19.78
C PHE E 196 -10.51 -0.44 -20.97
N MET E 197 -11.26 -0.52 -22.09
CA MET E 197 -10.79 -1.15 -23.33
C MET E 197 -9.53 -0.40 -23.83
N VAL E 198 -9.51 0.92 -23.80
CA VAL E 198 -8.26 1.64 -24.19
C VAL E 198 -7.11 1.25 -23.26
N TYR E 199 -7.34 1.27 -21.94
CA TYR E 199 -6.33 0.91 -20.93
C TYR E 199 -5.83 -0.51 -21.21
N MET E 200 -6.73 -1.48 -21.36
CA MET E 200 -6.29 -2.89 -21.47
C MET E 200 -5.58 -3.05 -22.81
N ASP E 201 -6.08 -2.41 -23.88
CA ASP E 201 -5.49 -2.51 -25.24
C ASP E 201 -4.01 -2.12 -25.20
N GLY E 202 -3.67 -1.06 -24.48
CA GLY E 202 -2.28 -0.58 -24.35
C GLY E 202 -1.42 -1.56 -23.55
N LEU E 203 -2.01 -2.18 -22.52
CA LEU E 203 -1.33 -3.27 -21.77
C LEU E 203 -1.03 -4.43 -22.71
N VAL E 204 -1.96 -4.91 -23.55
CA VAL E 204 -1.57 -6.09 -24.36
C VAL E 204 -0.63 -5.66 -25.49
N ALA E 205 -0.75 -4.44 -26.03
CA ALA E 205 -0.03 -4.05 -27.27
C ALA E 205 1.46 -3.84 -26.99
N GLN E 206 1.84 -3.56 -25.74
CA GLN E 206 3.27 -3.34 -25.38
C GLN E 206 4.01 -4.68 -25.13
N ARG E 207 3.30 -5.79 -25.28
CA ARG E 207 3.89 -7.15 -25.07
C ARG E 207 3.92 -7.88 -26.42
N ARG E 208 3.66 -7.16 -27.50
CA ARG E 208 3.61 -7.75 -28.86
C ARG E 208 4.97 -8.35 -29.23
N ASP E 209 6.07 -7.71 -28.83
CA ASP E 209 7.41 -8.30 -29.09
C ASP E 209 8.09 -8.66 -27.77
N ALA E 210 7.46 -8.38 -26.63
CA ALA E 210 8.07 -8.62 -25.31
C ALA E 210 8.01 -10.08 -24.88
N PRO E 211 8.66 -10.46 -23.76
CA PRO E 211 8.63 -11.83 -23.29
C PRO E 211 7.18 -12.15 -22.91
N THR E 212 6.71 -13.34 -23.29
CA THR E 212 5.32 -13.71 -22.93
C THR E 212 5.33 -14.39 -21.56
N GLU E 213 5.73 -13.68 -20.49
CA GLU E 213 5.68 -14.39 -19.18
C GLU E 213 4.58 -13.78 -18.31
N ASP E 214 3.34 -13.83 -18.81
CA ASP E 214 2.17 -13.11 -18.29
C ASP E 214 0.93 -13.67 -18.93
N LEU E 215 -0.21 -13.63 -18.26
CA LEU E 215 -1.43 -13.93 -19.04
C LEU E 215 -1.54 -12.90 -20.17
N LEU E 216 -1.26 -11.64 -19.91
CA LEU E 216 -1.45 -10.59 -20.95
C LEU E 216 -0.47 -10.86 -22.12
N GLY E 217 0.72 -11.42 -21.87
CA GLY E 217 1.65 -11.88 -22.93
C GLY E 217 0.95 -12.84 -23.87
N ALA E 218 0.15 -13.77 -23.31
CA ALA E 218 -0.64 -14.78 -24.05
C ALA E 218 -1.65 -14.07 -24.96
N LEU E 219 -2.33 -13.04 -24.44
CA LEU E 219 -3.34 -12.31 -25.24
C LEU E 219 -2.60 -11.57 -26.39
N ALA E 220 -1.42 -11.02 -26.12
CA ALA E 220 -0.59 -10.27 -27.10
C ALA E 220 -0.12 -11.19 -28.23
N LEU E 221 0.37 -12.40 -27.92
CA LEU E 221 0.74 -13.43 -28.94
CA LEU E 221 0.74 -13.43 -28.94
C LEU E 221 -0.46 -13.68 -29.87
N ALA E 222 -1.66 -13.76 -29.29
CA ALA E 222 -2.89 -14.14 -30.01
C ALA E 222 -3.37 -13.02 -30.95
N THR E 223 -3.21 -11.74 -30.58
CA THR E 223 -3.69 -10.59 -31.40
C THR E 223 -2.97 -10.62 -32.77
N ASP E 224 -1.72 -11.12 -32.81
CA ASP E 224 -0.94 -11.39 -34.05
CA ASP E 224 -0.94 -11.39 -34.05
C ASP E 224 -1.70 -12.38 -34.95
N ASN E 225 -1.92 -13.58 -34.42
CA ASN E 225 -2.54 -14.66 -35.22
C ASN E 225 -4.03 -14.41 -35.35
N ASP E 226 -4.38 -13.45 -36.22
CA ASP E 226 -5.80 -13.12 -36.46
C ASP E 226 -6.37 -14.35 -37.13
N ASP E 227 -7.07 -15.15 -36.34
CA ASP E 227 -7.66 -16.44 -36.75
C ASP E 227 -8.86 -16.69 -35.84
N HIS E 228 -10.07 -16.30 -36.27
CA HIS E 228 -11.41 -16.49 -35.63
C HIS E 228 -11.67 -15.60 -34.40
N LEU E 229 -10.70 -14.80 -33.98
CA LEU E 229 -10.83 -13.98 -32.76
C LEU E 229 -10.27 -12.60 -33.13
N THR E 230 -11.04 -11.57 -32.85
CA THR E 230 -10.61 -10.19 -33.18
C THR E 230 -9.86 -9.58 -31.99
N LYS E 231 -9.13 -8.51 -32.27
CA LYS E 231 -8.36 -7.75 -31.23
CA LYS E 231 -8.42 -7.64 -31.29
C LYS E 231 -9.34 -7.42 -30.09
N GLY E 232 -10.56 -6.97 -30.40
CA GLY E 232 -11.61 -6.61 -29.44
C GLY E 232 -11.90 -7.76 -28.47
N GLU E 233 -12.13 -8.95 -29.02
CA GLU E 233 -12.49 -10.19 -28.26
C GLU E 233 -11.32 -10.51 -27.32
N ILE E 234 -10.12 -10.43 -27.85
CA ILE E 234 -8.89 -10.82 -27.08
C ILE E 234 -8.67 -9.80 -25.95
N VAL E 235 -8.74 -8.51 -26.24
CA VAL E 235 -8.48 -7.44 -25.25
C VAL E 235 -9.56 -7.49 -24.18
N ASN E 236 -10.83 -7.67 -24.58
CA ASN E 236 -11.98 -7.74 -23.64
C ASN E 236 -11.79 -8.91 -22.65
N MET E 237 -11.11 -9.99 -23.04
CA MET E 237 -10.82 -11.12 -22.14
CA MET E 237 -10.84 -11.11 -22.13
C MET E 237 -9.97 -10.62 -20.98
N GLY E 238 -8.98 -9.79 -21.30
CA GLY E 238 -8.09 -9.14 -20.32
C GLY E 238 -8.88 -8.30 -19.34
N VAL E 239 -9.88 -7.55 -19.81
CA VAL E 239 -10.80 -6.76 -18.93
C VAL E 239 -11.63 -7.72 -18.07
N SER E 240 -12.25 -8.76 -18.67
CA SER E 240 -13.06 -9.75 -17.90
C SER E 240 -12.21 -10.39 -16.79
N LEU E 241 -10.99 -10.81 -17.08
CA LEU E 241 -10.13 -11.44 -16.06
C LEU E 241 -9.75 -10.42 -14.98
N LEU E 242 -9.51 -9.13 -15.34
CA LEU E 242 -9.07 -8.15 -14.31
C LEU E 242 -10.28 -7.85 -13.42
N ILE E 243 -11.46 -7.66 -14.00
CA ILE E 243 -12.69 -7.38 -13.22
C ILE E 243 -12.98 -8.57 -12.30
N ALA E 244 -13.20 -9.74 -12.88
CA ALA E 244 -13.67 -10.94 -12.16
C ALA E 244 -12.61 -11.36 -11.11
N GLY E 245 -11.32 -11.25 -11.44
CA GLY E 245 -10.20 -11.76 -10.61
C GLY E 245 -10.14 -11.06 -9.26
N HIS E 246 -10.69 -9.85 -9.14
CA HIS E 246 -10.77 -9.20 -7.82
C HIS E 246 -12.22 -9.07 -7.35
N GLU E 247 -13.16 -8.70 -8.21
CA GLU E 247 -14.53 -8.34 -7.74
C GLU E 247 -15.18 -9.53 -7.01
N THR E 248 -14.99 -10.77 -7.47
CA THR E 248 -15.57 -11.98 -6.83
C THR E 248 -14.87 -12.22 -5.49
N SER E 249 -13.54 -12.38 -5.48
CA SER E 249 -12.81 -12.80 -4.26
C SER E 249 -12.87 -11.69 -3.21
N VAL E 250 -12.75 -10.41 -3.58
CA VAL E 250 -12.79 -9.28 -2.61
C VAL E 250 -14.13 -9.35 -1.88
N ASN E 251 -15.23 -9.47 -2.63
CA ASN E 251 -16.59 -9.50 -2.03
C ASN E 251 -16.79 -10.81 -1.23
N GLN E 252 -16.31 -11.95 -1.72
CA GLN E 252 -16.58 -13.27 -1.06
C GLN E 252 -15.78 -13.40 0.24
N ILE E 253 -14.57 -12.83 0.31
CA ILE E 253 -13.81 -12.83 1.59
C ILE E 253 -14.73 -12.20 2.65
N THR E 254 -15.30 -11.03 2.37
CA THR E 254 -16.16 -10.30 3.33
C THR E 254 -17.42 -11.12 3.64
N ASN E 255 -18.03 -11.72 2.62
CA ASN E 255 -19.25 -12.54 2.73
C ASN E 255 -18.99 -13.78 3.62
N LEU E 256 -17.89 -14.52 3.42
CA LEU E 256 -17.63 -15.76 4.21
C LEU E 256 -17.24 -15.38 5.65
N VAL E 257 -16.48 -14.29 5.85
CA VAL E 257 -16.11 -13.81 7.21
C VAL E 257 -17.40 -13.37 7.92
N HIS E 258 -18.30 -12.65 7.24
CA HIS E 258 -19.61 -12.22 7.81
C HIS E 258 -20.39 -13.47 8.32
N LEU E 259 -20.55 -14.50 7.49
CA LEU E 259 -21.23 -15.76 7.87
C LEU E 259 -20.52 -16.40 9.06
N LEU E 260 -19.18 -16.47 9.03
CA LEU E 260 -18.40 -17.13 10.11
C LEU E 260 -18.56 -16.36 11.44
N LEU E 261 -18.55 -15.04 11.41
CA LEU E 261 -18.45 -14.23 12.67
C LEU E 261 -19.83 -13.92 13.25
N THR E 262 -20.90 -13.98 12.46
CA THR E 262 -22.25 -13.62 12.94
C THR E 262 -22.92 -14.77 13.71
N GLU E 263 -22.56 -16.03 13.39
CA GLU E 263 -22.87 -17.26 14.18
C GLU E 263 -21.54 -17.96 14.46
N ARG E 264 -20.83 -17.52 15.51
CA ARG E 264 -19.37 -17.71 15.71
C ARG E 264 -19.04 -19.20 15.87
N LYS E 265 -20.04 -19.99 16.29
CA LYS E 265 -19.99 -21.48 16.26
CA LYS E 265 -19.98 -21.48 16.27
C LYS E 265 -19.27 -21.92 14.98
N ARG E 266 -19.58 -21.27 13.86
CA ARG E 266 -18.97 -21.61 12.55
C ARG E 266 -17.48 -21.32 12.58
N TYR E 267 -17.06 -20.10 12.94
CA TYR E 267 -15.61 -19.72 13.03
C TYR E 267 -14.95 -20.71 13.99
N GLU E 268 -15.63 -21.06 15.09
CA GLU E 268 -15.05 -21.91 16.16
C GLU E 268 -14.73 -23.30 15.63
N SER E 269 -15.59 -23.87 14.78
CA SER E 269 -15.39 -25.25 14.25
C SER E 269 -14.16 -25.29 13.33
N LEU E 270 -13.82 -24.20 12.64
CA LEU E 270 -12.64 -24.15 11.73
CA LEU E 270 -12.64 -24.18 11.74
C LEU E 270 -11.38 -23.92 12.58
N VAL E 271 -11.50 -23.11 13.61
CA VAL E 271 -10.41 -22.81 14.60
C VAL E 271 -10.00 -24.16 15.22
N ALA E 272 -10.97 -24.98 15.62
CA ALA E 272 -10.75 -26.29 16.26
C ALA E 272 -10.20 -27.28 15.22
N ASP E 273 -10.52 -27.08 13.93
CA ASP E 273 -10.23 -28.06 12.85
C ASP E 273 -9.98 -27.33 11.53
N PRO E 274 -8.79 -26.71 11.36
CA PRO E 274 -8.44 -26.03 10.12
C PRO E 274 -8.61 -26.87 8.84
N ALA E 275 -8.50 -28.21 8.92
CA ALA E 275 -8.65 -29.10 7.74
C ALA E 275 -10.06 -29.02 7.15
N LEU E 276 -11.05 -28.52 7.91
CA LEU E 276 -12.47 -28.35 7.48
C LEU E 276 -12.63 -27.15 6.51
N VAL E 277 -11.59 -26.35 6.28
CA VAL E 277 -11.79 -25.01 5.66
C VAL E 277 -12.22 -25.20 4.21
N PRO E 278 -11.57 -26.09 3.42
CA PRO E 278 -11.99 -26.37 2.05
C PRO E 278 -13.49 -26.69 1.94
N ALA E 279 -14.01 -27.62 2.76
CA ALA E 279 -15.44 -28.02 2.75
C ALA E 279 -16.32 -26.85 3.21
N ALA E 280 -15.84 -26.05 4.17
CA ALA E 280 -16.58 -24.86 4.68
C ALA E 280 -16.69 -23.80 3.56
N VAL E 281 -15.66 -23.64 2.75
CA VAL E 281 -15.64 -22.71 1.59
C VAL E 281 -16.67 -23.18 0.55
N GLU E 282 -16.67 -24.47 0.22
CA GLU E 282 -17.68 -25.02 -0.74
C GLU E 282 -19.07 -24.72 -0.18
N GLU E 283 -19.29 -24.91 1.14
CA GLU E 283 -20.63 -24.72 1.74
C GLU E 283 -21.03 -23.23 1.76
N MET E 284 -20.10 -22.33 2.02
CA MET E 284 -20.43 -20.87 2.12
CA MET E 284 -20.44 -20.88 2.12
C MET E 284 -20.61 -20.31 0.70
N LEU E 285 -19.92 -20.90 -0.28
CA LEU E 285 -20.10 -20.60 -1.74
C LEU E 285 -21.52 -20.98 -2.18
N ARG E 286 -21.98 -22.19 -1.85
CA ARG E 286 -23.38 -22.60 -2.07
C ARG E 286 -24.33 -21.59 -1.44
N TYR E 287 -24.08 -21.17 -0.19
CA TYR E 287 -25.07 -20.42 0.65
C TYR E 287 -25.12 -18.93 0.27
N THR E 288 -24.11 -18.40 -0.42
CA THR E 288 -23.90 -16.93 -0.51
C THR E 288 -24.43 -16.42 -1.85
N PRO E 289 -25.39 -15.47 -1.85
CA PRO E 289 -25.78 -14.78 -3.08
C PRO E 289 -24.74 -13.71 -3.47
N LEU E 290 -23.55 -14.12 -3.92
CA LEU E 290 -22.56 -13.18 -4.47
C LEU E 290 -23.24 -12.44 -5.63
N VAL E 291 -23.74 -13.16 -6.64
CA VAL E 291 -24.60 -12.56 -7.69
C VAL E 291 -25.92 -12.13 -7.02
N SER E 292 -26.22 -10.82 -6.94
CA SER E 292 -27.32 -10.30 -6.09
C SER E 292 -28.65 -10.89 -6.56
N ALA E 293 -28.82 -11.00 -7.88
CA ALA E 293 -30.08 -11.41 -8.51
C ALA E 293 -29.83 -11.68 -10.00
N GLY E 294 -30.51 -12.67 -10.53
CA GLY E 294 -30.50 -12.98 -11.96
C GLY E 294 -29.12 -13.40 -12.43
N SER E 295 -28.92 -13.34 -13.73
CA SER E 295 -27.72 -13.82 -14.44
C SER E 295 -27.70 -13.14 -15.80
N PHE E 296 -26.60 -13.37 -16.51
CA PHE E 296 -26.48 -13.13 -17.97
C PHE E 296 -27.48 -14.06 -18.64
N VAL E 297 -28.16 -13.52 -19.66
CA VAL E 297 -29.39 -14.14 -20.26
C VAL E 297 -28.97 -15.27 -21.18
N ARG E 298 -29.69 -16.39 -21.11
CA ARG E 298 -29.64 -17.44 -22.16
C ARG E 298 -30.91 -17.30 -23.01
N VAL E 299 -30.75 -17.21 -24.33
CA VAL E 299 -31.90 -17.22 -25.29
C VAL E 299 -31.98 -18.61 -25.92
N ALA E 300 -33.11 -19.27 -25.74
CA ALA E 300 -33.45 -20.53 -26.44
C ALA E 300 -33.33 -20.33 -27.96
N THR E 301 -32.60 -21.21 -28.65
CA THR E 301 -32.49 -21.25 -30.14
C THR E 301 -33.45 -22.31 -30.69
N GLU E 302 -34.06 -23.11 -29.80
CA GLU E 302 -35.12 -24.10 -30.10
C GLU E 302 -36.08 -24.14 -28.91
N ASP E 303 -37.15 -24.91 -29.07
CA ASP E 303 -38.06 -25.35 -27.99
C ASP E 303 -37.28 -26.24 -27.03
N VAL E 304 -37.28 -25.88 -25.75
CA VAL E 304 -36.66 -26.66 -24.65
C VAL E 304 -37.69 -26.79 -23.53
N GLU E 305 -37.89 -28.03 -23.06
CA GLU E 305 -38.78 -28.39 -21.93
CA GLU E 305 -38.80 -28.35 -21.93
C GLU E 305 -38.04 -28.27 -20.60
N LEU E 306 -38.59 -27.49 -19.67
CA LEU E 306 -38.15 -27.41 -18.26
C LEU E 306 -39.15 -28.19 -17.38
N SER E 307 -38.92 -28.23 -16.07
CA SER E 307 -39.76 -28.95 -15.09
C SER E 307 -41.24 -28.74 -15.44
N THR E 308 -41.68 -27.49 -15.41
CA THR E 308 -43.08 -27.03 -15.30
C THR E 308 -43.46 -26.10 -16.45
N VAL E 309 -42.57 -25.87 -17.42
CA VAL E 309 -42.80 -24.97 -18.57
C VAL E 309 -41.94 -25.44 -19.75
N THR E 310 -42.35 -25.11 -20.99
CA THR E 310 -41.56 -25.29 -22.24
C THR E 310 -41.19 -23.87 -22.75
N VAL E 311 -39.91 -23.49 -22.70
CA VAL E 311 -39.44 -22.19 -23.26
CA VAL E 311 -39.48 -22.17 -23.26
C VAL E 311 -39.46 -22.30 -24.79
N ARG E 312 -40.10 -21.34 -25.48
CA ARG E 312 -40.17 -21.33 -26.97
CA ARG E 312 -40.20 -21.26 -26.97
C ARG E 312 -38.87 -20.76 -27.53
N ALA E 313 -38.57 -21.06 -28.79
CA ALA E 313 -37.34 -20.59 -29.48
C ALA E 313 -37.35 -19.05 -29.49
N GLY E 314 -36.23 -18.43 -29.13
CA GLY E 314 -36.09 -16.96 -29.09
C GLY E 314 -36.57 -16.34 -27.78
N GLU E 315 -37.02 -17.15 -26.83
CA GLU E 315 -37.42 -16.65 -25.47
C GLU E 315 -36.19 -16.57 -24.57
N PRO E 316 -36.04 -15.45 -23.83
CA PRO E 316 -34.93 -15.26 -22.89
C PRO E 316 -35.17 -15.80 -21.47
N CYS E 317 -34.15 -16.40 -20.87
CA CYS E 317 -34.19 -16.92 -19.48
C CYS E 317 -33.06 -16.33 -18.65
N VAL E 318 -33.36 -16.08 -17.38
CA VAL E 318 -32.32 -15.78 -16.35
CA VAL E 318 -32.39 -15.72 -16.30
C VAL E 318 -32.40 -16.84 -15.25
N VAL E 319 -31.27 -17.10 -14.62
CA VAL E 319 -31.13 -18.07 -13.49
C VAL E 319 -30.80 -17.24 -12.25
N HIS E 320 -31.28 -17.64 -11.08
CA HIS E 320 -30.79 -17.08 -9.78
C HIS E 320 -29.98 -18.18 -9.09
N PHE E 321 -28.66 -18.07 -9.14
CA PHE E 321 -27.73 -19.17 -8.80
C PHE E 321 -27.97 -19.53 -7.33
N ALA E 322 -28.13 -18.52 -6.47
CA ALA E 322 -28.37 -18.69 -5.02
C ALA E 322 -29.67 -19.49 -4.76
N SER E 323 -30.71 -19.37 -5.61
CA SER E 323 -32.00 -20.10 -5.43
C SER E 323 -31.79 -21.57 -5.77
N ALA E 324 -31.16 -21.82 -6.92
CA ALA E 324 -30.78 -23.18 -7.36
C ALA E 324 -29.97 -23.84 -6.25
N ASN E 325 -29.10 -23.07 -5.59
CA ASN E 325 -28.20 -23.59 -4.51
C ASN E 325 -28.98 -23.81 -3.21
N ARG E 326 -30.27 -23.46 -3.16
CA ARG E 326 -31.09 -23.72 -1.95
C ARG E 326 -32.25 -24.67 -2.34
N ASP E 327 -32.07 -25.45 -3.42
CA ASP E 327 -33.10 -26.37 -3.96
C ASP E 327 -33.23 -27.54 -2.98
N GLU E 328 -34.43 -27.74 -2.44
CA GLU E 328 -34.62 -28.62 -1.24
CA GLU E 328 -34.72 -28.61 -1.26
C GLU E 328 -34.71 -30.08 -1.70
N GLU E 329 -34.75 -30.32 -3.02
CA GLU E 329 -34.71 -31.69 -3.61
CA GLU E 329 -34.71 -31.69 -3.63
C GLU E 329 -33.26 -32.14 -3.79
N VAL E 330 -32.28 -31.23 -3.68
CA VAL E 330 -30.86 -31.62 -3.89
C VAL E 330 -30.06 -31.46 -2.59
N PHE E 331 -30.46 -30.58 -1.68
CA PHE E 331 -29.70 -30.28 -0.44
C PHE E 331 -30.63 -30.42 0.76
N ASP E 332 -30.37 -31.39 1.65
CA ASP E 332 -31.10 -31.52 2.94
CA ASP E 332 -31.15 -31.50 2.92
C ASP E 332 -30.84 -30.25 3.75
N HIS E 333 -31.80 -29.84 4.59
CA HIS E 333 -31.79 -28.56 5.36
CA HIS E 333 -31.69 -28.61 5.41
C HIS E 333 -30.92 -27.54 4.60
N ALA E 334 -31.29 -27.31 3.33
CA ALA E 334 -30.63 -26.43 2.34
C ALA E 334 -30.44 -24.99 2.87
N ASP E 335 -31.32 -24.60 3.80
CA ASP E 335 -31.37 -23.18 4.25
CA ASP E 335 -31.53 -23.25 4.37
C ASP E 335 -30.62 -23.06 5.59
N GLU E 336 -29.78 -24.04 5.90
CA GLU E 336 -28.87 -24.08 7.08
CA GLU E 336 -28.84 -23.94 7.06
C GLU E 336 -27.43 -24.31 6.59
N LEU E 337 -26.45 -23.68 7.24
CA LEU E 337 -25.02 -23.78 6.89
C LEU E 337 -24.42 -24.98 7.62
N ASP E 338 -23.93 -25.95 6.85
CA ASP E 338 -23.45 -27.27 7.32
C ASP E 338 -22.10 -27.59 6.65
N PHE E 339 -21.03 -27.55 7.44
CA PHE E 339 -19.63 -27.81 6.98
C PHE E 339 -19.31 -29.31 6.95
N HIS E 340 -20.28 -30.21 7.16
CA HIS E 340 -19.99 -31.67 7.09
CA HIS E 340 -20.09 -31.68 7.20
C HIS E 340 -21.00 -32.37 6.18
N ARG E 341 -21.47 -31.67 5.14
CA ARG E 341 -22.25 -32.27 4.01
C ARG E 341 -21.37 -33.33 3.32
N GLU E 342 -21.96 -34.47 2.93
CA GLU E 342 -21.20 -35.56 2.25
CA GLU E 342 -21.21 -35.57 2.24
C GLU E 342 -21.09 -35.23 0.75
N ARG E 343 -22.10 -34.54 0.20
CA ARG E 343 -22.17 -34.10 -1.24
CA ARG E 343 -22.01 -34.05 -1.21
C ARG E 343 -22.51 -32.60 -1.28
N ASN E 344 -21.90 -31.84 -2.20
CA ASN E 344 -22.22 -30.40 -2.40
C ASN E 344 -22.17 -30.10 -3.91
N PRO E 345 -23.22 -30.47 -4.67
CA PRO E 345 -23.28 -30.15 -6.10
C PRO E 345 -23.82 -28.72 -6.36
N HIS E 346 -23.24 -27.70 -5.72
CA HIS E 346 -23.66 -26.28 -5.85
C HIS E 346 -23.33 -25.78 -7.25
N ILE E 347 -23.99 -24.72 -7.71
CA ILE E 347 -23.57 -24.02 -8.96
C ILE E 347 -23.14 -22.59 -8.62
N ALA E 348 -22.40 -22.41 -7.52
CA ALA E 348 -21.83 -21.11 -7.12
C ALA E 348 -20.91 -20.58 -8.22
N PHE E 349 -20.31 -21.50 -8.99
CA PHE E 349 -19.34 -21.22 -10.08
C PHE E 349 -20.00 -21.39 -11.45
N GLY E 350 -21.33 -21.34 -11.46
CA GLY E 350 -22.13 -21.61 -12.67
C GLY E 350 -22.07 -23.07 -13.06
N HIS E 351 -22.27 -23.35 -14.34
CA HIS E 351 -22.48 -24.69 -14.94
C HIS E 351 -22.46 -24.54 -16.48
N GLY E 352 -21.94 -25.54 -17.18
CA GLY E 352 -21.94 -25.63 -18.66
C GLY E 352 -20.71 -24.93 -19.24
N ALA E 353 -20.83 -24.42 -20.45
CA ALA E 353 -19.68 -23.83 -21.20
C ALA E 353 -19.11 -22.62 -20.43
N HIS E 354 -19.94 -21.86 -19.73
CA HIS E 354 -19.60 -20.57 -19.05
CA HIS E 354 -19.54 -20.58 -19.07
C HIS E 354 -19.23 -20.81 -17.58
N HIS E 355 -19.11 -22.06 -17.17
CA HIS E 355 -18.60 -22.40 -15.81
C HIS E 355 -17.37 -21.54 -15.49
N CYS E 356 -17.34 -20.94 -14.32
CA CYS E 356 -16.30 -19.96 -13.91
C CYS E 356 -14.88 -20.46 -14.30
N ILE E 357 -14.19 -19.72 -15.18
CA ILE E 357 -12.80 -20.03 -15.62
C ILE E 357 -11.85 -19.88 -14.43
N GLY E 358 -12.17 -19.05 -13.43
CA GLY E 358 -11.29 -18.78 -12.30
C GLY E 358 -11.62 -19.60 -11.07
N ALA E 359 -12.49 -20.62 -11.17
CA ALA E 359 -13.04 -21.34 -9.98
C ALA E 359 -11.91 -21.79 -9.04
N GLN E 360 -10.84 -22.36 -9.57
CA GLN E 360 -9.77 -22.99 -8.76
C GLN E 360 -8.95 -21.89 -8.08
N LEU E 361 -8.72 -20.77 -8.77
CA LEU E 361 -8.05 -19.59 -8.18
C LEU E 361 -8.94 -19.02 -7.07
N GLY E 362 -10.22 -18.86 -7.33
CA GLY E 362 -11.20 -18.44 -6.31
C GLY E 362 -11.08 -19.33 -5.08
N ARG E 363 -11.24 -20.64 -5.26
CA ARG E 363 -11.08 -21.65 -4.18
C ARG E 363 -9.75 -21.44 -3.43
N LEU E 364 -8.63 -21.37 -4.15
CA LEU E 364 -7.29 -21.24 -3.54
C LEU E 364 -7.27 -19.99 -2.64
N GLU E 365 -7.72 -18.83 -3.15
CA GLU E 365 -7.68 -17.53 -2.44
C GLU E 365 -8.55 -17.62 -1.19
N LEU E 366 -9.76 -18.17 -1.30
CA LEU E 366 -10.66 -18.17 -0.12
C LEU E 366 -10.10 -19.18 0.91
N GLN E 367 -9.60 -20.31 0.44
CA GLN E 367 -9.01 -21.37 1.31
C GLN E 367 -7.80 -20.77 2.05
N GLU E 368 -6.88 -20.12 1.35
CA GLU E 368 -5.64 -19.60 2.00
C GLU E 368 -5.99 -18.44 2.94
N ALA E 369 -6.92 -17.55 2.55
CA ALA E 369 -7.33 -16.42 3.41
C ALA E 369 -7.91 -16.99 4.70
N LEU E 370 -8.91 -17.88 4.64
CA LEU E 370 -9.62 -18.36 5.86
C LEU E 370 -8.66 -19.17 6.74
N SER E 371 -7.84 -20.03 6.13
CA SER E 371 -6.98 -20.95 6.91
C SER E 371 -6.00 -20.08 7.70
N ALA E 372 -5.50 -18.98 7.08
CA ALA E 372 -4.54 -18.05 7.71
C ALA E 372 -5.21 -17.39 8.91
N LEU E 373 -6.47 -16.96 8.75
CA LEU E 373 -7.18 -16.23 9.84
C LEU E 373 -7.40 -17.18 11.00
N VAL E 374 -7.84 -18.38 10.67
CA VAL E 374 -8.34 -19.35 11.68
C VAL E 374 -7.12 -19.86 12.46
N ARG E 375 -5.98 -20.05 11.81
CA ARG E 375 -4.72 -20.48 12.49
C ARG E 375 -4.16 -19.30 13.30
N ARG E 376 -4.18 -18.09 12.76
CA ARG E 376 -3.48 -16.94 13.41
C ARG E 376 -4.38 -16.17 14.38
N PHE E 377 -5.68 -16.09 14.12
CA PHE E 377 -6.62 -15.23 14.88
C PHE E 377 -7.79 -16.05 15.42
N PRO E 378 -7.54 -17.01 16.34
CA PRO E 378 -8.60 -17.78 16.98
C PRO E 378 -9.61 -16.89 17.73
N THR E 379 -9.19 -15.69 18.12
CA THR E 379 -10.00 -14.70 18.90
C THR E 379 -10.70 -13.70 17.95
N LEU E 380 -10.62 -13.86 16.63
CA LEU E 380 -11.22 -12.91 15.67
C LEU E 380 -12.71 -12.74 16.00
N ASP E 381 -13.23 -11.51 16.02
CA ASP E 381 -14.67 -11.23 16.24
C ASP E 381 -15.06 -9.99 15.42
N LEU E 382 -16.34 -9.89 15.06
CA LEU E 382 -16.91 -8.68 14.42
C LEU E 382 -16.92 -7.59 15.50
N ALA E 383 -16.29 -6.43 15.24
CA ALA E 383 -16.12 -5.30 16.17
C ALA E 383 -16.84 -4.04 15.66
N GLU E 384 -17.91 -4.17 14.87
CA GLU E 384 -18.82 -3.04 14.52
C GLU E 384 -20.24 -3.62 14.50
N PRO E 385 -21.30 -2.85 14.81
CA PRO E 385 -22.65 -3.41 14.89
C PRO E 385 -23.13 -4.05 13.58
N VAL E 386 -23.82 -5.19 13.68
CA VAL E 386 -24.38 -5.93 12.51
C VAL E 386 -25.31 -5.00 11.76
N ALA E 387 -26.21 -4.30 12.47
CA ALA E 387 -27.24 -3.38 11.94
C ALA E 387 -26.62 -2.24 11.10
N GLY E 388 -25.40 -1.80 11.43
CA GLY E 388 -24.72 -0.67 10.76
C GLY E 388 -23.83 -1.09 9.60
N LEU E 389 -23.78 -2.39 9.25
CA LEU E 389 -22.82 -2.92 8.26
C LEU E 389 -23.04 -2.22 6.91
N LYS E 390 -21.96 -1.89 6.19
CA LYS E 390 -22.04 -1.13 4.92
C LYS E 390 -22.04 -2.12 3.74
N TRP E 391 -23.15 -2.81 3.54
CA TRP E 391 -23.42 -3.62 2.34
C TRP E 391 -23.39 -2.71 1.11
N LYS E 392 -22.66 -3.11 0.08
CA LYS E 392 -22.64 -2.41 -1.23
C LYS E 392 -24.05 -2.39 -1.81
N GLN E 393 -24.44 -1.25 -2.36
CA GLN E 393 -25.80 -0.96 -2.87
C GLN E 393 -25.69 -0.65 -4.37
N GLY E 394 -26.65 -1.06 -5.16
CA GLY E 394 -26.71 -0.70 -6.57
C GLY E 394 -25.66 -1.39 -7.42
N MET E 395 -25.20 -2.58 -7.03
CA MET E 395 -24.26 -3.38 -7.86
C MET E 395 -24.86 -4.76 -8.13
N LEU E 396 -24.42 -5.47 -9.17
CA LEU E 396 -24.85 -6.82 -9.58
C LEU E 396 -24.35 -7.91 -8.60
N ILE E 397 -23.43 -7.56 -7.69
CA ILE E 397 -22.86 -8.47 -6.68
C ILE E 397 -23.03 -7.83 -5.30
N ARG E 398 -22.84 -8.63 -4.26
CA ARG E 398 -22.99 -8.25 -2.83
C ARG E 398 -21.66 -8.43 -2.11
N GLY E 399 -21.46 -7.58 -1.10
CA GLY E 399 -20.24 -7.55 -0.28
C GLY E 399 -20.21 -6.29 0.56
N LEU E 400 -19.31 -6.29 1.51
CA LEU E 400 -19.16 -5.24 2.52
C LEU E 400 -18.13 -4.22 2.06
N GLU E 401 -18.41 -2.93 2.26
CA GLU E 401 -17.44 -1.83 2.04
C GLU E 401 -16.43 -1.79 3.17
N ARG E 402 -16.83 -2.25 4.36
CA ARG E 402 -16.06 -2.15 5.62
C ARG E 402 -16.39 -3.34 6.51
N GLN E 403 -15.40 -3.90 7.20
CA GLN E 403 -15.61 -5.03 8.14
C GLN E 403 -14.58 -4.89 9.27
N ILE E 404 -14.93 -4.10 10.29
CA ILE E 404 -14.04 -3.86 11.45
C ILE E 404 -14.08 -5.11 12.31
N VAL E 405 -12.94 -5.77 12.48
CA VAL E 405 -12.77 -6.97 13.34
C VAL E 405 -11.78 -6.67 14.47
N SER E 406 -11.91 -7.43 15.55
CA SER E 406 -10.99 -7.40 16.71
C SER E 406 -10.40 -8.79 16.87
N TRP E 407 -9.34 -8.90 17.63
CA TRP E 407 -8.76 -10.20 18.05
C TRP E 407 -8.03 -10.02 19.39
N ALA F 11 -20.32 81.35 -19.91
CA ALA F 11 -20.74 80.94 -18.56
C ALA F 11 -20.89 82.19 -17.66
N ASP F 12 -21.52 83.26 -18.18
CA ASP F 12 -21.79 84.54 -17.46
C ASP F 12 -22.41 84.30 -16.07
N ALA F 13 -23.60 83.71 -16.02
CA ALA F 13 -24.53 83.74 -14.88
C ALA F 13 -24.24 82.62 -13.87
N VAL F 14 -23.20 82.80 -13.04
CA VAL F 14 -22.89 81.92 -11.88
C VAL F 14 -22.70 82.80 -10.64
N PRO F 15 -22.76 82.23 -9.42
CA PRO F 15 -22.48 82.98 -8.20
C PRO F 15 -21.04 83.51 -8.14
N ALA F 16 -20.88 84.73 -7.60
CA ALA F 16 -19.56 85.23 -7.14
C ALA F 16 -19.13 84.37 -5.94
N TYR F 17 -17.84 84.09 -5.85
CA TYR F 17 -17.16 83.37 -4.77
C TYR F 17 -15.94 84.19 -4.36
N PRO F 18 -15.70 84.48 -3.07
CA PRO F 18 -16.45 83.93 -1.93
C PRO F 18 -17.93 84.30 -1.81
N PHE F 19 -18.66 83.56 -0.99
CA PHE F 19 -20.14 83.62 -0.91
C PHE F 19 -20.58 84.78 -0.02
N SER F 20 -19.79 85.11 1.00
CA SER F 20 -20.05 86.24 1.93
C SER F 20 -18.82 86.52 2.82
N LEU F 21 -18.97 87.59 3.61
CA LEU F 21 -18.00 88.11 4.64
CA LEU F 21 -17.96 88.09 4.61
C LEU F 21 -17.69 87.02 5.65
N PRO F 22 -16.44 86.56 5.84
CA PRO F 22 -16.13 85.71 6.99
C PRO F 22 -16.42 86.44 8.32
N HIS F 23 -17.20 85.82 9.21
CA HIS F 23 -17.36 86.24 10.64
CA HIS F 23 -17.36 86.24 10.64
C HIS F 23 -16.60 85.23 11.51
N ALA F 24 -15.50 85.67 12.13
CA ALA F 24 -14.67 84.86 13.07
C ALA F 24 -14.15 83.57 12.38
N LEU F 25 -14.31 82.40 13.02
CA LEU F 25 -13.92 81.08 12.45
C LEU F 25 -15.17 80.32 11.98
N ASP F 26 -16.27 81.01 11.69
CA ASP F 26 -17.53 80.37 11.21
C ASP F 26 -17.36 79.95 9.73
N LEU F 27 -17.76 78.72 9.42
CA LEU F 27 -17.97 78.18 8.04
C LEU F 27 -19.30 78.74 7.53
N ASP F 28 -19.33 79.35 6.35
CA ASP F 28 -20.61 79.77 5.67
C ASP F 28 -21.52 78.54 5.51
N PRO F 29 -22.79 78.61 5.96
CA PRO F 29 -23.67 77.43 5.95
C PRO F 29 -23.83 76.82 4.55
N HIS F 30 -23.67 77.62 3.50
CA HIS F 30 -23.90 77.24 2.08
C HIS F 30 -22.94 76.12 1.62
N TYR F 31 -21.78 75.95 2.29
CA TYR F 31 -20.79 74.90 1.97
C TYR F 31 -21.46 73.53 2.18
N ALA F 32 -22.21 73.41 3.28
CA ALA F 32 -23.03 72.23 3.66
C ALA F 32 -24.04 71.91 2.55
N GLU F 33 -24.73 72.89 1.98
CA GLU F 33 -25.72 72.65 0.89
C GLU F 33 -24.99 72.07 -0.31
N LEU F 34 -23.87 72.69 -0.68
CA LEU F 34 -23.15 72.31 -1.92
C LEU F 34 -22.67 70.85 -1.81
N ARG F 35 -22.04 70.46 -0.70
CA ARG F 35 -21.54 69.06 -0.53
CA ARG F 35 -21.53 69.06 -0.59
C ARG F 35 -22.69 68.08 -0.77
N ARG F 36 -23.89 68.40 -0.28
CA ARG F 36 -25.06 67.49 -0.39
CA ARG F 36 -25.09 67.51 -0.38
C ARG F 36 -25.68 67.61 -1.81
N ASP F 37 -26.03 68.81 -2.24
CA ASP F 37 -26.91 69.04 -3.43
C ASP F 37 -26.13 69.36 -4.71
N GLU F 38 -24.90 69.89 -4.63
CA GLU F 38 -24.13 70.37 -5.81
C GLU F 38 -22.67 70.43 -5.42
N PRO F 39 -22.00 69.27 -5.26
CA PRO F 39 -20.62 69.22 -4.76
C PRO F 39 -19.61 70.04 -5.57
N VAL F 40 -19.84 70.13 -6.87
CA VAL F 40 -18.95 70.84 -7.81
C VAL F 40 -19.79 71.91 -8.52
N SER F 41 -19.58 73.20 -8.23
CA SER F 41 -20.41 74.27 -8.84
C SER F 41 -19.51 75.30 -9.50
N ARG F 42 -20.03 75.90 -10.57
CA ARG F 42 -19.29 76.93 -11.33
C ARG F 42 -19.53 78.25 -10.60
N VAL F 43 -18.45 79.00 -10.39
CA VAL F 43 -18.40 80.28 -9.63
C VAL F 43 -17.48 81.27 -10.35
N ARG F 44 -17.67 82.56 -10.07
CA ARG F 44 -16.77 83.66 -10.51
CA ARG F 44 -16.80 83.68 -10.51
C ARG F 44 -15.90 84.03 -9.31
N LEU F 45 -14.59 83.86 -9.44
CA LEU F 45 -13.61 84.23 -8.40
C LEU F 45 -13.47 85.76 -8.44
N PRO F 46 -12.91 86.40 -7.39
CA PRO F 46 -12.81 87.86 -7.36
C PRO F 46 -11.89 88.49 -8.42
N TYR F 47 -10.93 87.75 -8.99
CA TYR F 47 -9.99 88.33 -10.00
C TYR F 47 -9.74 87.33 -11.11
N GLY F 48 -9.22 87.82 -12.23
CA GLY F 48 -9.12 87.00 -13.45
C GLY F 48 -10.43 87.02 -14.21
N GLU F 49 -10.53 86.21 -15.25
CA GLU F 49 -11.75 86.22 -16.09
CA GLU F 49 -11.62 86.17 -16.27
C GLU F 49 -12.32 84.80 -16.19
N GLY F 50 -13.52 84.72 -16.77
CA GLY F 50 -14.33 83.49 -16.83
C GLY F 50 -14.64 82.96 -15.43
N THR F 51 -14.58 81.64 -15.31
CA THR F 51 -15.28 80.90 -14.24
C THR F 51 -14.41 79.72 -13.78
N ALA F 52 -14.67 79.24 -12.57
CA ALA F 52 -13.95 78.10 -11.94
C ALA F 52 -14.96 77.14 -11.34
N TRP F 53 -14.57 75.87 -11.31
CA TRP F 53 -15.23 74.79 -10.55
C TRP F 53 -14.78 74.86 -9.08
N LEU F 54 -15.71 75.20 -8.20
CA LEU F 54 -15.56 75.10 -6.73
C LEU F 54 -15.82 73.65 -6.31
N VAL F 55 -14.85 73.02 -5.65
CA VAL F 55 -14.89 71.63 -5.13
C VAL F 55 -15.04 71.72 -3.60
N THR F 56 -16.07 71.08 -3.03
CA THR F 56 -16.45 71.19 -1.59
C THR F 56 -16.36 69.85 -0.84
N ARG F 57 -16.20 68.72 -1.56
CA ARG F 57 -16.15 67.36 -0.95
C ARG F 57 -14.70 66.90 -0.78
N MET F 58 -14.44 66.01 0.17
CA MET F 58 -13.06 65.48 0.39
CA MET F 58 -13.08 65.45 0.41
C MET F 58 -12.66 64.64 -0.82
N SER F 59 -13.57 63.80 -1.33
CA SER F 59 -13.31 62.92 -2.51
C SER F 59 -12.77 63.76 -3.68
N ASP F 60 -13.51 64.81 -4.06
CA ASP F 60 -13.20 65.68 -5.23
C ASP F 60 -11.95 66.53 -4.93
N ALA F 61 -11.76 66.97 -3.68
CA ALA F 61 -10.64 67.85 -3.28
C ALA F 61 -9.34 67.06 -3.47
N ARG F 62 -9.34 65.81 -3.02
CA ARG F 62 -8.14 64.93 -3.13
CA ARG F 62 -8.19 64.87 -3.13
C ARG F 62 -7.83 64.67 -4.62
N ILE F 63 -8.80 64.71 -5.53
CA ILE F 63 -8.54 64.53 -6.99
C ILE F 63 -7.88 65.83 -7.52
N VAL F 64 -8.44 67.01 -7.23
CA VAL F 64 -7.93 68.34 -7.72
C VAL F 64 -6.50 68.54 -7.19
N LEU F 65 -6.27 68.26 -5.91
CA LEU F 65 -4.95 68.49 -5.27
C LEU F 65 -3.99 67.34 -5.62
N GLY F 66 -4.54 66.12 -5.87
CA GLY F 66 -3.76 64.87 -5.94
C GLY F 66 -3.45 64.42 -7.37
N ASP F 67 -4.27 64.78 -8.34
CA ASP F 67 -4.18 64.12 -9.65
C ASP F 67 -3.21 64.96 -10.49
N SER F 68 -2.33 64.32 -11.24
CA SER F 68 -1.27 64.99 -12.03
C SER F 68 -1.83 65.51 -13.36
N ARG F 69 -3.11 65.29 -13.65
CA ARG F 69 -3.72 65.90 -14.86
C ARG F 69 -4.06 67.37 -14.59
N PHE F 70 -3.82 67.86 -13.38
CA PHE F 70 -3.94 69.29 -13.01
C PHE F 70 -2.56 69.93 -12.95
N SER F 71 -2.54 71.22 -13.24
CA SER F 71 -1.34 72.09 -13.32
C SER F 71 -1.62 73.38 -12.54
N THR F 72 -0.75 73.74 -11.59
CA THR F 72 -0.69 75.09 -10.97
C THR F 72 0.05 76.05 -11.89
N ALA F 73 1.10 75.60 -12.58
CA ALA F 73 1.89 76.48 -13.47
C ALA F 73 0.96 77.06 -14.54
N ALA F 74 -0.03 76.30 -15.00
CA ALA F 74 -1.03 76.83 -15.97
C ALA F 74 -1.82 77.99 -15.36
N ALA F 75 -1.89 78.14 -14.03
CA ALA F 75 -2.79 79.13 -13.41
C ALA F 75 -2.15 80.51 -13.33
N THR F 76 -0.93 80.67 -13.83
CA THR F 76 -0.18 81.96 -13.85
C THR F 76 -0.69 82.88 -14.98
N ASP F 77 -1.38 82.34 -15.98
CA ASP F 77 -2.13 83.15 -16.98
C ASP F 77 -2.93 84.19 -16.20
N PRO F 78 -2.66 85.49 -16.44
CA PRO F 78 -3.35 86.58 -15.75
C PRO F 78 -4.87 86.58 -15.97
N ALA F 79 -5.34 86.03 -17.10
CA ALA F 79 -6.76 85.72 -17.41
C ALA F 79 -7.31 84.58 -16.54
N THR F 80 -6.48 83.81 -15.83
CA THR F 80 -6.94 82.66 -15.03
C THR F 80 -7.68 83.18 -13.80
N PRO F 81 -8.88 82.67 -13.49
CA PRO F 81 -9.53 82.98 -12.20
C PRO F 81 -8.52 82.87 -11.05
N ARG F 82 -8.65 83.70 -10.02
CA ARG F 82 -7.80 83.58 -8.80
C ARG F 82 -8.46 84.28 -7.63
N MET F 83 -8.12 83.86 -6.41
CA MET F 83 -8.65 84.43 -5.15
C MET F 83 -8.02 85.81 -4.85
N PHE F 84 -6.99 86.24 -5.56
CA PHE F 84 -6.13 87.38 -5.10
C PHE F 84 -5.77 88.32 -6.26
N PRO F 85 -5.47 89.60 -5.98
CA PRO F 85 -5.52 90.63 -7.03
C PRO F 85 -4.41 90.51 -8.07
N THR F 86 -3.19 90.16 -7.70
CA THR F 86 -2.03 90.14 -8.63
C THR F 86 -2.00 88.83 -9.40
N PRO F 87 -1.74 88.82 -10.72
CA PRO F 87 -1.56 87.56 -11.42
C PRO F 87 -0.47 86.77 -10.69
N PRO F 88 -0.55 85.42 -10.65
CA PRO F 88 0.39 84.64 -9.84
C PRO F 88 1.87 84.72 -10.31
N GLU F 89 2.81 84.83 -9.37
CA GLU F 89 4.26 84.88 -9.72
C GLU F 89 4.70 83.50 -10.20
N PRO F 90 5.10 83.33 -11.48
CA PRO F 90 5.51 82.03 -12.01
C PRO F 90 6.71 81.41 -11.29
N ASP F 91 7.55 82.21 -10.64
CA ASP F 91 8.69 81.71 -9.83
C ASP F 91 8.23 81.02 -8.52
N GLY F 92 7.05 81.34 -7.98
CA GLY F 92 6.60 80.75 -6.69
C GLY F 92 6.44 79.23 -6.75
N VAL F 93 6.74 78.52 -5.63
CA VAL F 93 6.60 77.04 -5.49
C VAL F 93 5.19 76.60 -5.92
N LEU F 94 4.20 77.30 -5.38
CA LEU F 94 2.76 76.92 -5.49
C LEU F 94 2.44 76.89 -6.98
N ALA F 95 3.08 77.78 -7.77
CA ALA F 95 2.92 77.87 -9.24
C ALA F 95 3.85 76.92 -9.99
N GLN F 96 4.61 76.09 -9.31
CA GLN F 96 5.48 75.15 -10.08
C GLN F 96 4.77 73.78 -10.17
N ASP F 97 4.98 73.08 -11.28
CA ASP F 97 4.67 71.64 -11.54
C ASP F 97 5.96 70.82 -11.45
N PRO F 98 5.84 69.52 -11.07
CA PRO F 98 6.96 68.58 -11.13
C PRO F 98 7.45 68.50 -12.56
N PRO F 99 8.75 68.23 -12.86
CA PRO F 99 9.79 68.02 -11.87
C PRO F 99 10.50 69.27 -11.28
N ASP F 100 10.29 70.47 -11.83
CA ASP F 100 10.89 71.69 -11.25
C ASP F 100 10.37 71.87 -9.82
N HIS F 101 9.06 71.75 -9.62
CA HIS F 101 8.46 71.77 -8.27
C HIS F 101 9.28 70.86 -7.35
N THR F 102 9.52 69.62 -7.77
CA THR F 102 10.21 68.58 -6.95
C THR F 102 11.66 69.04 -6.65
N ARG F 103 12.37 69.57 -7.65
CA ARG F 103 13.72 70.14 -7.43
C ARG F 103 13.68 71.23 -6.33
N LEU F 104 12.72 72.16 -6.36
CA LEU F 104 12.65 73.32 -5.42
C LEU F 104 12.43 72.80 -4.01
N ARG F 105 11.50 71.88 -3.89
CA ARG F 105 11.13 71.21 -2.63
C ARG F 105 12.33 70.55 -1.98
N ARG F 106 13.15 69.89 -2.80
CA ARG F 106 14.31 69.09 -2.30
C ARG F 106 15.45 70.01 -1.89
N LEU F 107 15.49 71.29 -2.27
CA LEU F 107 16.53 72.24 -1.81
C LEU F 107 16.41 72.34 -0.29
N VAL F 108 15.19 72.37 0.23
CA VAL F 108 14.96 72.71 1.67
C VAL F 108 14.22 71.58 2.41
N GLY F 109 13.75 70.58 1.68
CA GLY F 109 12.99 69.45 2.24
C GLY F 109 13.59 68.82 3.49
N LYS F 110 14.90 68.59 3.56
CA LYS F 110 15.55 67.86 4.69
C LYS F 110 15.22 68.52 6.04
N ALA F 111 15.04 69.86 6.07
CA ALA F 111 14.86 70.65 7.32
C ALA F 111 13.44 70.51 7.84
N PHE F 112 12.50 69.97 7.05
CA PHE F 112 11.07 69.95 7.41
C PHE F 112 10.58 68.51 7.65
N THR F 113 11.45 67.50 7.61
CA THR F 113 11.04 66.09 7.88
C THR F 113 10.62 65.95 9.34
N ALA F 114 9.78 64.94 9.64
CA ALA F 114 9.36 64.46 10.98
C ALA F 114 10.56 64.48 11.94
N ARG F 115 11.64 63.82 11.52
CA ARG F 115 12.83 63.56 12.37
C ARG F 115 13.43 64.92 12.75
N ARG F 116 13.81 65.74 11.75
CA ARG F 116 14.59 66.99 11.97
C ARG F 116 13.71 68.02 12.72
N VAL F 117 12.42 68.07 12.43
CA VAL F 117 11.51 68.97 13.19
C VAL F 117 11.45 68.49 14.65
N GLU F 118 11.31 67.19 14.87
CA GLU F 118 11.26 66.60 16.23
C GLU F 118 12.49 67.06 17.03
N GLU F 119 13.67 67.07 16.42
CA GLU F 119 14.98 67.40 17.05
C GLU F 119 14.96 68.84 17.57
N MET F 120 14.13 69.74 17.04
CA MET F 120 14.15 71.17 17.46
C MET F 120 13.09 71.40 18.57
N ARG F 121 12.43 70.35 19.09
CA ARG F 121 11.36 70.49 20.14
C ARG F 121 11.88 71.11 21.45
N PRO F 122 13.02 70.65 22.06
CA PRO F 122 13.56 71.29 23.26
C PRO F 122 13.77 72.81 23.10
N ARG F 123 14.42 73.28 22.02
CA ARG F 123 14.66 74.74 21.80
CA ARG F 123 14.66 74.74 21.77
C ARG F 123 13.31 75.46 21.70
N VAL F 124 12.30 74.81 21.07
CA VAL F 124 10.95 75.40 20.87
C VAL F 124 10.27 75.53 22.24
N ARG F 125 10.29 74.49 23.07
CA ARG F 125 9.75 74.51 24.46
CA ARG F 125 9.68 74.57 24.43
C ARG F 125 10.37 75.69 25.21
N SER F 126 11.70 75.69 25.27
CA SER F 126 12.54 76.71 25.96
C SER F 126 12.15 78.13 25.49
N LEU F 127 12.06 78.36 24.18
CA LEU F 127 11.70 79.67 23.59
CA LEU F 127 11.71 79.69 23.61
C LEU F 127 10.28 80.06 24.03
N VAL F 128 9.33 79.13 23.91
CA VAL F 128 7.90 79.31 24.32
C VAL F 128 7.86 79.65 25.83
N ASP F 129 8.68 78.98 26.64
CA ASP F 129 8.70 79.14 28.12
CA ASP F 129 8.70 79.14 28.12
C ASP F 129 9.29 80.51 28.47
N SER F 130 10.35 80.91 27.77
CA SER F 130 10.99 82.24 27.92
C SER F 130 9.98 83.35 27.53
N LEU F 131 9.24 83.18 26.43
CA LEU F 131 8.20 84.14 25.97
C LEU F 131 7.04 84.21 26.97
N LEU F 132 6.69 83.08 27.57
CA LEU F 132 5.61 83.01 28.57
C LEU F 132 6.08 83.68 29.89
N ASP F 133 7.38 83.71 30.18
CA ASP F 133 7.94 84.43 31.35
C ASP F 133 7.73 85.94 31.18
N ASP F 134 7.94 86.47 29.97
CA ASP F 134 7.71 87.90 29.66
C ASP F 134 6.26 88.23 30.08
N MET F 135 5.33 87.30 29.85
CA MET F 135 3.88 87.51 30.04
C MET F 135 3.51 87.47 31.53
N VAL F 136 4.12 86.53 32.29
CA VAL F 136 4.02 86.49 33.79
C VAL F 136 4.36 87.88 34.31
N ALA F 137 5.49 88.42 33.86
CA ALA F 137 6.12 89.68 34.31
C ALA F 137 5.22 90.89 34.04
N HIS F 138 4.58 90.97 32.87
CA HIS F 138 3.56 92.02 32.52
C HIS F 138 2.41 91.88 33.51
N GLY F 139 1.87 90.66 33.62
CA GLY F 139 0.75 90.32 34.53
C GLY F 139 -0.58 90.42 33.81
N SER F 140 -1.64 89.93 34.46
CA SER F 140 -3.00 89.71 33.89
C SER F 140 -3.82 91.00 33.92
N PRO F 141 -4.57 91.36 32.85
CA PRO F 141 -4.57 90.63 31.58
C PRO F 141 -3.47 91.08 30.59
N ALA F 142 -2.98 90.13 29.77
CA ALA F 142 -1.93 90.34 28.73
C ALA F 142 -2.42 89.87 27.36
N ASP F 143 -1.98 90.59 26.32
CA ASP F 143 -2.33 90.35 24.89
C ASP F 143 -1.51 89.16 24.39
N LEU F 144 -2.14 88.00 24.19
CA LEU F 144 -1.41 86.76 23.82
C LEU F 144 -0.75 86.92 22.44
N VAL F 145 -1.30 87.78 21.58
CA VAL F 145 -0.71 88.09 20.24
C VAL F 145 0.66 88.77 20.43
N GLU F 146 0.82 89.66 21.42
CA GLU F 146 2.07 90.43 21.65
CA GLU F 146 2.09 90.42 21.60
C GLU F 146 3.13 89.52 22.30
N PHE F 147 2.70 88.60 23.18
CA PHE F 147 3.64 87.84 24.05
C PHE F 147 3.97 86.45 23.50
N LEU F 148 3.11 85.84 22.66
CA LEU F 148 3.31 84.45 22.17
C LEU F 148 3.02 84.34 20.66
N ALA F 149 1.82 84.73 20.22
CA ALA F 149 1.29 84.41 18.87
C ALA F 149 2.27 84.91 17.81
N VAL F 150 2.72 86.16 17.95
CA VAL F 150 3.66 86.86 17.02
C VAL F 150 5.11 86.49 17.36
N PRO F 151 5.63 86.75 18.59
CA PRO F 151 7.05 86.53 18.85
C PRO F 151 7.56 85.12 18.54
N PHE F 152 6.80 84.07 18.85
CA PHE F 152 7.29 82.67 18.88
C PHE F 152 7.53 82.15 17.44
N PRO F 153 6.54 82.13 16.52
CA PRO F 153 6.77 81.64 15.16
C PRO F 153 7.79 82.47 14.36
N VAL F 154 7.69 83.78 14.51
CA VAL F 154 8.65 84.75 13.91
C VAL F 154 10.07 84.36 14.32
N ALA F 155 10.27 84.01 15.60
CA ALA F 155 11.61 83.67 16.13
C ALA F 155 12.05 82.37 15.49
N VAL F 156 11.16 81.38 15.40
CA VAL F 156 11.49 80.07 14.77
C VAL F 156 11.84 80.29 13.29
N ILE F 157 11.03 81.04 12.55
CA ILE F 157 11.27 81.08 11.08
C ILE F 157 12.54 81.89 10.79
N CYS F 158 12.79 83.00 11.50
CA CYS F 158 14.04 83.81 11.35
C CYS F 158 15.27 82.95 11.69
N GLU F 159 15.19 82.11 12.73
CA GLU F 159 16.35 81.28 13.14
C GLU F 159 16.50 80.19 12.08
N LEU F 160 15.41 79.54 11.71
CA LEU F 160 15.48 78.46 10.69
C LEU F 160 16.04 79.01 9.36
N LEU F 161 15.52 80.14 8.88
CA LEU F 161 15.96 80.69 7.56
C LEU F 161 17.28 81.42 7.70
N GLY F 162 17.48 82.13 8.83
CA GLY F 162 18.61 83.05 9.05
C GLY F 162 18.27 84.45 8.59
N VAL F 163 17.08 84.93 8.94
CA VAL F 163 16.53 86.28 8.65
C VAL F 163 16.72 87.15 9.89
N PRO F 164 17.22 88.40 9.75
CA PRO F 164 17.38 89.29 10.89
C PRO F 164 16.06 89.48 11.65
N LEU F 165 16.07 89.33 12.98
CA LEU F 165 14.89 89.64 13.84
C LEU F 165 14.58 91.14 13.78
N GLU F 166 15.58 91.99 13.62
CA GLU F 166 15.49 93.46 13.37
CA GLU F 166 15.33 93.46 13.53
C GLU F 166 14.45 93.76 12.29
N ASP F 167 14.27 92.82 11.33
CA ASP F 167 13.44 93.08 10.12
C ASP F 167 11.97 92.68 10.30
N ARG F 168 11.55 92.27 11.50
CA ARG F 168 10.15 91.84 11.79
CA ARG F 168 10.15 91.78 11.72
C ARG F 168 9.16 92.75 11.05
N ASP F 169 9.20 94.04 11.35
CA ASP F 169 8.18 95.01 10.87
CA ASP F 169 8.16 95.00 10.86
C ASP F 169 8.25 95.11 9.34
N LEU F 170 9.46 95.03 8.78
CA LEU F 170 9.70 95.05 7.31
C LEU F 170 9.00 93.83 6.68
N PHE F 171 9.37 92.62 7.04
CA PHE F 171 8.84 91.42 6.31
C PHE F 171 7.41 91.10 6.74
N ARG F 172 6.94 91.59 7.90
CA ARG F 172 5.52 91.37 8.33
C ARG F 172 4.63 92.30 7.51
N THR F 173 5.08 93.52 7.25
CA THR F 173 4.35 94.50 6.40
C THR F 173 4.25 93.94 4.99
N PHE F 174 5.38 93.48 4.43
CA PHE F 174 5.44 92.84 3.08
C PHE F 174 4.53 91.60 3.08
N SER F 175 4.62 90.74 4.09
CA SER F 175 3.82 89.47 4.15
C SER F 175 2.32 89.78 4.19
N ASP F 176 1.89 90.60 5.15
CA ASP F 176 0.48 91.03 5.27
C ASP F 176 0.02 91.55 3.91
N ALA F 177 0.80 92.37 3.24
CA ALA F 177 0.42 92.92 1.91
C ALA F 177 0.17 91.76 0.94
N MET F 178 1.09 90.80 0.85
CA MET F 178 1.05 89.72 -0.16
C MET F 178 -0.03 88.68 0.11
N LEU F 179 -0.54 88.64 1.34
CA LEU F 179 -1.66 87.75 1.74
C LEU F 179 -3.00 88.52 1.73
N SER F 180 -3.10 89.62 0.97
CA SER F 180 -4.31 90.46 0.92
C SER F 180 -5.31 89.88 -0.09
N SER F 181 -6.58 89.81 0.31
CA SER F 181 -7.70 89.41 -0.58
C SER F 181 -8.25 90.67 -1.20
N THR F 182 -8.69 91.62 -0.35
CA THR F 182 -9.40 92.88 -0.73
C THR F 182 -8.67 94.17 -0.27
N ARG F 183 -7.75 94.11 0.72
CA ARG F 183 -7.06 95.26 1.39
CA ARG F 183 -7.20 95.34 1.38
C ARG F 183 -6.35 96.18 0.38
N LEU F 184 -5.80 95.60 -0.69
CA LEU F 184 -4.86 96.32 -1.59
C LEU F 184 -5.19 95.97 -3.05
N THR F 185 -4.65 96.73 -4.02
CA THR F 185 -4.85 96.52 -5.49
C THR F 185 -3.70 95.68 -6.04
N ALA F 186 -3.89 95.10 -7.22
CA ALA F 186 -2.83 94.36 -7.96
C ALA F 186 -1.55 95.22 -7.95
N ALA F 187 -1.69 96.50 -8.27
CA ALA F 187 -0.57 97.45 -8.52
C ALA F 187 0.27 97.60 -7.25
N GLU F 188 -0.38 97.82 -6.09
CA GLU F 188 0.27 98.02 -4.77
C GLU F 188 0.98 96.72 -4.34
N ILE F 189 0.28 95.58 -4.47
CA ILE F 189 0.78 94.25 -4.05
C ILE F 189 1.95 93.89 -4.96
N GLN F 190 1.85 94.17 -6.28
CA GLN F 190 2.95 93.81 -7.22
CA GLN F 190 2.92 93.87 -7.26
C GLN F 190 4.21 94.61 -6.86
N ARG F 191 4.06 95.86 -6.39
CA ARG F 191 5.19 96.70 -5.90
C ARG F 191 5.82 96.04 -4.67
N VAL F 192 5.02 95.63 -3.67
CA VAL F 192 5.52 94.89 -2.47
C VAL F 192 6.18 93.57 -2.89
N GLN F 193 5.59 92.84 -3.82
CA GLN F 193 6.20 91.60 -4.37
C GLN F 193 7.63 91.90 -4.80
N GLN F 194 7.82 92.90 -5.67
CA GLN F 194 9.17 93.18 -6.23
CA GLN F 194 9.15 93.21 -6.25
C GLN F 194 10.09 93.62 -5.09
N ASP F 195 9.62 94.45 -4.17
CA ASP F 195 10.47 94.89 -3.02
C ASP F 195 10.83 93.71 -2.10
N PHE F 196 9.93 92.77 -1.89
CA PHE F 196 10.20 91.57 -1.05
C PHE F 196 11.28 90.73 -1.73
N MET F 197 11.16 90.53 -3.05
CA MET F 197 12.15 89.75 -3.86
C MET F 197 13.51 90.44 -3.75
N VAL F 198 13.54 91.75 -3.96
CA VAL F 198 14.81 92.54 -3.93
C VAL F 198 15.43 92.39 -2.53
N TYR F 199 14.58 92.41 -1.49
CA TYR F 199 15.01 92.24 -0.09
C TYR F 199 15.64 90.86 0.07
N MET F 200 14.93 89.83 -0.37
CA MET F 200 15.33 88.41 -0.18
C MET F 200 16.59 88.12 -1.01
N ASP F 201 16.63 88.64 -2.23
CA ASP F 201 17.85 88.51 -3.06
C ASP F 201 19.03 89.12 -2.29
N GLY F 202 18.83 90.25 -1.60
CA GLY F 202 19.87 90.94 -0.80
C GLY F 202 20.31 90.05 0.36
N LEU F 203 19.36 89.39 1.05
CA LEU F 203 19.69 88.50 2.18
C LEU F 203 20.49 87.31 1.62
N VAL F 204 20.12 86.72 0.48
CA VAL F 204 20.91 85.53 0.02
C VAL F 204 22.26 86.00 -0.56
N ALA F 205 22.37 87.25 -1.05
CA ALA F 205 23.63 87.83 -1.60
C ALA F 205 24.70 87.89 -0.51
N GLN F 206 24.30 88.13 0.74
CA GLN F 206 25.20 88.27 1.90
C GLN F 206 25.96 86.96 2.12
N ARG F 207 25.50 85.85 1.57
CA ARG F 207 26.16 84.53 1.74
C ARG F 207 27.29 84.34 0.70
N ARG F 208 27.45 85.26 -0.26
CA ARG F 208 28.36 85.12 -1.45
CA ARG F 208 28.32 85.07 -1.46
C ARG F 208 29.62 84.34 -1.06
N ASP F 209 30.46 84.94 -0.21
CA ASP F 209 31.66 84.31 0.38
CA ASP F 209 31.60 84.20 0.40
C ASP F 209 31.55 84.44 1.91
N ALA F 210 30.39 84.11 2.48
CA ALA F 210 30.10 84.17 3.93
C ALA F 210 28.98 83.17 4.20
N PRO F 211 29.19 81.88 3.85
CA PRO F 211 28.14 80.85 3.89
C PRO F 211 27.67 80.58 5.33
N THR F 212 26.34 80.38 5.51
CA THR F 212 25.63 80.28 6.82
C THR F 212 24.97 78.90 6.89
N GLU F 213 24.79 78.33 8.08
CA GLU F 213 24.17 76.97 8.25
C GLU F 213 22.70 77.18 8.59
N ASP F 214 21.95 77.57 7.56
CA ASP F 214 20.51 77.94 7.64
C ASP F 214 19.96 77.77 6.22
N LEU F 215 18.66 77.89 6.04
CA LEU F 215 18.02 77.61 4.74
C LEU F 215 18.45 78.67 3.71
N LEU F 216 18.54 79.96 4.11
CA LEU F 216 19.06 81.04 3.23
C LEU F 216 20.48 80.66 2.79
N GLY F 217 21.21 79.93 3.63
CA GLY F 217 22.52 79.37 3.28
C GLY F 217 22.39 78.39 2.14
N ALA F 218 21.50 77.42 2.26
CA ALA F 218 21.27 76.37 1.24
C ALA F 218 20.79 76.99 -0.07
N LEU F 219 19.87 77.94 0.00
CA LEU F 219 19.40 78.71 -1.19
C LEU F 219 20.60 79.39 -1.89
N ALA F 220 21.57 79.94 -1.14
CA ALA F 220 22.73 80.63 -1.74
C ALA F 220 23.57 79.59 -2.50
N LEU F 221 23.89 78.46 -1.90
CA LEU F 221 24.69 77.41 -2.59
C LEU F 221 23.96 77.02 -3.87
N ALA F 222 22.64 76.94 -3.83
CA ALA F 222 21.83 76.50 -4.98
C ALA F 222 21.83 77.58 -6.09
N THR F 223 21.93 78.87 -5.76
CA THR F 223 22.09 79.90 -6.82
C THR F 223 23.47 79.72 -7.46
N ASP F 224 24.47 79.18 -6.75
CA ASP F 224 25.87 79.02 -7.25
C ASP F 224 26.01 77.88 -8.26
N ASN F 225 25.35 76.72 -8.08
CA ASN F 225 25.72 75.51 -8.84
C ASN F 225 24.51 74.70 -9.36
N ASP F 226 23.27 75.09 -9.10
CA ASP F 226 22.06 74.43 -9.67
C ASP F 226 21.88 74.86 -11.14
N ASP F 227 21.73 73.87 -12.03
CA ASP F 227 21.69 74.01 -13.52
C ASP F 227 20.27 73.84 -14.06
N HIS F 228 19.25 73.72 -13.21
CA HIS F 228 17.85 73.46 -13.65
C HIS F 228 16.92 74.58 -13.18
N LEU F 229 17.22 75.18 -12.02
CA LEU F 229 16.40 76.22 -11.36
C LEU F 229 17.04 77.60 -11.60
N THR F 230 16.20 78.61 -11.82
CA THR F 230 16.60 80.02 -11.95
C THR F 230 16.82 80.56 -10.53
N LYS F 231 17.74 81.52 -10.43
CA LYS F 231 17.99 82.32 -9.22
C LYS F 231 16.63 82.87 -8.76
N GLY F 232 15.81 83.34 -9.69
CA GLY F 232 14.46 83.83 -9.37
C GLY F 232 13.62 82.79 -8.61
N GLU F 233 13.61 81.52 -9.06
CA GLU F 233 12.82 80.43 -8.43
C GLU F 233 13.39 80.17 -7.04
N ILE F 234 14.71 80.10 -6.95
CA ILE F 234 15.40 79.74 -5.68
C ILE F 234 15.14 80.84 -4.65
N VAL F 235 15.30 82.09 -5.06
CA VAL F 235 15.14 83.25 -4.13
C VAL F 235 13.67 83.30 -3.67
N ASN F 236 12.74 83.11 -4.61
CA ASN F 236 11.30 83.23 -4.25
CA ASN F 236 11.27 83.14 -4.34
C ASN F 236 10.94 82.13 -3.24
N MET F 237 11.67 81.02 -3.24
CA MET F 237 11.52 79.97 -2.19
C MET F 237 11.75 80.62 -0.81
N GLY F 238 12.76 81.51 -0.69
CA GLY F 238 13.07 82.23 0.56
C GLY F 238 11.90 83.09 1.01
N VAL F 239 11.29 83.82 0.09
CA VAL F 239 10.06 84.62 0.30
C VAL F 239 8.91 83.68 0.73
N SER F 240 8.59 82.61 -0.01
CA SER F 240 7.46 81.67 0.33
C SER F 240 7.61 81.16 1.77
N LEU F 241 8.81 80.68 2.14
CA LEU F 241 9.10 80.09 3.48
C LEU F 241 9.03 81.16 4.57
N LEU F 242 9.48 82.41 4.32
CA LEU F 242 9.43 83.49 5.35
C LEU F 242 7.95 83.86 5.58
N ILE F 243 7.15 83.98 4.50
CA ILE F 243 5.71 84.40 4.61
C ILE F 243 4.93 83.29 5.33
N ALA F 244 5.01 82.07 4.79
CA ALA F 244 4.23 80.90 5.27
C ALA F 244 4.63 80.62 6.72
N GLY F 245 5.94 80.64 6.99
CA GLY F 245 6.55 80.23 8.26
C GLY F 245 6.09 81.05 9.46
N HIS F 246 5.61 82.28 9.28
CA HIS F 246 5.03 83.10 10.39
CA HIS F 246 5.03 83.08 10.40
C HIS F 246 3.51 83.24 10.19
N GLU F 247 3.05 83.62 9.00
CA GLU F 247 1.64 84.01 8.76
C GLU F 247 0.66 82.89 9.14
N THR F 248 1.04 81.61 9.00
CA THR F 248 0.15 80.47 9.31
C THR F 248 0.14 80.25 10.83
N SER F 249 1.31 80.00 11.43
CA SER F 249 1.42 79.65 12.86
C SER F 249 0.97 80.80 13.77
N VAL F 250 1.13 82.07 13.36
CA VAL F 250 0.70 83.25 14.16
C VAL F 250 -0.81 83.15 14.28
N ASN F 251 -1.50 83.10 13.14
CA ASN F 251 -2.98 83.17 13.05
C ASN F 251 -3.60 81.91 13.68
N GLN F 252 -2.87 80.80 13.63
CA GLN F 252 -3.41 79.47 14.01
C GLN F 252 -3.22 79.26 15.52
N ILE F 253 -2.23 79.91 16.14
CA ILE F 253 -2.16 79.99 17.63
C ILE F 253 -3.40 80.76 18.13
N THR F 254 -3.72 81.91 17.54
CA THR F 254 -4.87 82.74 17.98
C THR F 254 -6.16 81.98 17.66
N ASN F 255 -6.17 81.20 16.57
CA ASN F 255 -7.36 80.43 16.17
C ASN F 255 -7.64 79.33 17.20
N LEU F 256 -6.64 78.51 17.52
CA LEU F 256 -6.81 77.36 18.42
C LEU F 256 -7.21 77.93 19.78
N VAL F 257 -6.46 78.91 20.28
CA VAL F 257 -6.73 79.50 21.63
C VAL F 257 -8.21 79.88 21.66
N HIS F 258 -8.71 80.54 20.62
CA HIS F 258 -10.11 81.05 20.54
C HIS F 258 -11.13 79.91 20.58
N LEU F 259 -10.87 78.81 19.88
CA LEU F 259 -11.79 77.64 19.89
C LEU F 259 -11.77 77.02 21.29
N LEU F 260 -10.63 77.04 21.98
CA LEU F 260 -10.46 76.44 23.33
C LEU F 260 -11.23 77.28 24.37
N LEU F 261 -11.26 78.61 24.22
CA LEU F 261 -11.64 79.56 25.32
C LEU F 261 -13.07 80.11 25.16
N THR F 262 -13.65 80.15 23.93
CA THR F 262 -15.06 80.60 23.69
C THR F 262 -16.06 79.51 24.12
N GLU F 263 -15.58 78.28 24.24
CA GLU F 263 -16.29 77.15 24.90
CA GLU F 263 -16.28 77.12 24.86
C GLU F 263 -15.29 76.45 25.81
N ARG F 264 -15.12 76.99 27.02
CA ARG F 264 -13.98 76.70 27.94
C ARG F 264 -13.93 75.21 28.35
N LYS F 265 -15.00 74.45 28.11
CA LYS F 265 -15.04 72.97 28.37
CA LYS F 265 -15.04 72.97 28.38
C LYS F 265 -13.87 72.30 27.66
N ARG F 266 -13.53 72.76 26.45
CA ARG F 266 -12.50 72.14 25.56
C ARG F 266 -11.11 72.36 26.20
N TYR F 267 -10.79 73.57 26.66
CA TYR F 267 -9.51 73.86 27.37
CA TYR F 267 -9.52 73.88 27.38
C TYR F 267 -9.44 72.98 28.62
N GLU F 268 -10.48 73.05 29.46
CA GLU F 268 -10.63 72.21 30.67
CA GLU F 268 -10.66 72.20 30.66
C GLU F 268 -10.37 70.74 30.29
N SER F 269 -10.91 70.28 29.16
CA SER F 269 -10.74 68.88 28.69
C SER F 269 -9.24 68.59 28.54
N LEU F 270 -8.47 69.59 28.12
CA LEU F 270 -7.00 69.48 27.88
CA LEU F 270 -7.00 69.49 27.87
C LEU F 270 -6.23 69.65 29.19
N VAL F 271 -6.70 70.53 30.10
CA VAL F 271 -6.04 70.70 31.44
CA VAL F 271 -6.07 70.71 31.44
C VAL F 271 -6.23 69.40 32.23
N ALA F 272 -7.39 68.74 32.07
CA ALA F 272 -7.69 67.41 32.65
C ALA F 272 -6.68 66.39 32.09
N ASP F 273 -6.59 66.24 30.75
CA ASP F 273 -5.72 65.25 30.06
C ASP F 273 -4.73 65.96 29.12
N PRO F 274 -3.50 66.29 29.56
CA PRO F 274 -2.59 67.10 28.76
C PRO F 274 -1.89 66.33 27.61
N ALA F 275 -1.82 65.00 27.67
CA ALA F 275 -1.25 64.13 26.60
C ALA F 275 -2.13 64.20 25.34
N LEU F 276 -3.39 64.64 25.50
CA LEU F 276 -4.40 64.87 24.43
C LEU F 276 -3.95 65.92 23.40
N VAL F 277 -3.07 66.87 23.78
CA VAL F 277 -2.70 68.10 23.01
C VAL F 277 -2.53 67.75 21.51
N PRO F 278 -1.58 66.88 21.11
CA PRO F 278 -1.41 66.52 19.70
C PRO F 278 -2.70 66.20 18.93
N ALA F 279 -3.54 65.31 19.46
CA ALA F 279 -4.82 64.91 18.83
C ALA F 279 -5.73 66.14 18.73
N ALA F 280 -5.75 66.98 19.77
CA ALA F 280 -6.54 68.24 19.84
C ALA F 280 -6.04 69.25 18.79
N VAL F 281 -4.73 69.26 18.51
CA VAL F 281 -4.14 70.13 17.44
C VAL F 281 -4.69 69.66 16.08
N GLU F 282 -4.58 68.35 15.82
CA GLU F 282 -5.10 67.71 14.59
C GLU F 282 -6.57 68.07 14.41
N GLU F 283 -7.35 68.02 15.49
CA GLU F 283 -8.82 68.25 15.42
C GLU F 283 -9.12 69.72 15.14
N MET F 284 -8.44 70.66 15.82
CA MET F 284 -8.66 72.11 15.62
C MET F 284 -8.09 72.56 14.27
N LEU F 285 -7.11 71.82 13.72
CA LEU F 285 -6.58 72.04 12.36
C LEU F 285 -7.65 71.66 11.35
N ARG F 286 -8.27 70.49 11.54
CA ARG F 286 -9.41 70.05 10.69
C ARG F 286 -10.48 71.15 10.74
N TYR F 287 -10.77 71.63 11.94
CA TYR F 287 -11.98 72.44 12.26
C TYR F 287 -11.79 73.90 11.78
N THR F 288 -10.56 74.44 11.73
CA THR F 288 -10.32 75.90 11.55
C THR F 288 -10.19 76.26 10.06
N PRO F 289 -11.01 77.22 9.51
CA PRO F 289 -10.80 77.72 8.16
C PRO F 289 -9.67 78.75 8.26
N LEU F 290 -8.43 78.28 8.36
CA LEU F 290 -7.27 79.21 8.32
C LEU F 290 -7.31 79.91 6.94
N VAL F 291 -7.43 79.16 5.86
CA VAL F 291 -7.60 79.75 4.50
C VAL F 291 -9.03 80.27 4.47
N SER F 292 -9.22 81.58 4.34
CA SER F 292 -10.53 82.24 4.54
C SER F 292 -11.55 81.66 3.55
N ALA F 293 -11.19 81.65 2.25
CA ALA F 293 -11.99 81.19 1.11
C ALA F 293 -11.07 80.67 -0.02
N GLY F 294 -11.34 79.49 -0.60
CA GLY F 294 -10.73 79.01 -1.86
C GLY F 294 -9.28 78.53 -1.71
N SER F 295 -8.54 78.53 -2.80
CA SER F 295 -7.19 77.92 -2.90
C SER F 295 -6.46 78.54 -4.08
N PHE F 296 -5.16 78.30 -4.20
CA PHE F 296 -4.45 78.48 -5.49
C PHE F 296 -5.15 77.58 -6.50
N VAL F 297 -5.23 78.01 -7.75
CA VAL F 297 -6.08 77.35 -8.77
C VAL F 297 -5.32 76.21 -9.44
N ARG F 298 -6.02 75.10 -9.63
CA ARG F 298 -5.55 73.97 -10.44
C ARG F 298 -6.29 74.07 -11.76
N VAL F 299 -5.54 74.11 -12.86
CA VAL F 299 -6.08 74.02 -14.24
C VAL F 299 -5.96 72.57 -14.70
N ALA F 300 -7.02 71.97 -15.22
CA ALA F 300 -6.96 70.62 -15.83
C ALA F 300 -6.17 70.74 -17.15
N THR F 301 -5.18 69.88 -17.38
CA THR F 301 -4.40 69.77 -18.64
C THR F 301 -4.94 68.57 -19.42
N GLU F 302 -5.84 67.81 -18.77
CA GLU F 302 -6.56 66.65 -19.35
C GLU F 302 -7.95 66.55 -18.73
N ASP F 303 -8.89 65.91 -19.41
CA ASP F 303 -10.24 65.68 -18.85
C ASP F 303 -10.08 64.94 -17.50
N VAL F 304 -10.79 65.37 -16.46
CA VAL F 304 -10.74 64.69 -15.13
C VAL F 304 -12.16 64.53 -14.60
N GLU F 305 -12.55 63.30 -14.28
CA GLU F 305 -13.88 62.99 -13.69
CA GLU F 305 -13.88 62.99 -13.69
C GLU F 305 -13.88 63.32 -12.19
N LEU F 306 -14.77 64.21 -11.76
CA LEU F 306 -15.10 64.45 -10.34
C LEU F 306 -16.44 63.77 -10.05
N SER F 307 -16.94 63.80 -8.81
CA SER F 307 -18.18 63.10 -8.37
C SER F 307 -19.31 63.40 -9.35
N THR F 308 -19.55 64.66 -9.70
CA THR F 308 -20.78 65.10 -10.42
C THR F 308 -20.47 65.71 -11.80
N VAL F 309 -19.20 65.90 -12.18
CA VAL F 309 -18.79 66.54 -13.48
C VAL F 309 -17.51 65.90 -13.98
N THR F 310 -17.36 65.87 -15.30
CA THR F 310 -16.05 65.75 -15.99
C THR F 310 -15.51 67.16 -16.32
N VAL F 311 -14.49 67.58 -15.57
CA VAL F 311 -13.74 68.86 -15.80
C VAL F 311 -12.98 68.72 -17.13
N ARG F 312 -13.10 69.68 -18.06
CA ARG F 312 -12.45 69.60 -19.39
C ARG F 312 -11.03 70.18 -19.28
N ALA F 313 -10.11 69.66 -20.08
CA ALA F 313 -8.78 70.26 -20.31
C ALA F 313 -8.99 71.76 -20.54
N GLY F 314 -8.32 72.59 -19.74
CA GLY F 314 -8.36 74.07 -19.83
C GLY F 314 -9.20 74.69 -18.73
N GLU F 315 -10.05 73.93 -18.06
CA GLU F 315 -10.99 74.50 -17.08
C GLU F 315 -10.29 74.54 -15.74
N PRO F 316 -10.41 75.67 -14.99
CA PRO F 316 -9.76 75.83 -13.69
C PRO F 316 -10.67 75.38 -12.54
N CYS F 317 -10.07 74.88 -11.48
CA CYS F 317 -10.80 74.41 -10.28
C CYS F 317 -10.18 75.07 -9.05
N VAL F 318 -11.01 75.22 -8.04
CA VAL F 318 -10.62 75.77 -6.73
C VAL F 318 -11.24 74.90 -5.67
N VAL F 319 -10.53 74.71 -4.57
CA VAL F 319 -10.92 73.84 -3.42
C VAL F 319 -11.16 74.74 -2.22
N HIS F 320 -12.10 74.41 -1.34
CA HIS F 320 -12.17 75.03 0.01
CA HIS F 320 -12.19 75.02 0.00
C HIS F 320 -11.76 73.97 1.03
N PHE F 321 -10.56 74.11 1.56
CA PHE F 321 -9.94 73.13 2.48
C PHE F 321 -10.90 72.87 3.66
N ALA F 322 -11.45 73.94 4.24
CA ALA F 322 -12.28 73.88 5.47
C ALA F 322 -13.61 73.15 5.20
N SER F 323 -14.16 73.20 3.96
CA SER F 323 -15.40 72.46 3.55
C SER F 323 -15.11 70.97 3.52
N ALA F 324 -14.03 70.56 2.83
CA ALA F 324 -13.65 69.14 2.68
C ALA F 324 -13.40 68.56 4.08
N ASN F 325 -12.85 69.38 4.97
CA ASN F 325 -12.56 69.00 6.38
C ASN F 325 -13.84 68.85 7.21
N ARG F 326 -14.99 69.37 6.76
CA ARG F 326 -16.31 69.19 7.44
C ARG F 326 -17.17 68.18 6.65
N ASP F 327 -16.55 67.27 5.89
CA ASP F 327 -17.25 66.32 4.97
C ASP F 327 -17.90 65.23 5.82
N GLU F 328 -19.25 65.24 5.87
CA GLU F 328 -20.09 64.35 6.72
CA GLU F 328 -20.07 64.34 6.73
C GLU F 328 -19.81 62.87 6.37
N GLU F 329 -19.30 62.60 5.15
CA GLU F 329 -19.04 61.23 4.59
CA GLU F 329 -19.03 61.24 4.55
C GLU F 329 -17.67 60.71 5.02
N VAL F 330 -16.76 61.59 5.47
CA VAL F 330 -15.41 61.19 5.95
C VAL F 330 -15.40 61.27 7.49
N PHE F 331 -16.08 62.27 8.05
CA PHE F 331 -16.04 62.67 9.49
C PHE F 331 -17.46 62.51 10.08
N ASP F 332 -17.61 61.68 11.11
CA ASP F 332 -18.88 61.55 11.87
CA ASP F 332 -18.90 61.56 11.84
C ASP F 332 -19.00 62.78 12.78
N HIS F 333 -20.22 63.23 13.06
CA HIS F 333 -20.49 64.47 13.83
C HIS F 333 -19.48 65.51 13.33
N ALA F 334 -19.33 65.58 12.00
CA ALA F 334 -18.27 66.37 11.30
C ALA F 334 -18.16 67.77 11.90
N ASP F 335 -19.30 68.40 12.19
CA ASP F 335 -19.38 69.86 12.48
C ASP F 335 -19.29 70.10 13.99
N GLU F 336 -18.75 69.15 14.76
CA GLU F 336 -18.52 69.28 16.22
CA GLU F 336 -18.52 69.25 16.23
C GLU F 336 -17.05 68.92 16.52
N LEU F 337 -16.45 69.63 17.49
CA LEU F 337 -15.01 69.45 17.84
CA LEU F 337 -15.01 69.45 17.86
C LEU F 337 -14.87 68.24 18.79
N ASP F 338 -14.22 67.17 18.31
CA ASP F 338 -13.97 65.91 19.05
C ASP F 338 -12.46 65.66 19.15
N PHE F 339 -11.93 65.55 20.39
CA PHE F 339 -10.51 65.28 20.70
C PHE F 339 -10.25 63.77 20.84
N HIS F 340 -11.24 62.92 20.54
CA HIS F 340 -11.18 61.44 20.70
C HIS F 340 -11.64 60.76 19.40
N ARG F 341 -11.34 61.36 18.25
CA ARG F 341 -11.64 60.75 16.92
C ARG F 341 -10.68 59.59 16.67
N GLU F 342 -11.23 58.45 16.25
CA GLU F 342 -10.42 57.25 15.89
CA GLU F 342 -10.40 57.25 15.89
C GLU F 342 -9.44 57.67 14.77
N ARG F 343 -9.97 58.13 13.63
CA ARG F 343 -9.22 58.60 12.41
CA ARG F 343 -9.12 58.65 12.50
C ARG F 343 -9.49 60.10 12.19
N ASN F 344 -8.53 60.84 11.62
CA ASN F 344 -8.68 62.28 11.26
C ASN F 344 -7.84 62.59 10.02
N PRO F 345 -8.31 62.16 8.82
CA PRO F 345 -7.60 62.36 7.56
C PRO F 345 -7.95 63.72 6.94
N HIS F 346 -7.79 64.79 7.71
CA HIS F 346 -8.07 66.18 7.31
C HIS F 346 -7.09 66.61 6.21
N ILE F 347 -7.42 67.66 5.43
CA ILE F 347 -6.50 68.30 4.45
C ILE F 347 -6.26 69.76 4.85
N ALA F 348 -6.23 70.11 6.15
CA ALA F 348 -5.89 71.49 6.60
C ALA F 348 -4.47 71.85 6.13
N PHE F 349 -3.65 70.84 5.80
CA PHE F 349 -2.28 70.97 5.25
C PHE F 349 -2.24 70.70 3.73
N GLY F 350 -3.39 70.71 3.07
CA GLY F 350 -3.51 70.40 1.64
C GLY F 350 -3.32 68.92 1.37
N HIS F 351 -2.81 68.60 0.18
CA HIS F 351 -2.74 67.22 -0.37
C HIS F 351 -1.99 67.23 -1.71
N GLY F 352 -1.40 66.10 -2.08
CA GLY F 352 -0.60 65.89 -3.31
C GLY F 352 0.75 66.59 -3.24
N ALA F 353 1.28 66.95 -4.40
CA ALA F 353 2.64 67.51 -4.57
C ALA F 353 2.81 68.75 -3.71
N HIS F 354 1.80 69.64 -3.65
CA HIS F 354 1.88 70.95 -2.95
CA HIS F 354 1.89 70.95 -2.95
C HIS F 354 1.48 70.79 -1.47
N HIS F 355 1.38 69.58 -0.97
CA HIS F 355 1.15 69.33 0.47
C HIS F 355 2.16 70.15 1.28
N CYS F 356 1.69 70.91 2.26
CA CYS F 356 2.51 71.82 3.11
C CYS F 356 3.90 71.24 3.46
N ILE F 357 5.00 71.87 3.00
CA ILE F 357 6.39 71.48 3.42
CA ILE F 357 6.40 71.53 3.41
C ILE F 357 6.55 71.70 4.93
N GLY F 358 5.77 72.61 5.51
CA GLY F 358 5.94 73.07 6.89
C GLY F 358 5.10 72.26 7.86
N ALA F 359 4.35 71.27 7.38
CA ALA F 359 3.30 70.61 8.20
C ALA F 359 3.92 70.18 9.53
N GLN F 360 5.03 69.45 9.51
CA GLN F 360 5.68 68.99 10.78
C GLN F 360 6.00 70.22 11.67
N LEU F 361 6.52 71.33 11.13
CA LEU F 361 6.90 72.51 11.96
C LEU F 361 5.65 73.24 12.49
N GLY F 362 4.62 73.39 11.66
CA GLY F 362 3.30 73.90 12.10
C GLY F 362 2.79 73.10 13.29
N ARG F 363 2.87 71.77 13.21
CA ARG F 363 2.39 70.82 14.25
C ARG F 363 3.19 71.07 15.54
N LEU F 364 4.52 70.99 15.48
CA LEU F 364 5.43 71.22 16.63
C LEU F 364 5.10 72.55 17.30
N GLU F 365 4.93 73.63 16.53
CA GLU F 365 4.75 75.00 17.10
C GLU F 365 3.41 75.02 17.87
N LEU F 366 2.32 74.48 17.29
CA LEU F 366 0.94 74.54 17.88
C LEU F 366 0.84 73.67 19.15
N GLN F 367 1.50 72.50 19.13
CA GLN F 367 1.59 71.56 20.28
C GLN F 367 2.32 72.22 21.46
N GLU F 368 3.56 72.66 21.24
CA GLU F 368 4.43 73.25 22.29
C GLU F 368 3.77 74.49 22.90
N ALA F 369 3.07 75.27 22.06
CA ALA F 369 2.29 76.47 22.45
C ALA F 369 1.15 76.06 23.40
N LEU F 370 0.36 75.04 23.04
CA LEU F 370 -0.83 74.61 23.84
C LEU F 370 -0.37 73.85 25.09
N SER F 371 0.61 72.96 24.95
CA SER F 371 1.32 72.25 26.04
C SER F 371 1.79 73.27 27.10
N ALA F 372 2.75 74.14 26.74
CA ALA F 372 3.26 75.24 27.60
C ALA F 372 2.09 75.94 28.31
N LEU F 373 1.07 76.40 27.57
CA LEU F 373 -0.11 77.17 28.08
C LEU F 373 -0.85 76.37 29.17
N VAL F 374 -1.28 75.14 28.88
CA VAL F 374 -2.18 74.34 29.76
CA VAL F 374 -2.19 74.37 29.77
C VAL F 374 -1.38 73.81 30.96
N ARG F 375 -0.06 73.65 30.80
CA ARG F 375 0.84 73.10 31.85
CA ARG F 375 0.83 73.09 31.85
C ARG F 375 1.09 74.17 32.92
N ARG F 376 1.19 75.44 32.49
CA ARG F 376 1.66 76.61 33.30
CA ARG F 376 1.63 76.55 33.40
C ARG F 376 0.54 77.63 33.53
N PHE F 377 -0.61 77.49 32.84
CA PHE F 377 -1.76 78.42 32.93
CA PHE F 377 -1.77 78.41 33.00
C PHE F 377 -3.08 77.66 32.79
N PRO F 378 -3.47 76.77 33.74
CA PRO F 378 -4.76 76.06 33.64
C PRO F 378 -5.97 76.98 33.86
N THR F 379 -5.75 78.19 34.42
CA THR F 379 -6.76 79.23 34.75
C THR F 379 -7.06 80.17 33.56
N LEU F 380 -6.48 79.92 32.36
CA LEU F 380 -6.52 80.82 31.17
CA LEU F 380 -6.52 80.83 31.18
C LEU F 380 -7.97 81.05 30.69
N ASP F 381 -8.33 82.30 30.41
CA ASP F 381 -9.69 82.75 30.00
CA ASP F 381 -9.66 82.69 29.87
C ASP F 381 -9.55 84.03 29.15
N LEU F 382 -10.52 84.32 28.26
CA LEU F 382 -10.63 85.60 27.52
C LEU F 382 -10.84 86.74 28.53
N ALA F 383 -10.05 87.81 28.45
CA ALA F 383 -10.19 89.05 29.27
C ALA F 383 -10.71 90.21 28.40
N GLU F 384 -11.27 89.90 27.23
CA GLU F 384 -12.02 90.86 26.37
CA GLU F 384 -12.00 90.86 26.34
C GLU F 384 -13.25 90.15 25.83
N PRO F 385 -14.40 90.86 25.64
CA PRO F 385 -15.62 90.23 25.14
C PRO F 385 -15.50 89.69 23.69
N VAL F 386 -16.43 88.81 23.31
CA VAL F 386 -16.44 88.06 22.01
C VAL F 386 -16.81 89.01 20.85
N ALA F 387 -17.84 89.84 21.01
CA ALA F 387 -18.43 90.68 19.94
C ALA F 387 -17.43 91.73 19.42
N GLY F 388 -16.49 92.16 20.27
CA GLY F 388 -15.47 93.19 19.95
C GLY F 388 -14.13 92.60 19.54
N LEU F 389 -13.99 91.27 19.61
CA LEU F 389 -12.79 90.51 19.18
C LEU F 389 -12.38 91.02 17.78
N LYS F 390 -11.14 91.49 17.61
CA LYS F 390 -10.69 92.06 16.31
CA LYS F 390 -10.63 92.07 16.34
C LYS F 390 -10.09 90.95 15.43
N TRP F 391 -10.92 90.43 14.53
CA TRP F 391 -10.58 89.41 13.49
C TRP F 391 -9.94 90.12 12.31
N LYS F 392 -8.79 89.62 11.84
CA LYS F 392 -8.12 90.11 10.62
C LYS F 392 -9.12 90.08 9.47
N GLN F 393 -9.18 91.18 8.72
CA GLN F 393 -10.13 91.41 7.62
C GLN F 393 -9.35 91.71 6.35
N GLY F 394 -9.93 91.36 5.19
CA GLY F 394 -9.39 91.64 3.84
C GLY F 394 -8.13 90.85 3.52
N MET F 395 -7.88 89.76 4.22
CA MET F 395 -6.72 88.88 3.96
C MET F 395 -7.17 87.48 3.51
N LEU F 396 -6.32 86.78 2.76
CA LEU F 396 -6.62 85.41 2.29
C LEU F 396 -6.63 84.45 3.47
N ILE F 397 -6.21 84.89 4.66
CA ILE F 397 -6.25 84.02 5.88
C ILE F 397 -6.99 84.70 7.05
N ARG F 398 -7.32 83.91 8.07
CA ARG F 398 -8.11 84.39 9.23
C ARG F 398 -7.28 84.25 10.51
N GLY F 399 -7.40 85.25 11.39
CA GLY F 399 -6.76 85.24 12.72
C GLY F 399 -7.09 86.50 13.48
N LEU F 400 -6.63 86.59 14.74
CA LEU F 400 -6.90 87.77 15.61
C LEU F 400 -5.75 88.77 15.55
N GLU F 401 -6.08 90.05 15.40
CA GLU F 401 -5.14 91.19 15.54
C GLU F 401 -4.70 91.28 17.00
N ARG F 402 -5.59 90.98 17.95
CA ARG F 402 -5.24 90.91 19.40
C ARG F 402 -6.23 90.00 20.15
N GLN F 403 -5.73 89.45 21.26
CA GLN F 403 -6.38 88.40 22.08
C GLN F 403 -5.97 88.60 23.56
N ILE F 404 -6.56 89.60 24.22
CA ILE F 404 -6.26 89.92 25.64
C ILE F 404 -6.72 88.72 26.47
N VAL F 405 -5.83 88.15 27.30
CA VAL F 405 -6.09 86.92 28.10
C VAL F 405 -5.73 87.16 29.59
N SER F 406 -6.53 86.59 30.50
CA SER F 406 -6.33 86.63 31.97
C SER F 406 -5.99 85.23 32.48
N TRP F 407 -5.21 85.15 33.56
CA TRP F 407 -4.93 83.88 34.29
C TRP F 407 -4.89 84.11 35.81
#